data_4HQA
# 
_entry.id   4HQA 
# 
_audit_conform.dict_name       mmcif_pdbx.dic 
_audit_conform.dict_version    5.381 
_audit_conform.dict_location   http://mmcif.pdb.org/dictionaries/ascii/mmcif_pdbx.dic 
# 
loop_
_database_2.database_id 
_database_2.database_code 
_database_2.pdbx_database_accession 
_database_2.pdbx_DOI 
PDB   4HQA         pdb_00004hqa 10.2210/pdb4hqa/pdb 
RCSB  RCSB075785   ?            ?                   
WWPDB D_1000075785 ?            ?                   
# 
loop_
_pdbx_database_related.db_name 
_pdbx_database_related.db_id 
_pdbx_database_related.details 
_pdbx_database_related.content_type 
PDB 1BYW . unspecified 
PDB 4HP4 . unspecified 
PDB 4HP9 . unspecified 
PDB 4HOI . unspecified 
# 
_pdbx_database_status.entry_id                        4HQA 
_pdbx_database_status.status_code                     REL 
_pdbx_database_status.methods_development_category    ? 
_pdbx_database_status.deposit_site                    RCSB 
_pdbx_database_status.process_site                    PDBJ 
_pdbx_database_status.recvd_initial_deposition_date   2012-10-25 
_pdbx_database_status.status_code_sf                  REL 
_pdbx_database_status.status_code_mr                  ? 
_pdbx_database_status.SG_entry                        ? 
_pdbx_database_status.status_code_cs                  ? 
_pdbx_database_status.pdb_format_compatible           Y 
_pdbx_database_status.status_code_nmr_data            ? 
# 
loop_
_audit_author.name 
_audit_author.pdbx_ordinal 
'Adaixo, R.'          1 
'Morais-Cabral, J.H.' 2 
'Harley, C.A.'        3 
# 
_citation.id                        primary 
_citation.title                     'Structural properties of PAS domains from the KCNH potassium channels' 
_citation.journal_abbrev            'Plos One' 
_citation.journal_volume            8 
_citation.page_first                e59265 
_citation.page_last                 e59265 
_citation.year                      2013 
_citation.journal_id_ASTM           ? 
_citation.country                   US 
_citation.journal_id_ISSN           1932-6203 
_citation.journal_id_CSD            ? 
_citation.book_publisher            ? 
_citation.pdbx_database_id_PubMed   23555008 
_citation.pdbx_database_id_DOI      10.1371/journal.pone.0059265 
# 
loop_
_citation_author.citation_id 
_citation_author.name 
_citation_author.ordinal 
_citation_author.identifier_ORCID 
primary 'Adaixo, R.'             1 ? 
primary 'Harley, C.A.'           2 ? 
primary 'Castro-Rodrigues, A.F.' 3 ? 
primary 'Morais-Cabral, J.H.'    4 ? 
# 
_cell.length_a           56.750 
_cell.length_b           56.750 
_cell.length_c           134.850 
_cell.angle_alpha        90.000 
_cell.angle_beta         90.000 
_cell.angle_gamma        120.000 
_cell.entry_id           4HQA 
_cell.pdbx_unique_axis   ? 
_cell.Z_PDB              12 
_cell.length_a_esd       ? 
_cell.length_b_esd       ? 
_cell.length_c_esd       ? 
_cell.angle_alpha_esd    ? 
_cell.angle_beta_esd     ? 
_cell.angle_gamma_esd    ? 
# 
_symmetry.space_group_name_H-M             'P 65 2 2' 
_symmetry.entry_id                         4HQA 
_symmetry.Int_Tables_number                179 
_symmetry.pdbx_full_space_group_name_H-M   ? 
_symmetry.cell_setting                     ? 
_symmetry.space_group_name_Hall            ? 
# 
loop_
_entity.id 
_entity.type 
_entity.src_method 
_entity.pdbx_description 
_entity.formula_weight 
_entity.pdbx_number_of_molecules 
_entity.pdbx_ec 
_entity.pdbx_mutation 
_entity.pdbx_fragment 
_entity.details 
1 polymer man 'Potassium voltage-gated channel subfamily H member 2' 15442.942 1  ? ? 
'PAS domain of KCNH channel, UNP residues 1-135' ? 
2 water   nat water                                                  18.015    40 ? ? ? ? 
# 
_entity_name_com.entity_id   1 
_entity_name_com.name        
;Eag homolog, Ether-a-go-go-related gene potassium channel 1, ERG-1, Eag-related protein 1, Ether-a-go-go-related protein 1, H-ERG, hERG-1, hERG1, Voltage-gated potassium channel subunit Kv11.1
;
# 
_entity_poly.entity_id                      1 
_entity_poly.type                           'polypeptide(L)' 
_entity_poly.nstd_linkage                   no 
_entity_poly.nstd_monomer                   no 
_entity_poly.pdbx_seq_one_letter_code       
;GSMPVRRGHVAPQNTFLDTIIRKFEGQSRKFIIANARVENCAVIYCNDGFCELCGYSRAEVMQRPCTCDFLHGPRTQRRA
AAQIAQALLGAEERKVEIAFYRKDGSCFLCLVDVVPVKNEDGAVIMFILNFEVVMEK
;
_entity_poly.pdbx_seq_one_letter_code_can   
;GSMPVRRGHVAPQNTFLDTIIRKFEGQSRKFIIANARVENCAVIYCNDGFCELCGYSRAEVMQRPCTCDFLHGPRTQRRA
AAQIAQALLGAEERKVEIAFYRKDGSCFLCLVDVVPVKNEDGAVIMFILNFEVVMEK
;
_entity_poly.pdbx_strand_id                 A 
_entity_poly.pdbx_target_identifier         ? 
# 
loop_
_entity_poly_seq.entity_id 
_entity_poly_seq.num 
_entity_poly_seq.mon_id 
_entity_poly_seq.hetero 
1 1   GLY n 
1 2   SER n 
1 3   MET n 
1 4   PRO n 
1 5   VAL n 
1 6   ARG n 
1 7   ARG n 
1 8   GLY n 
1 9   HIS n 
1 10  VAL n 
1 11  ALA n 
1 12  PRO n 
1 13  GLN n 
1 14  ASN n 
1 15  THR n 
1 16  PHE n 
1 17  LEU n 
1 18  ASP n 
1 19  THR n 
1 20  ILE n 
1 21  ILE n 
1 22  ARG n 
1 23  LYS n 
1 24  PHE n 
1 25  GLU n 
1 26  GLY n 
1 27  GLN n 
1 28  SER n 
1 29  ARG n 
1 30  LYS n 
1 31  PHE n 
1 32  ILE n 
1 33  ILE n 
1 34  ALA n 
1 35  ASN n 
1 36  ALA n 
1 37  ARG n 
1 38  VAL n 
1 39  GLU n 
1 40  ASN n 
1 41  CYS n 
1 42  ALA n 
1 43  VAL n 
1 44  ILE n 
1 45  TYR n 
1 46  CYS n 
1 47  ASN n 
1 48  ASP n 
1 49  GLY n 
1 50  PHE n 
1 51  CYS n 
1 52  GLU n 
1 53  LEU n 
1 54  CYS n 
1 55  GLY n 
1 56  TYR n 
1 57  SER n 
1 58  ARG n 
1 59  ALA n 
1 60  GLU n 
1 61  VAL n 
1 62  MET n 
1 63  GLN n 
1 64  ARG n 
1 65  PRO n 
1 66  CYS n 
1 67  THR n 
1 68  CYS n 
1 69  ASP n 
1 70  PHE n 
1 71  LEU n 
1 72  HIS n 
1 73  GLY n 
1 74  PRO n 
1 75  ARG n 
1 76  THR n 
1 77  GLN n 
1 78  ARG n 
1 79  ARG n 
1 80  ALA n 
1 81  ALA n 
1 82  ALA n 
1 83  GLN n 
1 84  ILE n 
1 85  ALA n 
1 86  GLN n 
1 87  ALA n 
1 88  LEU n 
1 89  LEU n 
1 90  GLY n 
1 91  ALA n 
1 92  GLU n 
1 93  GLU n 
1 94  ARG n 
1 95  LYS n 
1 96  VAL n 
1 97  GLU n 
1 98  ILE n 
1 99  ALA n 
1 100 PHE n 
1 101 TYR n 
1 102 ARG n 
1 103 LYS n 
1 104 ASP n 
1 105 GLY n 
1 106 SER n 
1 107 CYS n 
1 108 PHE n 
1 109 LEU n 
1 110 CYS n 
1 111 LEU n 
1 112 VAL n 
1 113 ASP n 
1 114 VAL n 
1 115 VAL n 
1 116 PRO n 
1 117 VAL n 
1 118 LYS n 
1 119 ASN n 
1 120 GLU n 
1 121 ASP n 
1 122 GLY n 
1 123 ALA n 
1 124 VAL n 
1 125 ILE n 
1 126 MET n 
1 127 PHE n 
1 128 ILE n 
1 129 LEU n 
1 130 ASN n 
1 131 PHE n 
1 132 GLU n 
1 133 VAL n 
1 134 VAL n 
1 135 MET n 
1 136 GLU n 
1 137 LYS n 
# 
_entity_src_gen.entity_id                          1 
_entity_src_gen.pdbx_src_id                        1 
_entity_src_gen.pdbx_alt_source_flag               sample 
_entity_src_gen.pdbx_seq_type                      ? 
_entity_src_gen.pdbx_beg_seq_num                   ? 
_entity_src_gen.pdbx_end_seq_num                   ? 
_entity_src_gen.gene_src_common_name               human 
_entity_src_gen.gene_src_genus                     ? 
_entity_src_gen.pdbx_gene_src_gene                 'ERG, ERG1, HERG, KCNH2' 
_entity_src_gen.gene_src_species                   ? 
_entity_src_gen.gene_src_strain                    ? 
_entity_src_gen.gene_src_tissue                    ? 
_entity_src_gen.gene_src_tissue_fraction           ? 
_entity_src_gen.gene_src_details                   ? 
_entity_src_gen.pdbx_gene_src_fragment             ? 
_entity_src_gen.pdbx_gene_src_scientific_name      'Homo sapiens' 
_entity_src_gen.pdbx_gene_src_ncbi_taxonomy_id     9606 
_entity_src_gen.pdbx_gene_src_variant              ? 
_entity_src_gen.pdbx_gene_src_cell_line            ? 
_entity_src_gen.pdbx_gene_src_atcc                 ? 
_entity_src_gen.pdbx_gene_src_organ                ? 
_entity_src_gen.pdbx_gene_src_organelle            ? 
_entity_src_gen.pdbx_gene_src_cell                 ? 
_entity_src_gen.pdbx_gene_src_cellular_location    ? 
_entity_src_gen.host_org_common_name               ? 
_entity_src_gen.pdbx_host_org_scientific_name      'Escherichia coli' 
_entity_src_gen.pdbx_host_org_ncbi_taxonomy_id     562 
_entity_src_gen.host_org_genus                     ? 
_entity_src_gen.pdbx_host_org_gene                 ? 
_entity_src_gen.pdbx_host_org_organ                ? 
_entity_src_gen.host_org_species                   ? 
_entity_src_gen.pdbx_host_org_tissue               ? 
_entity_src_gen.pdbx_host_org_tissue_fraction      ? 
_entity_src_gen.pdbx_host_org_strain               'Bl21(DE3)' 
_entity_src_gen.pdbx_host_org_variant              ? 
_entity_src_gen.pdbx_host_org_cell_line            ? 
_entity_src_gen.pdbx_host_org_atcc                 ? 
_entity_src_gen.pdbx_host_org_culture_collection   ? 
_entity_src_gen.pdbx_host_org_cell                 ? 
_entity_src_gen.pdbx_host_org_organelle            ? 
_entity_src_gen.pdbx_host_org_cellular_location    ? 
_entity_src_gen.pdbx_host_org_vector_type          plasmid 
_entity_src_gen.pdbx_host_org_vector               ? 
_entity_src_gen.host_org_details                   ? 
_entity_src_gen.expression_system_id               ? 
_entity_src_gen.plasmid_name                       pGEX-4T 
_entity_src_gen.plasmid_details                    ? 
_entity_src_gen.pdbx_description                   ? 
# 
_struct_ref.id                         1 
_struct_ref.db_name                    UNP 
_struct_ref.db_code                    KCNH2_HUMAN 
_struct_ref.pdbx_db_accession          Q12809 
_struct_ref.entity_id                  1 
_struct_ref.pdbx_seq_one_letter_code   
;MPVRRGHVAPQNTFLDTIIRKFEGQSRKFIIANARVENCAVIYCNDGFCELCGYSRAEVMQRPCTCDFLHGPRTQRRAAA
QIAQALLGAEERKVEIAFYRKDGSCFLCLVDVVPVKNEDGAVIMFILNFEVVMEK
;
_struct_ref.pdbx_align_begin           1 
_struct_ref.pdbx_db_isoform            ? 
# 
_struct_ref_seq.align_id                      1 
_struct_ref_seq.ref_id                        1 
_struct_ref_seq.pdbx_PDB_id_code              4HQA 
_struct_ref_seq.pdbx_strand_id                A 
_struct_ref_seq.seq_align_beg                 3 
_struct_ref_seq.pdbx_seq_align_beg_ins_code   ? 
_struct_ref_seq.seq_align_end                 137 
_struct_ref_seq.pdbx_seq_align_end_ins_code   ? 
_struct_ref_seq.pdbx_db_accession             Q12809 
_struct_ref_seq.db_align_beg                  1 
_struct_ref_seq.pdbx_db_align_beg_ins_code    ? 
_struct_ref_seq.db_align_end                  135 
_struct_ref_seq.pdbx_db_align_end_ins_code    ? 
_struct_ref_seq.pdbx_auth_seq_align_beg       1 
_struct_ref_seq.pdbx_auth_seq_align_end       135 
# 
loop_
_struct_ref_seq_dif.align_id 
_struct_ref_seq_dif.pdbx_pdb_id_code 
_struct_ref_seq_dif.mon_id 
_struct_ref_seq_dif.pdbx_pdb_strand_id 
_struct_ref_seq_dif.seq_num 
_struct_ref_seq_dif.pdbx_pdb_ins_code 
_struct_ref_seq_dif.pdbx_seq_db_name 
_struct_ref_seq_dif.pdbx_seq_db_accession_code 
_struct_ref_seq_dif.db_mon_id 
_struct_ref_seq_dif.pdbx_seq_db_seq_num 
_struct_ref_seq_dif.details 
_struct_ref_seq_dif.pdbx_auth_seq_num 
_struct_ref_seq_dif.pdbx_ordinal 
1 4HQA GLY A 1 ? UNP Q12809 ? ? 'expression tag' -1 1 
1 4HQA SER A 2 ? UNP Q12809 ? ? 'expression tag' 0  2 
# 
loop_
_chem_comp.id 
_chem_comp.type 
_chem_comp.mon_nstd_flag 
_chem_comp.name 
_chem_comp.pdbx_synonyms 
_chem_comp.formula 
_chem_comp.formula_weight 
ALA 'L-peptide linking' y ALANINE         ? 'C3 H7 N O2'     89.093  
ARG 'L-peptide linking' y ARGININE        ? 'C6 H15 N4 O2 1' 175.209 
ASN 'L-peptide linking' y ASPARAGINE      ? 'C4 H8 N2 O3'    132.118 
ASP 'L-peptide linking' y 'ASPARTIC ACID' ? 'C4 H7 N O4'     133.103 
CYS 'L-peptide linking' y CYSTEINE        ? 'C3 H7 N O2 S'   121.158 
GLN 'L-peptide linking' y GLUTAMINE       ? 'C5 H10 N2 O3'   146.144 
GLU 'L-peptide linking' y 'GLUTAMIC ACID' ? 'C5 H9 N O4'     147.129 
GLY 'peptide linking'   y GLYCINE         ? 'C2 H5 N O2'     75.067  
HIS 'L-peptide linking' y HISTIDINE       ? 'C6 H10 N3 O2 1' 156.162 
HOH non-polymer         . WATER           ? 'H2 O'           18.015  
ILE 'L-peptide linking' y ISOLEUCINE      ? 'C6 H13 N O2'    131.173 
LEU 'L-peptide linking' y LEUCINE         ? 'C6 H13 N O2'    131.173 
LYS 'L-peptide linking' y LYSINE          ? 'C6 H15 N2 O2 1' 147.195 
MET 'L-peptide linking' y METHIONINE      ? 'C5 H11 N O2 S'  149.211 
PHE 'L-peptide linking' y PHENYLALANINE   ? 'C9 H11 N O2'    165.189 
PRO 'L-peptide linking' y PROLINE         ? 'C5 H9 N O2'     115.130 
SER 'L-peptide linking' y SERINE          ? 'C3 H7 N O3'     105.093 
THR 'L-peptide linking' y THREONINE       ? 'C4 H9 N O3'     119.119 
TYR 'L-peptide linking' y TYROSINE        ? 'C9 H11 N O3'    181.189 
VAL 'L-peptide linking' y VALINE          ? 'C5 H11 N O2'    117.146 
# 
_exptl.crystals_number   1 
_exptl.entry_id          4HQA 
_exptl.method            'X-RAY DIFFRACTION' 
# 
_exptl_crystal.id                    1 
_exptl_crystal.pdbx_mosaicity        0.590 
_exptl_crystal.pdbx_mosaicity_esd    ? 
_exptl_crystal.density_Matthews      2.03 
_exptl_crystal.density_diffrn        ? 
_exptl_crystal.density_meas          ? 
_exptl_crystal.density_meas_temp     ? 
_exptl_crystal.density_percent_sol   39.40 
_exptl_crystal.size_max              ? 
_exptl_crystal.size_mid              ? 
_exptl_crystal.size_min              ? 
_exptl_crystal.size_rad              ? 
_exptl_crystal.description           ? 
_exptl_crystal.F_000                 ? 
_exptl_crystal.preparation           ? 
# 
_exptl_crystal_grow.crystal_id      1 
_exptl_crystal_grow.method          'VAPOR DIFFUSION, SITTING DROP' 
_exptl_crystal_grow.pH              7.0 
_exptl_crystal_grow.temp            298 
_exptl_crystal_grow.pdbx_details    
'1.0M sodium/potassium tartrate, 0.1M Hepes, pH 7.0, vapor diffusion, sitting drop, temperature 298K' 
_exptl_crystal_grow.temp_details    ? 
_exptl_crystal_grow.pdbx_pH_range   . 
# 
_diffrn.id                     1 
_diffrn.ambient_temp           100 
_diffrn.ambient_temp_details   ? 
_diffrn.crystal_id             1 
# 
_diffrn_detector.diffrn_id              1 
_diffrn_detector.detector               CCD 
_diffrn_detector.type                   'ADSC QUANTUM 315r' 
_diffrn_detector.pdbx_collection_date   2009-12-20 
_diffrn_detector.details                ? 
# 
_diffrn_radiation.diffrn_id                        1 
_diffrn_radiation.pdbx_diffrn_protocol             'SINGLE WAVELENGTH' 
_diffrn_radiation.monochromator                    ? 
_diffrn_radiation.wavelength_id                    1 
_diffrn_radiation.pdbx_monochromatic_or_laue_m_l   ? 
_diffrn_radiation.pdbx_scattering_type             x-ray 
# 
_diffrn_radiation_wavelength.id           1 
_diffrn_radiation_wavelength.wavelength   0.977 
_diffrn_radiation_wavelength.wt           1.0 
# 
_diffrn_source.diffrn_id                   1 
_diffrn_source.source                      SYNCHROTRON 
_diffrn_source.type                        'ESRF BEAMLINE ID14-4' 
_diffrn_source.pdbx_wavelength_list        0.977 
_diffrn_source.pdbx_wavelength             ? 
_diffrn_source.pdbx_synchrotron_site       ESRF 
_diffrn_source.pdbx_synchrotron_beamline   ID14-4 
# 
_reflns.entry_id                     4HQA 
_reflns.d_resolution_high            1.960 
_reflns.d_resolution_low             49.138 
_reflns.number_all                   9923 
_reflns.number_obs                   9923 
_reflns.pdbx_netI_over_sigmaI        21.100 
_reflns.pdbx_Rsym_value              0.103 
_reflns.pdbx_redundancy              16.700 
_reflns.percent_possible_obs         100.000 
_reflns.observed_criterion_sigma_F   0.9 
_reflns.observed_criterion_sigma_I   0.9 
_reflns.pdbx_Rmerge_I_obs            ? 
_reflns.B_iso_Wilson_estimate        ? 
_reflns.R_free_details               ? 
_reflns.limit_h_max                  ? 
_reflns.limit_h_min                  ? 
_reflns.limit_k_max                  ? 
_reflns.limit_k_min                  ? 
_reflns.limit_l_max                  ? 
_reflns.limit_l_min                  ? 
_reflns.observed_criterion_F_max     ? 
_reflns.observed_criterion_F_min     ? 
_reflns.pdbx_chi_squared             ? 
_reflns.pdbx_scaling_rejects         ? 
_reflns.pdbx_ordinal                 1 
_reflns.pdbx_diffrn_id               1 
# 
loop_
_reflns_shell.d_res_high 
_reflns_shell.d_res_low 
_reflns_shell.number_measured_obs 
_reflns_shell.number_measured_all 
_reflns_shell.number_unique_obs 
_reflns_shell.pdbx_rejects 
_reflns_shell.Rmerge_I_obs 
_reflns_shell.meanI_over_sigI_obs 
_reflns_shell.pdbx_Rsym_value 
_reflns_shell.pdbx_chi_squared 
_reflns_shell.pdbx_redundancy 
_reflns_shell.percent_possible_obs 
_reflns_shell.pdbx_netI_over_sigmaI_obs 
_reflns_shell.number_possible 
_reflns_shell.number_unique_all 
_reflns_shell.Rmerge_F_all 
_reflns_shell.Rmerge_F_obs 
_reflns_shell.Rmerge_I_all 
_reflns_shell.meanI_over_sigI_all 
_reflns_shell.percent_possible_all 
_reflns_shell.pdbx_Rrim_I_all 
_reflns_shell.pdbx_Rpim_I_all 
_reflns_shell.pdbx_ordinal 
_reflns_shell.pdbx_diffrn_id 
1.960 2.060  ? 23033 ? ? 0.724 0.900  0.724 ? 16.700 ? 4.200  ? 1380 ? ? 0.747 ? 100.000 0.747 0.181 1  1 
2.060 2.190  ? 23253 ? ? 0.512 1.500  0.512 ? 17.300 ? 6.000  ? 1341 ? ? 0.527 ? 100.000 0.527 0.125 2  1 
2.190 2.340  ? 21538 ? ? 0.389 1.900  0.389 ? 17.300 ? 8.000  ? 1247 ? ? 0.401 ? 100.000 0.401 0.096 3  1 
2.340 2.530  ? 20200 ? ? 0.261 2.100  0.261 ? 17.200 ? 11.500 ? 1174 ? ? 0.269 ? 100.000 0.269 0.064 4  1 
2.530 2.770  ? 18541 ? ? 0.190 3.900  0.190 ? 17.000 ? 16.000 ? 1090 ? ? 0.196 ? 100.000 0.196 0.047 5  1 
2.770 3.100  ? 16900 ? ? 0.115 5.800  0.115 ? 16.900 ? 25.700 ? 999  ? ? 0.118 ? 100.000 0.118 0.029 6  1 
3.100 3.570  ? 14924 ? ? 0.072 8.400  0.072 ? 16.600 ? 36.800 ? 901  ? ? 0.074 ? 100.000 0.074 0.018 7  1 
3.570 4.380  ? 12550 ? ? 0.049 11.900 0.049 ? 16.300 ? 47.100 ? 770  ? ? 0.051 ? 100.000 0.051 0.012 8  1 
4.380 6.190  ? 9670  ? ? 0.048 11.900 0.048 ? 15.400 ? 56.300 ? 629  ? ? 0.049 ? 100.000 0.049 0.012 9  1 
6.190 33.685 ? 5115  ? ? 0.045 11.100 0.045 ? 13.000 ? 61.500 ? 392  ? ? 0.047 ? 99.300  0.047 0.013 10 1 
# 
_refine.entry_id                                 4HQA 
_refine.ls_d_res_high                            1.960 
_refine.ls_d_res_low                             33.1690 
_refine.pdbx_ls_sigma_F                          0.000 
_refine.pdbx_data_cutoff_high_absF               ? 
_refine.pdbx_data_cutoff_low_absF                ? 
_refine.ls_percent_reflns_obs                    99.9600 
_refine.ls_number_reflns_obs                     9877 
_refine.ls_number_reflns_all                     9877 
_refine.pdbx_ls_cross_valid_method               ? 
_refine.pdbx_R_Free_selection_details            Random 
_refine.details                                  ? 
_refine.ls_R_factor_all                          0.2023 
_refine.ls_R_factor_obs                          0.2023 
_refine.ls_R_factor_R_work                       0.2005 
_refine.ls_wR_factor_R_work                      ? 
_refine.ls_R_factor_R_free                       0.2394 
_refine.ls_wR_factor_R_free                      ? 
_refine.ls_percent_reflns_R_free                 4.8200 
_refine.ls_number_reflns_R_free                  476 
_refine.ls_R_factor_R_free_error                 ? 
_refine.B_iso_mean                               39.6202 
_refine.solvent_model_param_bsol                 60.4240 
_refine.solvent_model_param_ksol                 0.3840 
_refine.pdbx_isotropic_thermal_model             ? 
_refine.aniso_B[1][1]                            5.0643 
_refine.aniso_B[2][2]                            5.0643 
_refine.aniso_B[3][3]                            -10.1286 
_refine.aniso_B[1][2]                            0.0000 
_refine.aniso_B[1][3]                            -0.0000 
_refine.aniso_B[2][3]                            0.0000 
_refine.correlation_coeff_Fo_to_Fc               ? 
_refine.correlation_coeff_Fo_to_Fc_free          ? 
_refine.overall_SU_R_Cruickshank_DPI             ? 
_refine.overall_SU_R_free                        ? 
_refine.pdbx_overall_ESU_R                       ? 
_refine.pdbx_overall_ESU_R_Free                  ? 
_refine.overall_SU_ML                            0.2000 
_refine.overall_SU_B                             ? 
_refine.solvent_model_details                    'FLAT BULK SOLVENT MODEL' 
_refine.pdbx_solvent_vdw_probe_radii             1.4000 
_refine.pdbx_solvent_ion_probe_radii             ? 
_refine.pdbx_solvent_shrinkage_radii             1.2400 
_refine.ls_number_parameters                     ? 
_refine.ls_number_restraints                     ? 
_refine.pdbx_starting_model                      1BYW 
_refine.pdbx_method_to_determine_struct          'MOLECULAR REPLACEMENT' 
_refine.pdbx_stereochemistry_target_values       ML 
_refine.pdbx_stereochem_target_val_spec_case     ? 
_refine.overall_FOM_work_R_set                   0.8485 
_refine.B_iso_max                                97.290 
_refine.B_iso_min                                16.950 
_refine.pdbx_overall_phase_error                 20.9300 
_refine.occupancy_max                            1.000 
_refine.occupancy_min                            0.000 
_refine.pdbx_ls_sigma_I                          ? 
_refine.ls_redundancy_reflns_obs                 ? 
_refine.ls_R_factor_R_free_error_details         ? 
_refine.pdbx_data_cutoff_high_rms_absF           ? 
_refine.overall_FOM_free_R_set                   ? 
_refine.pdbx_diffrn_id                           1 
_refine.pdbx_refine_id                           'X-RAY DIFFRACTION' 
_refine.pdbx_TLS_residual_ADP_flag               ? 
_refine.pdbx_overall_SU_R_free_Cruickshank_DPI   ? 
_refine.pdbx_overall_SU_R_Blow_DPI               ? 
_refine.pdbx_overall_SU_R_free_Blow_DPI          ? 
# 
_refine_hist.pdbx_refine_id                   'X-RAY DIFFRACTION' 
_refine_hist.cycle_id                         LAST 
_refine_hist.pdbx_number_atoms_protein        862 
_refine_hist.pdbx_number_atoms_nucleic_acid   0 
_refine_hist.pdbx_number_atoms_ligand         0 
_refine_hist.number_atoms_solvent             40 
_refine_hist.number_atoms_total               902 
_refine_hist.d_res_high                       1.960 
_refine_hist.d_res_low                        33.1690 
# 
loop_
_refine_ls_restr.type 
_refine_ls_restr.number 
_refine_ls_restr.dev_ideal 
_refine_ls_restr.dev_ideal_target 
_refine_ls_restr.weight 
_refine_ls_restr.pdbx_restraint_function 
_refine_ls_restr.pdbx_refine_id 
f_bond_d           884  0.004  ? ? ? 'X-RAY DIFFRACTION' 
f_angle_d          1190 0.797  ? ? ? 'X-RAY DIFFRACTION' 
f_chiral_restr     132  0.045  ? ? ? 'X-RAY DIFFRACTION' 
f_plane_restr      157  0.002  ? ? ? 'X-RAY DIFFRACTION' 
f_dihedral_angle_d 335  13.512 ? ? ? 'X-RAY DIFFRACTION' 
# 
loop_
_refine_ls_shell.d_res_high 
_refine_ls_shell.d_res_low 
_refine_ls_shell.pdbx_total_number_of_bins_used 
_refine_ls_shell.percent_reflns_obs 
_refine_ls_shell.number_reflns_R_work 
_refine_ls_shell.R_factor_all 
_refine_ls_shell.R_factor_R_work 
_refine_ls_shell.R_factor_R_free 
_refine_ls_shell.percent_reflns_R_free 
_refine_ls_shell.number_reflns_R_free 
_refine_ls_shell.R_factor_R_free_error 
_refine_ls_shell.number_reflns_all 
_refine_ls_shell.number_reflns_obs 
_refine_ls_shell.pdbx_refine_id 
_refine_ls_shell.redundancy_reflns_obs 
1.960  2.2413  3 100.0000 3004 . 0.2368 0.2574 . 176 . 3180 . 'X-RAY DIFFRACTION' . 
2.2413 2.8235  3 100.0000 3092 . 0.1942 0.2252 . 146 . 3238 . 'X-RAY DIFFRACTION' . 
2.8235 33.1739 3 100.0000 3305 . 0.1944 0.2393 . 154 . 3459 . 'X-RAY DIFFRACTION' . 
# 
_struct.entry_id                  4HQA 
_struct.title                     'Crystal structure of PAS domain from the human ERG (hERG) potassium channel' 
_struct.pdbx_model_details        ? 
_struct.pdbx_CASP_flag            ? 
_struct.pdbx_model_type_details   ? 
# 
_struct_keywords.entry_id        4HQA 
_struct_keywords.text            'Potassium channel domain, PAS domain, TRANSPORT PROTEIN' 
_struct_keywords.pdbx_keywords   'TRANSPORT PROTEIN' 
# 
loop_
_struct_asym.id 
_struct_asym.pdbx_blank_PDB_chainid_flag 
_struct_asym.pdbx_modified 
_struct_asym.entity_id 
_struct_asym.details 
A N N 1 ? 
B N N 2 ? 
# 
_struct_biol.id        1 
_struct_biol.details   'The biological unit is most likely a monomer. There is 1 biological unit in the asymmetric unit' 
# 
loop_
_struct_conf.conf_type_id 
_struct_conf.id 
_struct_conf.pdbx_PDB_helix_id 
_struct_conf.beg_label_comp_id 
_struct_conf.beg_label_asym_id 
_struct_conf.beg_label_seq_id 
_struct_conf.pdbx_beg_PDB_ins_code 
_struct_conf.end_label_comp_id 
_struct_conf.end_label_asym_id 
_struct_conf.end_label_seq_id 
_struct_conf.pdbx_end_PDB_ins_code 
_struct_conf.beg_auth_comp_id 
_struct_conf.beg_auth_asym_id 
_struct_conf.beg_auth_seq_id 
_struct_conf.end_auth_comp_id 
_struct_conf.end_auth_asym_id 
_struct_conf.end_auth_seq_id 
_struct_conf.pdbx_PDB_helix_class 
_struct_conf.details 
_struct_conf.pdbx_PDB_helix_length 
HELX_P HELX_P1 1 ASN A 47 ? GLY A 55 ? ASN A 45 GLY A 53 1 ? 9  
HELX_P HELX_P2 2 SER A 57 ? MET A 62 ? SER A 55 MET A 60 1 ? 6  
HELX_P HELX_P3 3 CYS A 68 ? HIS A 72 ? CYS A 66 HIS A 70 5 ? 5  
HELX_P HELX_P4 4 GLN A 77 ? GLY A 90 ? GLN A 75 GLY A 88 1 ? 14 
# 
_struct_conf_type.id          HELX_P 
_struct_conf_type.criteria    ? 
_struct_conf_type.reference   ? 
# 
_struct_sheet.id               A 
_struct_sheet.type             ? 
_struct_sheet.number_strands   5 
_struct_sheet.details          ? 
# 
loop_
_struct_sheet_order.sheet_id 
_struct_sheet_order.range_id_1 
_struct_sheet_order.range_id_2 
_struct_sheet_order.offset 
_struct_sheet_order.sense 
A 1 2 ? anti-parallel 
A 2 3 ? anti-parallel 
A 3 4 ? anti-parallel 
A 4 5 ? anti-parallel 
# 
loop_
_struct_sheet_range.sheet_id 
_struct_sheet_range.id 
_struct_sheet_range.beg_label_comp_id 
_struct_sheet_range.beg_label_asym_id 
_struct_sheet_range.beg_label_seq_id 
_struct_sheet_range.pdbx_beg_PDB_ins_code 
_struct_sheet_range.end_label_comp_id 
_struct_sheet_range.end_label_asym_id 
_struct_sheet_range.end_label_seq_id 
_struct_sheet_range.pdbx_end_PDB_ins_code 
_struct_sheet_range.beg_auth_comp_id 
_struct_sheet_range.beg_auth_asym_id 
_struct_sheet_range.beg_auth_seq_id 
_struct_sheet_range.end_auth_comp_id 
_struct_sheet_range.end_auth_asym_id 
_struct_sheet_range.end_auth_seq_id 
A 1 VAL A 43  ? CYS A 46  ? VAL A 41  CYS A 44  
A 2 PHE A 31  ? ASN A 35  ? PHE A 29  ASN A 33  
A 3 VAL A 124 ? GLU A 136 ? VAL A 122 GLU A 134 
A 4 CYS A 107 ? LYS A 118 ? CYS A 105 LYS A 116 
A 5 ARG A 94  ? TYR A 101 ? ARG A 92  TYR A 99  
# 
loop_
_pdbx_struct_sheet_hbond.sheet_id 
_pdbx_struct_sheet_hbond.range_id_1 
_pdbx_struct_sheet_hbond.range_id_2 
_pdbx_struct_sheet_hbond.range_1_label_atom_id 
_pdbx_struct_sheet_hbond.range_1_label_comp_id 
_pdbx_struct_sheet_hbond.range_1_label_asym_id 
_pdbx_struct_sheet_hbond.range_1_label_seq_id 
_pdbx_struct_sheet_hbond.range_1_PDB_ins_code 
_pdbx_struct_sheet_hbond.range_1_auth_atom_id 
_pdbx_struct_sheet_hbond.range_1_auth_comp_id 
_pdbx_struct_sheet_hbond.range_1_auth_asym_id 
_pdbx_struct_sheet_hbond.range_1_auth_seq_id 
_pdbx_struct_sheet_hbond.range_2_label_atom_id 
_pdbx_struct_sheet_hbond.range_2_label_comp_id 
_pdbx_struct_sheet_hbond.range_2_label_asym_id 
_pdbx_struct_sheet_hbond.range_2_label_seq_id 
_pdbx_struct_sheet_hbond.range_2_PDB_ins_code 
_pdbx_struct_sheet_hbond.range_2_auth_atom_id 
_pdbx_struct_sheet_hbond.range_2_auth_comp_id 
_pdbx_struct_sheet_hbond.range_2_auth_asym_id 
_pdbx_struct_sheet_hbond.range_2_auth_seq_id 
A 1 2 O ILE A 44  ? O ILE A 42  N ILE A 33  ? N ILE A 31  
A 2 3 N ALA A 34  ? N ALA A 32  O PHE A 127 ? O PHE A 125 
A 3 4 O VAL A 134 ? O VAL A 132 N LEU A 109 ? N LEU A 107 
A 4 5 O VAL A 112 ? O VAL A 110 N VAL A 96  ? N VAL A 94  
# 
_atom_sites.entry_id                    4HQA 
_atom_sites.fract_transf_matrix[1][1]   0.00468585 
_atom_sites.fract_transf_matrix[1][2]   -0.01923695 
_atom_sites.fract_transf_matrix[1][3]   0.00468960 
_atom_sites.fract_transf_matrix[2][1]   -0.01478861 
_atom_sites.fract_transf_matrix[2][2]   -0.01337984 
_atom_sites.fract_transf_matrix[2][3]   0.00403452 
_atom_sites.fract_transf_matrix[3][1]   -0.00030749 
_atom_sites.fract_transf_matrix[3][2]   -0.00182554 
_atom_sites.fract_transf_matrix[3][3]   -0.00718122 
_atom_sites.fract_transf_vector[1]      0.322664 
_atom_sites.fract_transf_vector[2]      0.248557 
_atom_sites.fract_transf_vector[3]      0.100321 
# 
loop_
_atom_type.symbol 
C 
N 
O 
S 
# 
loop_
_atom_site.group_PDB 
_atom_site.id 
_atom_site.type_symbol 
_atom_site.label_atom_id 
_atom_site.label_alt_id 
_atom_site.label_comp_id 
_atom_site.label_asym_id 
_atom_site.label_entity_id 
_atom_site.label_seq_id 
_atom_site.pdbx_PDB_ins_code 
_atom_site.Cartn_x 
_atom_site.Cartn_y 
_atom_site.Cartn_z 
_atom_site.occupancy 
_atom_site.B_iso_or_equiv 
_atom_site.pdbx_formal_charge 
_atom_site.auth_seq_id 
_atom_site.auth_comp_id 
_atom_site.auth_asym_id 
_atom_site.auth_atom_id 
_atom_site.pdbx_PDB_model_num 
ATOM   1   N N   . SER A 1 28  ? -12.792 -9.896  -4.220  1.00 64.18 ? 26  SER A N   1 
ATOM   2   C CA  . SER A 1 28  ? -11.407 -10.304 -4.422  1.00 67.23 ? 26  SER A CA  1 
ATOM   3   C C   . SER A 1 28  ? -10.472 -9.530  -3.503  1.00 56.14 ? 26  SER A C   1 
ATOM   4   O O   . SER A 1 28  ? -10.432 -8.299  -3.546  1.00 56.34 ? 26  SER A O   1 
ATOM   5   C CB  . SER A 1 28  ? -10.990 -10.072 -5.874  1.00 72.68 ? 26  SER A CB  1 
ATOM   6   O OG  . SER A 1 28  ? -9.637  -10.444 -6.082  1.00 74.82 ? 26  SER A OG  1 
ATOM   7   N N   . ARG A 1 29  ? -9.718  -10.240 -2.670  1.00 48.97 ? 27  ARG A N   1 
ATOM   8   C CA  . ARG A 1 29  ? -8.778  -9.574  -1.775  1.00 44.71 ? 27  ARG A CA  1 
ATOM   9   C C   . ARG A 1 29  ? -7.643  -8.966  -2.575  1.00 35.61 ? 27  ARG A C   1 
ATOM   10  O O   . ARG A 1 29  ? -7.203  -9.527  -3.577  1.00 32.91 ? 27  ARG A O   1 
ATOM   11  C CB  . ARG A 1 29  ? -8.211  -10.535 -0.729  0.00 20.00 ? 27  ARG A CB  1 
ATOM   12  C CG  . ARG A 1 29  ? -7.312  -9.886  0.320   0.00 20.00 ? 27  ARG A CG  1 
ATOM   13  C CD  . ARG A 1 29  ? -6.774  -10.942 1.267   0.00 20.00 ? 27  ARG A CD  1 
ATOM   14  N NE  . ARG A 1 29  ? -7.861  -11.542 2.037   0.00 20.00 ? 27  ARG A NE  1 
ATOM   15  C CZ  . ARG A 1 29  ? -8.367  -11.025 3.151   0.00 20.00 ? 27  ARG A CZ  1 
ATOM   16  N NH1 . ARG A 1 29  ? -7.908  -9.883  3.625   0.00 20.00 ? 27  ARG A NH1 1 
ATOM   17  N NH2 . ARG A 1 29  ? -9.344  -11.647 3.790   0.00 20.00 ? 27  ARG A NH2 1 
ATOM   18  N N   . LYS A 1 30  ? -7.183  -7.804  -2.134  1.00 25.66 ? 28  LYS A N   1 
ATOM   19  C CA  . LYS A 1 30  ? -6.078  -7.123  -2.781  1.00 21.81 ? 28  LYS A CA  1 
ATOM   20  C C   . LYS A 1 30  ? -5.095  -6.750  -1.688  1.00 21.28 ? 28  LYS A C   1 
ATOM   21  O O   . LYS A 1 30  ? -5.432  -5.985  -0.787  1.00 23.69 ? 28  LYS A O   1 
ATOM   22  C CB  . LYS A 1 30  ? -6.571  -5.864  -3.492  1.00 20.54 ? 28  LYS A CB  1 
ATOM   23  C CG  . LYS A 1 30  ? -7.722  -6.096  -4.458  1.00 34.35 ? 28  LYS A CG  1 
ATOM   24  C CD  . LYS A 1 30  ? -8.867  -5.138  -4.167  1.00 38.96 ? 28  LYS A CD  1 
ATOM   25  C CE  . LYS A 1 30  ? -9.915  -5.139  -5.269  1.00 43.90 ? 28  LYS A CE  1 
ATOM   26  N NZ  . LYS A 1 30  ? -10.616 -6.446  -5.386  1.00 51.98 ? 28  LYS A NZ  1 
ATOM   27  N N   . PHE A 1 31  ? -3.887  -7.296  -1.749  1.00 19.90 ? 29  PHE A N   1 
ATOM   28  C CA  . PHE A 1 31  ? -2.907  -7.002  -0.716  1.00 16.95 ? 29  PHE A CA  1 
ATOM   29  C C   . PHE A 1 31  ? -1.474  -7.168  -1.188  1.00 20.09 ? 29  PHE A C   1 
ATOM   30  O O   . PHE A 1 31  ? -1.195  -7.865  -2.163  1.00 24.13 ? 29  PHE A O   1 
ATOM   31  C CB  . PHE A 1 31  ? -3.157  -7.857  0.538   1.00 19.04 ? 29  PHE A CB  1 
ATOM   32  C CG  . PHE A 1 31  ? -2.724  -9.302  0.404   1.00 17.17 ? 29  PHE A CG  1 
ATOM   33  C CD1 . PHE A 1 31  ? -3.551  -10.241 -0.188  1.00 21.53 ? 29  PHE A CD1 1 
ATOM   34  C CD2 . PHE A 1 31  ? -1.501  -9.719  0.895   1.00 19.12 ? 29  PHE A CD2 1 
ATOM   35  C CE1 . PHE A 1 31  ? -3.157  -11.564 -0.300  1.00 21.25 ? 29  PHE A CE1 1 
ATOM   36  C CE2 . PHE A 1 31  ? -1.104  -11.038 0.784   1.00 18.04 ? 29  PHE A CE2 1 
ATOM   37  C CZ  . PHE A 1 31  ? -1.933  -11.962 0.190   1.00 22.09 ? 29  PHE A CZ  1 
ATOM   38  N N   . ILE A 1 32  ? -0.570  -6.501  -0.484  1.00 19.37 ? 30  ILE A N   1 
ATOM   39  C CA  . ILE A 1 32  ? 0.855   -6.653  -0.724  1.00 18.68 ? 30  ILE A CA  1 
ATOM   40  C C   . ILE A 1 32  ? 1.547   -6.904  0.601   1.00 21.29 ? 30  ILE A C   1 
ATOM   41  O O   . ILE A 1 32  ? 0.990   -6.625  1.664   1.00 21.41 ? 30  ILE A O   1 
ATOM   42  C CB  . ILE A 1 32  ? 1.465   -5.409  -1.407  1.00 18.17 ? 30  ILE A CB  1 
ATOM   43  C CG1 . ILE A 1 32  ? 1.387   -4.186  -0.488  1.00 19.77 ? 30  ILE A CG1 1 
ATOM   44  C CG2 . ILE A 1 32  ? 0.763   -5.147  -2.732  1.00 17.62 ? 30  ILE A CG2 1 
ATOM   45  C CD1 . ILE A 1 32  ? 1.745   -2.872  -1.168  1.00 18.86 ? 30  ILE A CD1 1 
ATOM   46  N N   . ILE A 1 33  ? 2.756   -7.448  0.535   1.00 22.06 ? 31  ILE A N   1 
ATOM   47  C CA  . ILE A 1 33  ? 3.567   -7.651  1.722   1.00 19.10 ? 31  ILE A CA  1 
ATOM   48  C C   . ILE A 1 33  ? 4.862   -6.874  1.548   1.00 22.94 ? 31  ILE A C   1 
ATOM   49  O O   . ILE A 1 33  ? 5.501   -6.945  0.497   1.00 27.35 ? 31  ILE A O   1 
ATOM   50  C CB  . ILE A 1 33  ? 3.887   -9.136  1.956   1.00 18.00 ? 31  ILE A CB  1 
ATOM   51  C CG1 . ILE A 1 33  ? 2.596   -9.926  2.181   1.00 22.62 ? 31  ILE A CG1 1 
ATOM   52  C CG2 . ILE A 1 33  ? 4.818   -9.287  3.152   1.00 22.80 ? 31  ILE A CG2 1 
ATOM   53  C CD1 . ILE A 1 33  ? 2.804   -11.420 2.289   1.00 27.76 ? 31  ILE A CD1 1 
ATOM   54  N N   . ALA A 1 34  ? 5.240   -6.128  2.577   1.00 19.97 ? 32  ALA A N   1 
ATOM   55  C CA  . ALA A 1 34  ? 6.414   -5.277  2.509   1.00 21.09 ? 32  ALA A CA  1 
ATOM   56  C C   . ALA A 1 34  ? 7.480   -5.736  3.494   1.00 23.69 ? 32  ALA A C   1 
ATOM   57  O O   . ALA A 1 34  ? 7.171   -6.233  4.578   1.00 23.89 ? 32  ALA A O   1 
ATOM   58  C CB  . ALA A 1 34  ? 6.025   -3.838  2.793   1.00 24.46 ? 32  ALA A CB  1 
ATOM   59  N N   . ASN A 1 35  ? 8.736   -5.568  3.100   1.00 28.82 ? 33  ASN A N   1 
ATOM   60  C CA  . ASN A 1 35  ? 9.870   -5.838  3.967   1.00 32.67 ? 33  ASN A CA  1 
ATOM   61  C C   . ASN A 1 35  ? 10.102  -4.648  4.884   1.00 37.61 ? 33  ASN A C   1 
ATOM   62  O O   . ASN A 1 35  ? 10.487  -3.579  4.423   1.00 47.57 ? 33  ASN A O   1 
ATOM   63  C CB  . ASN A 1 35  ? 11.110  -6.066  3.107   1.00 32.20 ? 33  ASN A CB  1 
ATOM   64  C CG  . ASN A 1 35  ? 12.285  -6.598  3.897   1.00 46.88 ? 33  ASN A CG  1 
ATOM   65  O OD1 . ASN A 1 35  ? 12.242  -6.680  5.123   1.00 54.80 ? 33  ASN A OD1 1 
ATOM   66  N ND2 . ASN A 1 35  ? 13.357  -6.947  3.192   1.00 44.68 ? 33  ASN A ND2 1 
ATOM   67  N N   . ALA A 1 36  ? 9.874   -4.831  6.179   1.00 36.74 ? 34  ALA A N   1 
ATOM   68  C CA  . ALA A 1 36  ? 9.967   -3.720  7.117   1.00 37.89 ? 34  ALA A CA  1 
ATOM   69  C C   . ALA A 1 36  ? 11.411  -3.459  7.525   1.00 37.15 ? 34  ALA A C   1 
ATOM   70  O O   . ALA A 1 36  ? 11.709  -2.443  8.155   1.00 43.04 ? 34  ALA A O   1 
ATOM   71  C CB  . ALA A 1 36  ? 9.114   -3.989  8.347   1.00 31.76 ? 34  ALA A CB  1 
ATOM   72  N N   . ARG A 1 37  ? 12.306  -4.370  7.152   1.00 39.38 ? 35  ARG A N   1 
ATOM   73  C CA  . ARG A 1 37  ? 13.691  -4.308  7.597   1.00 49.96 ? 35  ARG A CA  1 
ATOM   74  C C   . ARG A 1 37  ? 14.623  -3.649  6.577   1.00 67.76 ? 35  ARG A C   1 
ATOM   75  O O   . ARG A 1 37  ? 15.834  -3.588  6.789   1.00 66.85 ? 35  ARG A O   1 
ATOM   76  C CB  . ARG A 1 37  ? 14.185  -5.713  7.954   1.00 56.54 ? 35  ARG A CB  1 
ATOM   77  C CG  . ARG A 1 37  ? 13.201  -6.486  8.828   1.00 62.52 ? 35  ARG A CG  1 
ATOM   78  C CD  . ARG A 1 37  ? 13.901  -7.421  9.799   1.00 66.17 ? 35  ARG A CD  1 
ATOM   79  N NE  . ARG A 1 37  ? 14.769  -6.692  10.720  1.00 73.36 ? 35  ARG A NE  1 
ATOM   80  C CZ  . ARG A 1 37  ? 14.354  -6.087  11.829  0.00 69.13 ? 35  ARG A CZ  1 
ATOM   81  N NH1 . ARG A 1 37  ? 15.225  -5.450  12.599  0.00 72.01 ? 35  ARG A NH1 1 
ATOM   82  N NH2 . ARG A 1 37  ? 13.073  -6.115  12.175  0.00 64.84 ? 35  ARG A NH2 1 
ATOM   83  N N   . VAL A 1 38  ? 14.066  -3.161  5.471   1.00 53.27 ? 36  VAL A N   1 
ATOM   84  C CA  . VAL A 1 38  ? 14.826  -2.309  4.557   1.00 51.20 ? 36  VAL A CA  1 
ATOM   85  C C   . VAL A 1 38  ? 14.251  -0.896  4.590   1.00 49.10 ? 36  VAL A C   1 
ATOM   86  O O   . VAL A 1 38  ? 13.086  -0.697  4.933   1.00 47.85 ? 36  VAL A O   1 
ATOM   87  C CB  . VAL A 1 38  ? 14.848  -2.846  3.103   1.00 49.27 ? 36  VAL A CB  1 
ATOM   88  C CG1 . VAL A 1 38  ? 15.442  -4.248  3.053   1.00 54.51 ? 36  VAL A CG1 1 
ATOM   89  C CG2 . VAL A 1 38  ? 13.461  -2.819  2.487   1.00 36.70 ? 36  VAL A CG2 1 
ATOM   90  N N   . GLU A 1 39  ? 15.075  0.081   4.226   1.00 51.84 ? 37  GLU A N   1 
ATOM   91  C CA  . GLU A 1 39  ? 14.729  1.489   4.413   1.00 57.02 ? 37  GLU A CA  1 
ATOM   92  C C   . GLU A 1 39  ? 13.420  1.887   3.719   1.00 59.67 ? 37  GLU A C   1 
ATOM   93  O O   . GLU A 1 39  ? 12.596  2.597   4.297   1.00 59.91 ? 37  GLU A O   1 
ATOM   94  C CB  . GLU A 1 39  ? 15.880  2.381   3.933   1.00 57.51 ? 37  GLU A CB  1 
ATOM   95  C CG  . GLU A 1 39  ? 15.910  3.770   4.561   1.00 65.32 ? 37  GLU A CG  1 
ATOM   96  C CD  . GLU A 1 39  ? 17.216  4.498   4.300   0.00 69.11 ? 37  GLU A CD  1 
ATOM   97  O OE1 . GLU A 1 39  ? 18.149  3.870   3.758   0.00 70.58 ? 37  GLU A OE1 1 
ATOM   98  O OE2 . GLU A 1 39  ? 17.308  5.697   4.637   0.00 71.63 ? 37  GLU A OE2 1 
ATOM   99  N N   . ASN A 1 40  ? 13.228  1.430   2.486   1.00 53.19 ? 38  ASN A N   1 
ATOM   100 C CA  . ASN A 1 40  ? 12.069  1.842   1.695   1.00 49.77 ? 38  ASN A CA  1 
ATOM   101 C C   . ASN A 1 40  ? 10.861  0.906   1.785   1.00 43.65 ? 38  ASN A C   1 
ATOM   102 O O   . ASN A 1 40  ? 9.936   1.008   0.981   1.00 47.88 ? 38  ASN A O   1 
ATOM   103 C CB  . ASN A 1 40  ? 12.467  2.007   0.228   1.00 52.21 ? 38  ASN A CB  1 
ATOM   104 C CG  . ASN A 1 40  ? 12.875  0.698   -0.420  1.00 55.45 ? 38  ASN A CG  1 
ATOM   105 O OD1 . ASN A 1 40  ? 13.128  -0.296  0.262   1.00 57.87 ? 38  ASN A OD1 1 
ATOM   106 N ND2 . ASN A 1 40  ? 12.948  0.694   -1.747  1.00 60.76 ? 38  ASN A ND2 1 
ATOM   107 N N   . CYS A 1 41  ? 10.864  0.003   2.760   1.00 35.50 ? 39  CYS A N   1 
ATOM   108 C CA  . CYS A 1 41  ? 9.767   -0.953  2.912   1.00 30.37 ? 39  CYS A CA  1 
ATOM   109 C C   . CYS A 1 41  ? 9.341   -1.513  1.556   1.00 33.14 ? 39  CYS A C   1 
ATOM   110 O O   . CYS A 1 41  ? 8.209   -1.316  1.112   1.00 29.97 ? 39  CYS A O   1 
ATOM   111 C CB  . CYS A 1 41  ? 8.574   -0.301  3.615   1.00 37.07 ? 39  CYS A CB  1 
ATOM   112 S SG  . CYS A 1 41  ? 8.897   0.169   5.334   1.00 47.41 ? 39  CYS A SG  1 
ATOM   113 N N   . ALA A 1 42  ? 10.264  -2.208  0.902   1.00 30.97 ? 40  ALA A N   1 
ATOM   114 C CA  . ALA A 1 42  ? 10.048  -2.706  -0.449  1.00 35.30 ? 40  ALA A CA  1 
ATOM   115 C C   . ALA A 1 42  ? 8.995   -3.808  -0.498  1.00 37.07 ? 40  ALA A C   1 
ATOM   116 O O   . ALA A 1 42  ? 8.915   -4.648  0.398   1.00 31.34 ? 40  ALA A O   1 
ATOM   117 C CB  . ALA A 1 42  ? 11.354  -3.213  -1.026  1.00 30.93 ? 40  ALA A CB  1 
ATOM   118 N N   . VAL A 1 43  ? 8.194   -3.796  -1.557  1.00 32.48 ? 41  VAL A N   1 
ATOM   119 C CA  . VAL A 1 43  ? 7.207   -4.839  -1.791  1.00 27.35 ? 41  VAL A CA  1 
ATOM   120 C C   . VAL A 1 43  ? 7.921   -6.147  -2.124  1.00 24.43 ? 41  VAL A C   1 
ATOM   121 O O   . VAL A 1 43  ? 8.734   -6.199  -3.045  1.00 28.67 ? 41  VAL A O   1 
ATOM   122 C CB  . VAL A 1 43  ? 6.251   -4.437  -2.936  1.00 27.93 ? 41  VAL A CB  1 
ATOM   123 C CG1 . VAL A 1 43  ? 5.344   -5.594  -3.323  1.00 26.37 ? 41  VAL A CG1 1 
ATOM   124 C CG2 . VAL A 1 43  ? 5.429   -3.223  -2.532  1.00 24.58 ? 41  VAL A CG2 1 
ATOM   125 N N   . ILE A 1 44  ? 7.627   -7.197  -1.362  1.00 25.13 ? 42  ILE A N   1 
ATOM   126 C CA  . ILE A 1 44  ? 8.235   -8.506  -1.591  1.00 26.09 ? 42  ILE A CA  1 
ATOM   127 C C   . ILE A 1 44  ? 7.192   -9.516  -2.050  1.00 26.59 ? 42  ILE A C   1 
ATOM   128 O O   . ILE A 1 44  ? 7.525   -10.633 -2.448  1.00 30.94 ? 42  ILE A O   1 
ATOM   129 C CB  . ILE A 1 44  ? 8.944   -9.045  -0.331  1.00 28.20 ? 42  ILE A CB  1 
ATOM   130 C CG1 . ILE A 1 44  ? 8.052   -8.882  0.899   1.00 27.96 ? 42  ILE A CG1 1 
ATOM   131 C CG2 . ILE A 1 44  ? 10.264  -8.330  -0.129  1.00 37.21 ? 42  ILE A CG2 1 
ATOM   132 C CD1 . ILE A 1 44  ? 8.543   -9.654  2.097   1.00 36.00 ? 42  ILE A CD1 1 
ATOM   133 N N   . TYR A 1 45  ? 5.927   -9.120  -1.981  1.00 22.87 ? 43  TYR A N   1 
ATOM   134 C CA  . TYR A 1 45  ? 4.851   -9.911  -2.555  1.00 21.96 ? 43  TYR A CA  1 
ATOM   135 C C   . TYR A 1 45  ? 3.655   -9.029  -2.868  1.00 25.47 ? 43  TYR A C   1 
ATOM   136 O O   . TYR A 1 45  ? 3.344   -8.099  -2.125  1.00 21.02 ? 43  TYR A O   1 
ATOM   137 C CB  . TYR A 1 45  ? 4.404   -11.022 -1.607  1.00 25.10 ? 43  TYR A CB  1 
ATOM   138 C CG  . TYR A 1 45  ? 3.238   -11.805 -2.159  1.00 19.91 ? 43  TYR A CG  1 
ATOM   139 C CD1 . TYR A 1 45  ? 1.932   -11.487 -1.806  1.00 23.87 ? 43  TYR A CD1 1 
ATOM   140 C CD2 . TYR A 1 45  ? 3.440   -12.846 -3.063  1.00 25.88 ? 43  TYR A CD2 1 
ATOM   141 C CE1 . TYR A 1 45  ? 0.860   -12.194 -2.322  1.00 21.90 ? 43  TYR A CE1 1 
ATOM   142 C CE2 . TYR A 1 45  ? 2.372   -13.565 -3.579  1.00 26.96 ? 43  TYR A CE2 1 
ATOM   143 C CZ  . TYR A 1 45  ? 1.085   -13.229 -3.207  1.00 25.42 ? 43  TYR A CZ  1 
ATOM   144 O OH  . TYR A 1 45  ? 0.016   -13.928 -3.716  1.00 27.49 ? 43  TYR A OH  1 
ATOM   145 N N   . CYS A 1 46  ? 2.989   -9.325  -3.978  1.00 23.19 ? 44  CYS A N   1 
ATOM   146 C CA  . CYS A 1 46  ? 1.708   -8.712  -4.295  1.00 26.56 ? 44  CYS A CA  1 
ATOM   147 C C   . CYS A 1 46  ? 0.830   -9.766  -4.956  1.00 24.36 ? 44  CYS A C   1 
ATOM   148 O O   . CYS A 1 46  ? 1.295   -10.529 -5.798  1.00 27.07 ? 44  CYS A O   1 
ATOM   149 C CB  . CYS A 1 46  ? 1.887   -7.503  -5.215  1.00 23.04 ? 44  CYS A CB  1 
ATOM   150 S SG  . CYS A 1 46  ? 2.851   -7.811  -6.716  1.00 28.11 ? 44  CYS A SG  1 
ATOM   151 N N   . ASN A 1 47  ? -0.435  -9.826  -4.554  1.00 19.17 ? 45  ASN A N   1 
ATOM   152 C CA  . ASN A 1 47  ? -1.321  -10.865 -5.060  1.00 22.29 ? 45  ASN A CA  1 
ATOM   153 C C   . ASN A 1 47  ? -1.986  -10.422 -6.365  1.00 26.25 ? 45  ASN A C   1 
ATOM   154 O O   . ASN A 1 47  ? -1.900  -9.255  -6.751  1.00 20.40 ? 45  ASN A O   1 
ATOM   155 C CB  . ASN A 1 47  ? -2.352  -11.271 -3.998  1.00 22.53 ? 45  ASN A CB  1 
ATOM   156 C CG  . ASN A 1 47  ? -3.569  -10.372 -3.975  1.00 23.21 ? 45  ASN A CG  1 
ATOM   157 O OD1 . ASN A 1 47  ? -3.476  -9.170  -4.224  1.00 20.42 ? 45  ASN A OD1 1 
ATOM   158 N ND2 . ASN A 1 47  ? -4.725  -10.953 -3.665  1.00 25.92 ? 45  ASN A ND2 1 
ATOM   159 N N   . ASP A 1 48  ? -2.625  -11.357 -7.055  1.00 26.75 ? 46  ASP A N   1 
ATOM   160 C CA  . ASP A 1 48  ? -3.239  -11.048 -8.344  1.00 31.34 ? 46  ASP A CA  1 
ATOM   161 C C   . ASP A 1 48  ? -4.298  -9.959  -8.204  1.00 33.41 ? 46  ASP A C   1 
ATOM   162 O O   . ASP A 1 48  ? -4.414  -9.089  -9.064  1.00 26.81 ? 46  ASP A O   1 
ATOM   163 C CB  . ASP A 1 48  ? -3.849  -12.305 -8.968  1.00 29.14 ? 46  ASP A CB  1 
ATOM   164 C CG  . ASP A 1 48  ? -2.800  -13.327 -9.363  1.00 37.46 ? 46  ASP A CG  1 
ATOM   165 O OD1 . ASP A 1 48  ? -1.615  -12.952 -9.479  1.00 33.78 ? 46  ASP A OD1 1 
ATOM   166 O OD2 . ASP A 1 48  ? -3.162  -14.505 -9.571  1.00 39.35 ? 46  ASP A OD2 1 
ATOM   167 N N   . GLY A 1 49  ? -5.067  -10.007 -7.122  1.00 25.30 ? 47  GLY A N   1 
ATOM   168 C CA  . GLY A 1 49  ? -6.118  -9.034  -6.896  1.00 25.31 ? 47  GLY A CA  1 
ATOM   169 C C   . GLY A 1 49  ? -5.614  -7.600  -6.896  1.00 21.49 ? 47  GLY A C   1 
ATOM   170 O O   . GLY A 1 49  ? -6.233  -6.721  -7.497  1.00 27.99 ? 47  GLY A O   1 
ATOM   171 N N   . PHE A 1 50  ? -4.489  -7.360  -6.227  1.00 20.92 ? 48  PHE A N   1 
ATOM   172 C CA  . PHE A 1 50  ? -3.896  -6.027  -6.187  1.00 18.92 ? 48  PHE A CA  1 
ATOM   173 C C   . PHE A 1 50  ? -3.499  -5.556  -7.579  1.00 23.08 ? 48  PHE A C   1 
ATOM   174 O O   . PHE A 1 50  ? -3.808  -4.434  -7.975  1.00 27.08 ? 48  PHE A O   1 
ATOM   175 C CB  . PHE A 1 50  ? -2.666  -6.001  -5.280  1.00 18.48 ? 48  PHE A CB  1 
ATOM   176 C CG  . PHE A 1 50  ? -1.981  -4.664  -5.236  1.00 19.61 ? 48  PHE A CG  1 
ATOM   177 C CD1 . PHE A 1 50  ? -2.468  -3.651  -4.427  1.00 17.97 ? 48  PHE A CD1 1 
ATOM   178 C CD2 . PHE A 1 50  ? -0.856  -4.419  -6.007  1.00 18.53 ? 48  PHE A CD2 1 
ATOM   179 C CE1 . PHE A 1 50  ? -1.847  -2.418  -4.385  1.00 22.35 ? 48  PHE A CE1 1 
ATOM   180 C CE2 . PHE A 1 50  ? -0.229  -3.186  -5.973  1.00 24.72 ? 48  PHE A CE2 1 
ATOM   181 C CZ  . PHE A 1 50  ? -0.725  -2.183  -5.159  1.00 24.24 ? 48  PHE A CZ  1 
ATOM   182 N N   . CYS A 1 51  ? -2.811  -6.421  -8.318  1.00 27.24 ? 49  CYS A N   1 
ATOM   183 C CA  . CYS A 1 51  ? -2.339  -6.074  -9.654  1.00 22.26 ? 49  CYS A CA  1 
ATOM   184 C C   . CYS A 1 51  ? -3.508  -5.757  -10.580 1.00 24.51 ? 49  CYS A C   1 
ATOM   185 O O   . CYS A 1 51  ? -3.456  -4.809  -11.361 1.00 30.78 ? 49  CYS A O   1 
ATOM   186 C CB  . CYS A 1 51  ? -1.497  -7.210  -10.232 1.00 22.31 ? 49  CYS A CB  1 
ATOM   187 S SG  . CYS A 1 51  ? 0.068   -7.458  -9.366  1.00 28.20 ? 49  CYS A SG  1 
ATOM   188 N N   . GLU A 1 52  ? -4.568  -6.551  -10.474 1.00 27.35 ? 50  GLU A N   1 
ATOM   189 C CA  . GLU A 1 52  ? -5.756  -6.357  -11.296 1.00 28.02 ? 50  GLU A CA  1 
ATOM   190 C C   . GLU A 1 52  ? -6.483  -5.073  -10.896 1.00 39.17 ? 50  GLU A C   1 
ATOM   191 O O   . GLU A 1 52  ? -6.970  -4.333  -11.750 1.00 34.30 ? 50  GLU A O   1 
ATOM   192 C CB  . GLU A 1 52  ? -6.657  -7.588  -11.192 1.00 28.68 ? 50  GLU A CB  1 
ATOM   193 C CG  . GLU A 1 52  ? -5.986  -8.830  -11.775 1.00 50.57 ? 50  GLU A CG  1 
ATOM   194 C CD  . GLU A 1 52  ? -6.637  -10.135 -11.354 1.00 56.36 ? 50  GLU A CD  1 
ATOM   195 O OE1 . GLU A 1 52  ? -7.506  -10.119 -10.456 1.00 59.98 ? 50  GLU A OE1 1 
ATOM   196 O OE2 . GLU A 1 52  ? -6.267  -11.185 -11.921 1.00 57.36 ? 50  GLU A OE2 1 
ATOM   197 N N   . LEU A 1 53  ? -6.543  -4.806  -9.596  1.00 28.18 ? 51  LEU A N   1 
ATOM   198 C CA  . LEU A 1 53  ? -7.103  -3.554  -9.093  1.00 33.49 ? 51  LEU A CA  1 
ATOM   199 C C   . LEU A 1 53  ? -6.447  -2.319  -9.723  1.00 28.78 ? 51  LEU A C   1 
ATOM   200 O O   . LEU A 1 53  ? -7.134  -1.453  -10.271 1.00 32.64 ? 51  LEU A O   1 
ATOM   201 C CB  . LEU A 1 53  ? -6.955  -3.486  -7.572  1.00 25.49 ? 51  LEU A CB  1 
ATOM   202 C CG  . LEU A 1 53  ? -7.206  -2.105  -6.960  1.00 36.40 ? 51  LEU A CG  1 
ATOM   203 C CD1 . LEU A 1 53  ? -8.652  -1.692  -7.175  1.00 31.76 ? 51  LEU A CD1 1 
ATOM   204 C CD2 . LEU A 1 53  ? -6.855  -2.084  -5.483  1.00 31.48 ? 51  LEU A CD2 1 
ATOM   205 N N   . CYS A 1 54  ? -5.121  -2.235  -9.642  1.00 31.58 ? 52  CYS A N   1 
ATOM   206 C CA  . CYS A 1 54  ? -4.408  -1.021  -10.041 1.00 30.89 ? 52  CYS A CA  1 
ATOM   207 C C   . CYS A 1 54  ? -3.911  -1.040  -11.487 1.00 34.08 ? 52  CYS A C   1 
ATOM   208 O O   . CYS A 1 54  ? -3.516  -0.002  -12.016 1.00 33.27 ? 52  CYS A O   1 
ATOM   209 C CB  . CYS A 1 54  ? -3.231  -0.751  -9.098  1.00 31.32 ? 52  CYS A CB  1 
ATOM   210 S SG  . CYS A 1 54  ? -1.900  -1.983  -9.154  1.00 29.55 ? 52  CYS A SG  1 
ATOM   211 N N   . GLY A 1 55  ? -3.926  -2.209  -12.121 1.00 26.33 ? 53  GLY A N   1 
ATOM   212 C CA  . GLY A 1 55  ? -3.532  -2.313  -13.517 1.00 34.37 ? 53  GLY A CA  1 
ATOM   213 C C   . GLY A 1 55  ? -2.033  -2.370  -13.746 1.00 31.62 ? 53  GLY A C   1 
ATOM   214 O O   . GLY A 1 55  ? -1.578  -2.259  -14.881 1.00 34.27 ? 53  GLY A O   1 
ATOM   215 N N   . TYR A 1 56  ? -1.263  -2.535  -12.676 1.00 30.59 ? 54  TYR A N   1 
ATOM   216 C CA  . TYR A 1 56  ? 0.174   -2.764  -12.807 1.00 32.49 ? 54  TYR A CA  1 
ATOM   217 C C   . TYR A 1 56  ? 0.465   -4.243  -12.601 1.00 30.69 ? 54  TYR A C   1 
ATOM   218 O O   . TYR A 1 56  ? -0.159  -4.897  -11.769 1.00 29.14 ? 54  TYR A O   1 
ATOM   219 C CB  . TYR A 1 56  ? 0.955   -1.917  -11.801 1.00 26.80 ? 54  TYR A CB  1 
ATOM   220 C CG  . TYR A 1 56  ? 0.868   -0.434  -12.071 1.00 27.27 ? 54  TYR A CG  1 
ATOM   221 C CD1 . TYR A 1 56  ? -0.221  0.307   -11.638 1.00 26.03 ? 54  TYR A CD1 1 
ATOM   222 C CD2 . TYR A 1 56  ? 1.876   0.222   -12.763 1.00 28.50 ? 54  TYR A CD2 1 
ATOM   223 C CE1 . TYR A 1 56  ? -0.304  1.664   -11.884 1.00 30.47 ? 54  TYR A CE1 1 
ATOM   224 C CE2 . TYR A 1 56  ? 1.801   1.575   -13.021 1.00 41.03 ? 54  TYR A CE2 1 
ATOM   225 C CZ  . TYR A 1 56  ? 0.711   2.292   -12.579 1.00 31.24 ? 54  TYR A CZ  1 
ATOM   226 O OH  . TYR A 1 56  ? 0.631   3.642   -12.828 1.00 45.44 ? 54  TYR A OH  1 
ATOM   227 N N   . SER A 1 57  ? 1.410   -4.770  -13.372 1.00 29.93 ? 55  SER A N   1 
ATOM   228 C CA  . SER A 1 57  ? 1.761   -6.181  -13.281 1.00 28.78 ? 55  SER A CA  1 
ATOM   229 C C   . SER A 1 57  ? 2.672   -6.417  -12.081 1.00 26.99 ? 55  SER A C   1 
ATOM   230 O O   . SER A 1 57  ? 3.289   -5.487  -11.562 1.00 23.70 ? 55  SER A O   1 
ATOM   231 C CB  . SER A 1 57  ? 2.452   -6.649  -14.562 1.00 36.81 ? 55  SER A CB  1 
ATOM   232 O OG  . SER A 1 57  ? 3.758   -6.113  -14.651 1.00 36.37 ? 55  SER A OG  1 
ATOM   233 N N   . ARG A 1 58  ? 2.748   -7.667  -11.645 1.00 28.06 ? 56  ARG A N   1 
ATOM   234 C CA  . ARG A 1 58  ? 3.579   -8.031  -10.507 1.00 26.74 ? 56  ARG A CA  1 
ATOM   235 C C   . ARG A 1 58  ? 5.035   -7.615  -10.727 1.00 32.96 ? 56  ARG A C   1 
ATOM   236 O O   . ARG A 1 58  ? 5.706   -7.165  -9.802  1.00 29.30 ? 56  ARG A O   1 
ATOM   237 C CB  . ARG A 1 58  ? 3.471   -9.534  -10.255 1.00 32.99 ? 56  ARG A CB  1 
ATOM   238 C CG  . ARG A 1 58  ? 4.572   -10.130 -9.399  1.00 32.28 ? 56  ARG A CG  1 
ATOM   239 C CD  . ARG A 1 58  ? 4.237   -11.566 -9.036  1.00 33.35 ? 56  ARG A CD  1 
ATOM   240 N NE  . ARG A 1 58  ? 2.967   -11.638 -8.317  1.00 28.05 ? 56  ARG A NE  1 
ATOM   241 C CZ  . ARG A 1 58  ? 1.806   -12.010 -8.851  1.00 38.72 ? 56  ARG A CZ  1 
ATOM   242 N NH1 . ARG A 1 58  ? 1.716   -12.366 -10.129 1.00 37.24 ? 56  ARG A NH1 1 
ATOM   243 N NH2 . ARG A 1 58  ? 0.717   -12.021 -8.092  1.00 26.63 ? 56  ARG A NH2 1 
ATOM   244 N N   . ALA A 1 59  ? 5.508   -7.753  -11.962 1.00 33.60 ? 57  ALA A N   1 
ATOM   245 C CA  . ALA A 1 59  ? 6.886   -7.400  -12.301 1.00 33.87 ? 57  ALA A CA  1 
ATOM   246 C C   . ALA A 1 59  ? 7.173   -5.917  -12.055 1.00 34.43 ? 57  ALA A C   1 
ATOM   247 O O   . ALA A 1 59  ? 8.297   -5.546  -11.712 1.00 34.74 ? 57  ALA A O   1 
ATOM   248 C CB  . ALA A 1 59  ? 7.177   -7.766  -13.748 1.00 36.50 ? 57  ALA A CB  1 
ATOM   249 N N   . GLU A 1 60  ? 6.160   -5.075  -12.239 1.00 33.20 ? 58  GLU A N   1 
ATOM   250 C CA  . GLU A 1 60  ? 6.301   -3.641  -12.022 1.00 38.33 ? 58  GLU A CA  1 
ATOM   251 C C   . GLU A 1 60  ? 6.249   -3.286  -10.544 1.00 41.47 ? 58  GLU A C   1 
ATOM   252 O O   . GLU A 1 60  ? 6.966   -2.398  -10.083 1.00 32.41 ? 58  GLU A O   1 
ATOM   253 C CB  . GLU A 1 60  ? 5.171   -2.894  -12.722 1.00 39.10 ? 58  GLU A CB  1 
ATOM   254 C CG  . GLU A 1 60  ? 5.179   -2.994  -14.228 1.00 42.65 ? 58  GLU A CG  1 
ATOM   255 C CD  . GLU A 1 60  ? 4.038   -2.216  -14.844 1.00 39.77 ? 58  GLU A CD  1 
ATOM   256 O OE1 . GLU A 1 60  ? 4.286   -1.113  -15.371 1.00 34.73 ? 58  GLU A OE1 1 
ATOM   257 O OE2 . GLU A 1 60  ? 2.892   -2.708  -14.795 1.00 32.36 ? 58  GLU A OE2 1 
ATOM   258 N N   . VAL A 1 61  ? 5.380   -3.974  -9.812  1.00 25.84 ? 59  VAL A N   1 
ATOM   259 C CA  . VAL A 1 61  ? 5.117   -3.641  -8.421  1.00 27.28 ? 59  VAL A CA  1 
ATOM   260 C C   . VAL A 1 61  ? 6.226   -4.133  -7.498  1.00 29.94 ? 59  VAL A C   1 
ATOM   261 O O   . VAL A 1 61  ? 6.580   -3.450  -6.541  1.00 29.27 ? 59  VAL A O   1 
ATOM   262 C CB  . VAL A 1 61  ? 3.768   -4.230  -7.973  1.00 25.31 ? 59  VAL A CB  1 
ATOM   263 C CG1 . VAL A 1 61  ? 3.511   -3.945  -6.506  1.00 25.20 ? 59  VAL A CG1 1 
ATOM   264 C CG2 . VAL A 1 61  ? 2.646   -3.665  -8.827  1.00 25.83 ? 59  VAL A CG2 1 
ATOM   265 N N   . MET A 1 62  ? 6.766   -5.316  -7.774  1.00 28.35 ? 60  MET A N   1 
ATOM   266 C CA  . MET A 1 62  ? 7.781   -5.898  -6.899  1.00 28.85 ? 60  MET A CA  1 
ATOM   267 C C   . MET A 1 62  ? 8.946   -4.936  -6.660  1.00 36.01 ? 60  MET A C   1 
ATOM   268 O O   . MET A 1 62  ? 9.403   -4.250  -7.576  1.00 31.96 ? 60  MET A O   1 
ATOM   269 C CB  . MET A 1 62  ? 8.298   -7.225  -7.462  1.00 29.14 ? 60  MET A CB  1 
ATOM   270 C CG  . MET A 1 62  ? 7.293   -8.368  -7.375  1.00 32.28 ? 60  MET A CG  1 
ATOM   271 S SD  . MET A 1 62  ? 7.046   -8.906  -5.671  1.00 31.02 ? 60  MET A SD  1 
ATOM   272 C CE  . MET A 1 62  ? 8.692   -9.543  -5.313  1.00 29.01 ? 60  MET A CE  1 
ATOM   273 N N   . GLN A 1 63  ? 9.400   -4.891  -5.410  1.00 34.57 ? 61  GLN A N   1 
ATOM   274 C CA  . GLN A 1 63  ? 10.560  -4.097  -5.000  1.00 39.27 ? 61  GLN A CA  1 
ATOM   275 C C   . GLN A 1 63  ? 10.348  -2.578  -4.968  1.00 33.64 ? 61  GLN A C   1 
ATOM   276 O O   . GLN A 1 63  ? 11.279  -1.838  -4.658  1.00 34.82 ? 61  GLN A O   1 
ATOM   277 C CB  . GLN A 1 63  ? 11.776  -4.428  -5.872  1.00 47.40 ? 61  GLN A CB  1 
ATOM   278 C CG  . GLN A 1 63  ? 12.237  -5.868  -5.760  1.00 53.91 ? 61  GLN A CG  1 
ATOM   279 C CD  . GLN A 1 63  ? 12.492  -6.282  -4.325  1.00 61.38 ? 61  GLN A CD  1 
ATOM   280 O OE1 . GLN A 1 63  ? 13.012  -5.503  -3.526  1.00 67.86 ? 61  GLN A OE1 1 
ATOM   281 N NE2 . GLN A 1 63  ? 12.118  -7.511  -3.986  1.00 67.29 ? 61  GLN A NE2 1 
ATOM   282 N N   . ARG A 1 64  ? 9.141   -2.108  -5.277  1.00 31.83 ? 62  ARG A N   1 
ATOM   283 C CA  . ARG A 1 64  ? 8.840   -0.682  -5.138  1.00 29.76 ? 62  ARG A CA  1 
ATOM   284 C C   . ARG A 1 64  ? 8.527   -0.392  -3.675  1.00 27.70 ? 62  ARG A C   1 
ATOM   285 O O   . ARG A 1 64  ? 8.088   -1.284  -2.953  1.00 27.06 ? 62  ARG A O   1 
ATOM   286 C CB  . ARG A 1 64  ? 7.651   -0.267  -6.008  1.00 30.97 ? 62  ARG A CB  1 
ATOM   287 C CG  . ARG A 1 64  ? 7.855   -0.457  -7.505  1.00 30.85 ? 62  ARG A CG  1 
ATOM   288 C CD  . ARG A 1 64  ? 8.227   0.855   -8.176  1.00 44.50 ? 62  ARG A CD  1 
ATOM   289 N NE  . ARG A 1 64  ? 9.605   1.235   -7.881  1.00 65.69 ? 62  ARG A NE  1 
ATOM   290 C CZ  . ARG A 1 64  ? 10.071  2.481   -7.898  1.00 67.58 ? 62  ARG A CZ  1 
ATOM   291 N NH1 . ARG A 1 64  ? 11.344  2.705   -7.611  1.00 66.69 ? 62  ARG A NH1 1 
ATOM   292 N NH2 . ARG A 1 64  ? 9.273   3.503   -8.189  1.00 65.91 ? 62  ARG A NH2 1 
ATOM   293 N N   . PRO A 1 65  ? 8.749   0.854   -3.226  1.00 29.91 ? 63  PRO A N   1 
ATOM   294 C CA  . PRO A 1 65  ? 8.339   1.193   -1.859  1.00 29.08 ? 63  PRO A CA  1 
ATOM   295 C C   . PRO A 1 65  ? 6.846   0.927   -1.677  1.00 28.02 ? 63  PRO A C   1 
ATOM   296 O O   . PRO A 1 65  ? 6.059   1.276   -2.555  1.00 27.96 ? 63  PRO A O   1 
ATOM   297 C CB  . PRO A 1 65  ? 8.646   2.690   -1.760  1.00 29.81 ? 63  PRO A CB  1 
ATOM   298 C CG  . PRO A 1 65  ? 9.679   2.941   -2.800  1.00 31.18 ? 63  PRO A CG  1 
ATOM   299 C CD  . PRO A 1 65  ? 9.346   2.006   -3.923  1.00 32.17 ? 63  PRO A CD  1 
ATOM   300 N N   . CYS A 1 66  ? 6.458   0.323   -0.558  1.00 23.19 ? 64  CYS A N   1 
ATOM   301 C CA  . CYS A 1 66  ? 5.081   -0.143  -0.391  1.00 23.00 ? 64  CYS A CA  1 
ATOM   302 C C   . CYS A 1 66  ? 4.068   0.989   -0.202  1.00 24.05 ? 64  CYS A C   1 
ATOM   303 O O   . CYS A 1 66  ? 2.872   0.730   -0.067  1.00 27.13 ? 64  CYS A O   1 
ATOM   304 C CB  . CYS A 1 66  ? 4.982   -1.137  0.769   1.00 26.01 ? 64  CYS A CB  1 
ATOM   305 S SG  . CYS A 1 66  ? 5.155   -0.404  2.407   1.00 25.75 ? 64  CYS A SG  1 
ATOM   306 N N   . THR A 1 67  ? 4.536   2.232   -0.174  1.00 23.82 ? 65  THR A N   1 
ATOM   307 C CA  . THR A 1 67  ? 3.622   3.369   -0.198  1.00 30.02 ? 65  THR A CA  1 
ATOM   308 C C   . THR A 1 67  ? 2.911   3.444   -1.549  1.00 29.86 ? 65  THR A C   1 
ATOM   309 O O   . THR A 1 67  ? 1.885   4.112   -1.687  1.00 28.03 ? 65  THR A O   1 
ATOM   310 C CB  . THR A 1 67  ? 4.347   4.702   0.064   1.00 28.26 ? 65  THR A CB  1 
ATOM   311 O OG1 . THR A 1 67  ? 5.555   4.754   -0.706  1.00 31.90 ? 65  THR A OG1 1 
ATOM   312 C CG2 . THR A 1 67  ? 4.672   4.854   1.544   1.00 26.46 ? 65  THR A CG2 1 
ATOM   313 N N   . CYS A 1 68  ? 3.476   2.771   -2.548  1.00 28.25 ? 66  CYS A N   1 
ATOM   314 C CA  . CYS A 1 68  ? 2.853   2.674   -3.862  1.00 24.59 ? 66  CYS A CA  1 
ATOM   315 C C   . CYS A 1 68  ? 2.609   4.063   -4.455  1.00 29.37 ? 66  CYS A C   1 
ATOM   316 O O   . CYS A 1 68  ? 1.521   4.359   -4.946  1.00 28.80 ? 66  CYS A O   1 
ATOM   317 C CB  . CYS A 1 68  ? 1.543   1.888   -3.766  1.00 32.18 ? 66  CYS A CB  1 
ATOM   318 S SG  . CYS A 1 68  ? 1.755   0.143   -3.328  1.00 31.28 ? 66  CYS A SG  1 
ATOM   319 N N   . ASP A 1 69  ? 3.636   4.906   -4.407  1.00 32.38 ? 67  ASP A N   1 
ATOM   320 C CA  . ASP A 1 69  ? 3.551   6.269   -4.933  1.00 38.46 ? 67  ASP A CA  1 
ATOM   321 C C   . ASP A 1 69  ? 3.173   6.295   -6.411  1.00 36.73 ? 67  ASP A C   1 
ATOM   322 O O   . ASP A 1 69  ? 2.622   7.282   -6.901  1.00 34.16 ? 67  ASP A O   1 
ATOM   323 C CB  . ASP A 1 69  ? 4.883   6.994   -4.728  1.00 38.97 ? 67  ASP A CB  1 
ATOM   324 C CG  . ASP A 1 69  ? 5.335   6.984   -3.281  1.00 48.87 ? 67  ASP A CG  1 
ATOM   325 O OD1 . ASP A 1 69  ? 5.225   8.035   -2.616  1.00 51.89 ? 67  ASP A OD1 1 
ATOM   326 O OD2 . ASP A 1 69  ? 5.790   5.920   -2.807  1.00 62.97 ? 67  ASP A OD2 1 
ATOM   327 N N   . PHE A 1 70  ? 3.472   5.217   -7.127  1.00 30.02 ? 68  PHE A N   1 
ATOM   328 C CA  . PHE A 1 70  ? 3.111   5.125   -8.537  1.00 39.83 ? 68  PHE A CA  1 
ATOM   329 C C   . PHE A 1 70  ? 1.596   5.152   -8.740  1.00 33.17 ? 68  PHE A C   1 
ATOM   330 O O   . PHE A 1 70  ? 1.125   5.255   -9.870  1.00 35.52 ? 68  PHE A O   1 
ATOM   331 C CB  . PHE A 1 70  ? 3.718   3.872   -9.175  1.00 33.82 ? 68  PHE A CB  1 
ATOM   332 C CG  . PHE A 1 70  ? 3.305   2.585   -8.518  1.00 32.14 ? 68  PHE A CG  1 
ATOM   333 C CD1 . PHE A 1 70  ? 4.043   2.051   -7.473  1.00 34.89 ? 68  PHE A CD1 1 
ATOM   334 C CD2 . PHE A 1 70  ? 2.188   1.897   -8.962  1.00 29.98 ? 68  PHE A CD2 1 
ATOM   335 C CE1 . PHE A 1 70  ? 3.667   0.868   -6.871  1.00 30.57 ? 68  PHE A CE1 1 
ATOM   336 C CE2 . PHE A 1 70  ? 1.804   0.712   -8.363  1.00 32.45 ? 68  PHE A CE2 1 
ATOM   337 C CZ  . PHE A 1 70  ? 2.545   0.197   -7.317  1.00 33.67 ? 68  PHE A CZ  1 
ATOM   338 N N   . LEU A 1 71  ? 0.841   5.065   -7.646  1.00 30.12 ? 69  LEU A N   1 
ATOM   339 C CA  . LEU A 1 71  ? -0.616  5.152   -7.711  1.00 31.93 ? 69  LEU A CA  1 
ATOM   340 C C   . LEU A 1 71  ? -1.117  6.572   -7.439  1.00 32.42 ? 69  LEU A C   1 
ATOM   341 O O   . LEU A 1 71  ? -2.313  6.846   -7.535  1.00 33.60 ? 69  LEU A O   1 
ATOM   342 C CB  . LEU A 1 71  ? -1.264  4.204   -6.700  1.00 26.44 ? 69  LEU A CB  1 
ATOM   343 C CG  . LEU A 1 71  ? -1.047  2.697   -6.861  1.00 30.89 ? 69  LEU A CG  1 
ATOM   344 C CD1 . LEU A 1 71  ? -1.739  1.946   -5.727  1.00 35.90 ? 69  LEU A CD1 1 
ATOM   345 C CD2 . LEU A 1 71  ? -1.559  2.215   -8.211  1.00 35.82 ? 69  LEU A CD2 1 
ATOM   346 N N   . HIS A 1 72  ? -0.204  7.475   -7.099  1.00 32.85 ? 70  HIS A N   1 
ATOM   347 C CA  . HIS A 1 72  ? -0.588  8.835   -6.741  1.00 30.78 ? 70  HIS A CA  1 
ATOM   348 C C   . HIS A 1 72  ? -0.949  9.655   -7.972  1.00 34.02 ? 70  HIS A C   1 
ATOM   349 O O   . HIS A 1 72  ? -0.410  9.441   -9.057  1.00 35.53 ? 70  HIS A O   1 
ATOM   350 C CB  . HIS A 1 72  ? 0.541   9.536   -5.983  1.00 35.45 ? 70  HIS A CB  1 
ATOM   351 C CG  . HIS A 1 72  ? 0.778   8.986   -4.609  1.00 30.23 ? 70  HIS A CG  1 
ATOM   352 N ND1 . HIS A 1 72  ? 1.648   9.576   -3.715  1.00 35.41 ? 70  HIS A ND1 1 
ATOM   353 C CD2 . HIS A 1 72  ? 0.268   7.905   -3.980  1.00 27.83 ? 70  HIS A CD2 1 
ATOM   354 C CE1 . HIS A 1 72  ? 1.653   8.881   -2.591  1.00 29.60 ? 70  HIS A CE1 1 
ATOM   355 N NE2 . HIS A 1 72  ? 0.829   7.859   -2.726  1.00 28.82 ? 70  HIS A NE2 1 
ATOM   356 N N   . GLY A 1 73  ? -1.866  10.597  -7.792  1.00 40.53 ? 71  GLY A N   1 
ATOM   357 C CA  . GLY A 1 73  ? -2.270  11.485  -8.865  1.00 40.74 ? 71  GLY A CA  1 
ATOM   358 C C   . GLY A 1 73  ? -2.843  12.769  -8.301  1.00 41.57 ? 71  GLY A C   1 
ATOM   359 O O   . GLY A 1 73  ? -2.678  13.052  -7.118  1.00 40.70 ? 71  GLY A O   1 
ATOM   360 N N   . PRO A 1 74  ? -3.529  13.549  -9.148  1.00 43.13 ? 72  PRO A N   1 
ATOM   361 C CA  . PRO A 1 74  ? -4.020  14.884  -8.780  1.00 45.77 ? 72  PRO A CA  1 
ATOM   362 C C   . PRO A 1 74  ? -4.810  14.941  -7.470  1.00 44.50 ? 72  PRO A C   1 
ATOM   363 O O   . PRO A 1 74  ? -4.560  15.847  -6.677  1.00 45.01 ? 72  PRO A O   1 
ATOM   364 C CB  . PRO A 1 74  ? -4.912  15.270  -9.962  1.00 49.05 ? 72  PRO A CB  1 
ATOM   365 C CG  . PRO A 1 74  ? -4.365  14.504  -11.113 1.00 49.02 ? 72  PRO A CG  1 
ATOM   366 C CD  . PRO A 1 74  ? -3.832  13.218  -10.552 1.00 44.94 ? 72  PRO A CD  1 
ATOM   367 N N   . ARG A 1 75  ? -5.731  14.008  -7.239  1.00 44.12 ? 73  ARG A N   1 
ATOM   368 C CA  . ARG A 1 75  ? -6.592  14.080  -6.054  1.00 45.06 ? 73  ARG A CA  1 
ATOM   369 C C   . ARG A 1 75  ? -5.961  13.454  -4.808  1.00 46.12 ? 73  ARG A C   1 
ATOM   370 O O   . ARG A 1 75  ? -6.549  13.496  -3.727  1.00 48.53 ? 73  ARG A O   1 
ATOM   371 C CB  . ARG A 1 75  ? -7.950  13.418  -6.314  1.00 52.32 ? 73  ARG A CB  1 
ATOM   372 C CG  . ARG A 1 75  ? -8.801  14.119  -7.358  1.00 67.41 ? 73  ARG A CG  1 
ATOM   373 C CD  . ARG A 1 75  ? -10.272 14.163  -6.954  1.00 78.47 ? 73  ARG A CD  1 
ATOM   374 N NE  . ARG A 1 75  ? -10.921 12.851  -7.001  1.00 73.81 ? 73  ARG A NE  1 
ATOM   375 C CZ  . ARG A 1 75  ? -11.588 12.285  -5.996  1.00 75.90 ? 73  ARG A CZ  1 
ATOM   376 N NH1 . ARG A 1 75  ? -11.716 12.894  -4.821  1.00 74.99 ? 73  ARG A NH1 1 
ATOM   377 N NH2 . ARG A 1 75  ? -12.139 11.090  -6.169  1.00 74.74 ? 73  ARG A NH2 1 
ATOM   378 N N   . THR A 1 76  ? -4.770  12.884  -4.952  1.00 45.22 ? 74  THR A N   1 
ATOM   379 C CA  . THR A 1 76  ? -4.119  12.208  -3.832  1.00 40.94 ? 74  THR A CA  1 
ATOM   380 C C   . THR A 1 76  ? -3.738  13.205  -2.740  1.00 42.12 ? 74  THR A C   1 
ATOM   381 O O   . THR A 1 76  ? -2.882  14.065  -2.944  1.00 40.61 ? 74  THR A O   1 
ATOM   382 C CB  . THR A 1 76  ? -2.868  11.435  -4.290  1.00 35.37 ? 74  THR A CB  1 
ATOM   383 O OG1 . THR A 1 76  ? -3.220  10.539  -5.352  1.00 35.29 ? 74  THR A OG1 1 
ATOM   384 C CG2 . THR A 1 76  ? -2.280  10.639  -3.137  1.00 36.64 ? 74  THR A CG2 1 
ATOM   385 N N   . GLN A 1 77  ? -4.378  13.071  -1.581  1.00 54.18 ? 75  GLN A N   1 
ATOM   386 C CA  . GLN A 1 77  ? -4.202  14.016  -0.480  1.00 58.17 ? 75  GLN A CA  1 
ATOM   387 C C   . GLN A 1 77  ? -2.827  13.854  0.169   1.00 52.76 ? 75  GLN A C   1 
ATOM   388 O O   . GLN A 1 77  ? -2.447  12.750  0.566   1.00 42.19 ? 75  GLN A O   1 
ATOM   389 C CB  . GLN A 1 77  ? -5.283  13.826  0.596   1.00 49.93 ? 75  GLN A CB  1 
ATOM   390 C CG  . GLN A 1 77  ? -6.722  13.679  0.094   1.00 55.78 ? 75  GLN A CG  1 
ATOM   391 C CD  . GLN A 1 77  ? -7.083  12.247  -0.283  1.00 64.70 ? 75  GLN A CD  1 
ATOM   392 O OE1 . GLN A 1 77  ? -6.478  11.652  -1.174  1.00 50.32 ? 75  GLN A OE1 1 
ATOM   393 N NE2 . GLN A 1 77  ? -8.076  11.692  0.396   1.00 57.14 ? 75  GLN A NE2 1 
ATOM   394 N N   . ARG A 1 78  ? -2.092  14.955  0.290   1.00 48.39 ? 76  ARG A N   1 
ATOM   395 C CA  . ARG A 1 78  ? -0.803  14.943  0.977   1.00 49.08 ? 76  ARG A CA  1 
ATOM   396 C C   . ARG A 1 78  ? -0.945  14.369  2.384   1.00 51.09 ? 76  ARG A C   1 
ATOM   397 O O   . ARG A 1 78  ? -0.085  13.622  2.849   1.00 44.73 ? 76  ARG A O   1 
ATOM   398 C CB  . ARG A 1 78  ? -0.205  16.355  1.044   1.00 60.96 ? 76  ARG A CB  1 
ATOM   399 C CG  . ARG A 1 78  ? -1.131  17.405  1.650   1.00 60.52 ? 76  ARG A CG  1 
ATOM   400 C CD  . ARG A 1 78  ? -0.510  18.797  1.655   1.00 83.03 ? 76  ARG A CD  1 
ATOM   401 N NE  . ARG A 1 78  ? 0.445   18.985  2.746   1.00 81.55 ? 76  ARG A NE  1 
ATOM   402 C CZ  . ARG A 1 78  ? 1.768   19.054  2.606   1.00 78.27 ? 76  ARG A CZ  1 
ATOM   403 N NH1 . ARG A 1 78  ? 2.339   18.958  1.412   1.00 80.89 ? 76  ARG A NH1 1 
ATOM   404 N NH2 . ARG A 1 78  ? 2.531   19.228  3.678   1.00 66.90 ? 76  ARG A NH2 1 
ATOM   405 N N   . ARG A 1 79  ? -2.040  14.721  3.053   1.00 45.30 ? 77  ARG A N   1 
ATOM   406 C CA  . ARG A 1 79  ? -2.278  14.288  4.427   1.00 45.09 ? 77  ARG A CA  1 
ATOM   407 C C   . ARG A 1 79  ? -2.479  12.774  4.525   1.00 40.85 ? 77  ARG A C   1 
ATOM   408 O O   . ARG A 1 79  ? -1.989  12.137  5.459   1.00 41.49 ? 77  ARG A O   1 
ATOM   409 C CB  . ARG A 1 79  ? -3.491  15.018  5.009   1.00 46.84 ? 77  ARG A CB  1 
ATOM   410 C CG  . ARG A 1 79  ? -3.767  14.694  6.474   1.00 64.42 ? 77  ARG A CG  1 
ATOM   411 C CD  . ARG A 1 79  ? -4.566  15.792  7.164   1.00 68.06 ? 77  ARG A CD  1 
ATOM   412 N NE  . ARG A 1 79  ? -3.749  16.927  7.592   1.00 68.06 ? 77  ARG A NE  1 
ATOM   413 C CZ  . ARG A 1 79  ? -3.320  17.130  8.837   1.00 66.69 ? 77  ARG A CZ  1 
ATOM   414 N NH1 . ARG A 1 79  ? -3.612  16.274  9.810   1.00 67.72 ? 77  ARG A NH1 1 
ATOM   415 N NH2 . ARG A 1 79  ? -2.590  18.200  9.117   1.00 63.01 ? 77  ARG A NH2 1 
ATOM   416 N N   . ALA A 1 80  ? -3.204  12.201  3.568   1.00 39.56 ? 78  ALA A N   1 
ATOM   417 C CA  . ALA A 1 80  ? -3.423  10.757  3.541   1.00 36.91 ? 78  ALA A CA  1 
ATOM   418 C C   . ALA A 1 80  ? -2.118  10.013  3.262   1.00 38.59 ? 78  ALA A C   1 
ATOM   419 O O   . ALA A 1 80  ? -1.786  9.047   3.950   1.00 37.30 ? 78  ALA A O   1 
ATOM   420 C CB  . ALA A 1 80  ? -4.482  10.391  2.504   1.00 39.61 ? 78  ALA A CB  1 
ATOM   421 N N   . ALA A 1 81  ? -1.386  10.459  2.247   1.00 35.81 ? 79  ALA A N   1 
ATOM   422 C CA  . ALA A 1 81  ? -0.087  9.873   1.932   1.00 40.62 ? 79  ALA A CA  1 
ATOM   423 C C   . ALA A 1 81  ? 0.833   9.942   3.144   1.00 40.68 ? 79  ALA A C   1 
ATOM   424 O O   . ALA A 1 81  ? 1.524   8.973   3.462   1.00 33.00 ? 79  ALA A O   1 
ATOM   425 C CB  . ALA A 1 81  ? 0.543   10.586  0.748   1.00 41.95 ? 79  ALA A CB  1 
ATOM   426 N N   . ALA A 1 82  ? 0.842   11.089  3.817   1.00 37.41 ? 80  ALA A N   1 
ATOM   427 C CA  . ALA A 1 82  ? 1.693   11.278  4.986   1.00 38.07 ? 80  ALA A CA  1 
ATOM   428 C C   . ALA A 1 82  ? 1.289   10.313  6.096   1.00 38.25 ? 80  ALA A C   1 
ATOM   429 O O   . ALA A 1 82  ? 2.140   9.771   6.797   1.00 39.32 ? 80  ALA A O   1 
ATOM   430 C CB  . ALA A 1 82  ? 1.607   12.709  5.481   1.00 40.93 ? 80  ALA A CB  1 
ATOM   431 N N   . GLN A 1 83  ? -0.015  10.098  6.242   1.00 42.46 ? 81  GLN A N   1 
ATOM   432 C CA  . GLN A 1 83  ? -0.534  9.249   7.307   1.00 37.48 ? 81  GLN A CA  1 
ATOM   433 C C   . GLN A 1 83  ? -0.168  7.785   7.082   1.00 39.04 ? 81  GLN A C   1 
ATOM   434 O O   . GLN A 1 83  ? 0.124   7.059   8.034   1.00 30.37 ? 81  GLN A O   1 
ATOM   435 C CB  . GLN A 1 83  ? -2.052  9.406   7.428   1.00 38.04 ? 81  GLN A CB  1 
ATOM   436 C CG  . GLN A 1 83  ? -2.484  10.622  8.233   1.00 42.11 ? 81  GLN A CG  1 
ATOM   437 C CD  . GLN A 1 83  ? -3.974  10.884  8.128   1.00 39.39 ? 81  GLN A CD  1 
ATOM   438 O OE1 . GLN A 1 83  ? -4.678  10.242  7.349   1.00 49.55 ? 81  GLN A OE1 1 
ATOM   439 N NE2 . GLN A 1 83  ? -4.465  11.828  8.925   1.00 41.53 ? 81  GLN A NE2 1 
ATOM   440 N N   . ILE A 1 84  ? -0.183  7.348   5.826   1.00 31.33 ? 82  ILE A N   1 
ATOM   441 C CA  . ILE A 1 84  ? 0.232   5.990   5.497   1.00 34.25 ? 82  ILE A CA  1 
ATOM   442 C C   . ILE A 1 84  ? 1.719   5.825   5.774   1.00 27.96 ? 82  ILE A C   1 
ATOM   443 O O   . ILE A 1 84  ? 2.143   4.835   6.373   1.00 30.70 ? 82  ILE A O   1 
ATOM   444 C CB  . ILE A 1 84  ? -0.032  5.646   4.022   1.00 26.25 ? 82  ILE A CB  1 
ATOM   445 C CG1 . ILE A 1 84  ? -1.530  5.463   3.782   1.00 24.53 ? 82  ILE A CG1 1 
ATOM   446 C CG2 . ILE A 1 84  ? 0.717   4.376   3.645   1.00 24.42 ? 82  ILE A CG2 1 
ATOM   447 C CD1 . ILE A 1 84  ? -1.928  5.483   2.320   1.00 32.59 ? 82  ILE A CD1 1 
ATOM   448 N N   . ALA A 1 85  ? 2.504   6.804   5.337   1.00 26.42 ? 83  ALA A N   1 
ATOM   449 C CA  . ALA A 1 85  ? 3.945   6.789   5.550   1.00 29.06 ? 83  ALA A CA  1 
ATOM   450 C C   . ALA A 1 85  ? 4.267   6.741   7.039   1.00 35.50 ? 83  ALA A C   1 
ATOM   451 O O   . ALA A 1 85  ? 5.176   6.028   7.462   1.00 34.30 ? 83  ALA A O   1 
ATOM   452 C CB  . ALA A 1 85  ? 4.584   8.016   4.908   1.00 34.89 ? 83  ALA A CB  1 
ATOM   453 N N   . GLN A 1 86  ? 3.517   7.507   7.827   1.00 34.65 ? 84  GLN A N   1 
ATOM   454 C CA  . GLN A 1 86  ? 3.708   7.548   9.271   1.00 38.77 ? 84  GLN A CA  1 
ATOM   455 C C   . GLN A 1 86  ? 3.492   6.171   9.890   1.00 38.60 ? 84  GLN A C   1 
ATOM   456 O O   . GLN A 1 86  ? 4.255   5.743   10.757  1.00 41.42 ? 84  GLN A O   1 
ATOM   457 C CB  . GLN A 1 86  ? 2.728   8.529   9.915   1.00 45.43 ? 84  GLN A CB  1 
ATOM   458 C CG  . GLN A 1 86  ? 2.990   9.997   9.636   1.00 60.80 ? 84  GLN A CG  1 
ATOM   459 C CD  . GLN A 1 86  ? 1.869   10.873  10.163  1.00 66.34 ? 84  GLN A CD  1 
ATOM   460 O OE1 . GLN A 1 86  ? 1.157   10.484  11.089  1.00 64.65 ? 84  GLN A OE1 1 
ATOM   461 N NE2 . GLN A 1 86  ? 1.694   12.047  9.571   1.00 61.94 ? 84  GLN A NE2 1 
ATOM   462 N N   . ALA A 1 87  ? 2.437   5.493   9.453   1.00 39.64 ? 85  ALA A N   1 
ATOM   463 C CA  . ALA A 1 87  ? 2.083   4.185   9.989   1.00 41.29 ? 85  ALA A CA  1 
ATOM   464 C C   . ALA A 1 87  ? 3.215   3.190   9.773   1.00 32.51 ? 85  ALA A C   1 
ATOM   465 O O   . ALA A 1 87  ? 3.462   2.321   10.609  1.00 34.83 ? 85  ALA A O   1 
ATOM   466 C CB  . ALA A 1 87  ? 0.809   3.690   9.336   1.00 35.84 ? 85  ALA A CB  1 
ATOM   467 N N   . LEU A 1 88  ? 3.900   3.322   8.644   1.00 30.92 ? 86  LEU A N   1 
ATOM   468 C CA  . LEU A 1 88  ? 5.021   2.448   8.327   1.00 27.17 ? 86  LEU A CA  1 
ATOM   469 C C   . LEU A 1 88  ? 6.243   2.782   9.178   1.00 35.71 ? 86  LEU A C   1 
ATOM   470 O O   . LEU A 1 88  ? 6.951   1.892   9.652   1.00 38.03 ? 86  LEU A O   1 
ATOM   471 C CB  . LEU A 1 88  ? 5.379   2.566   6.848   1.00 30.99 ? 86  LEU A CB  1 
ATOM   472 C CG  . LEU A 1 88  ? 4.291   2.065   5.897   1.00 24.40 ? 86  LEU A CG  1 
ATOM   473 C CD1 . LEU A 1 88  ? 4.584   2.493   4.465   1.00 33.01 ? 86  LEU A CD1 1 
ATOM   474 C CD2 . LEU A 1 88  ? 4.169   0.550   6.007   1.00 22.59 ? 86  LEU A CD2 1 
ATOM   475 N N   . LEU A 1 89  ? 6.489   4.072   9.362   1.00 36.01 ? 87  LEU A N   1 
ATOM   476 C CA  . LEU A 1 89  ? 7.639   4.522   10.139  1.00 40.00 ? 87  LEU A CA  1 
ATOM   477 C C   . LEU A 1 89  ? 7.502   4.078   11.589  1.00 50.14 ? 87  LEU A C   1 
ATOM   478 O O   . LEU A 1 89  ? 8.442   3.558   12.189  1.00 56.31 ? 87  LEU A O   1 
ATOM   479 C CB  . LEU A 1 89  ? 7.764   6.042   10.073  1.00 40.44 ? 87  LEU A CB  1 
ATOM   480 C CG  . LEU A 1 89  ? 8.204   6.627   8.733   1.00 49.50 ? 87  LEU A CG  1 
ATOM   481 C CD1 . LEU A 1 89  ? 8.201   8.143   8.798   1.00 52.04 ? 87  LEU A CD1 1 
ATOM   482 C CD2 . LEU A 1 89  ? 9.582   6.103   8.364   1.00 57.23 ? 87  LEU A CD2 1 
ATOM   483 N N   . GLY A 1 90  ? 6.309   4.265   12.139  1.00 48.86 ? 88  GLY A N   1 
ATOM   484 C CA  . GLY A 1 90  ? 6.067   3.992   13.542  1.00 45.85 ? 88  GLY A CA  1 
ATOM   485 C C   . GLY A 1 90  ? 5.525   2.601   13.790  1.00 49.14 ? 88  GLY A C   1 
ATOM   486 O O   . GLY A 1 90  ? 5.108   2.284   14.904  1.00 57.10 ? 88  GLY A O   1 
ATOM   487 N N   . ALA A 1 91  ? 5.537   1.767   12.754  1.00 47.20 ? 89  ALA A N   1 
ATOM   488 C CA  . ALA A 1 91  ? 5.009   0.412   12.860  1.00 47.54 ? 89  ALA A CA  1 
ATOM   489 C C   . ALA A 1 91  ? 3.664   0.437   13.571  1.00 47.46 ? 89  ALA A C   1 
ATOM   490 O O   . ALA A 1 91  ? 3.452   -0.272  14.555  1.00 47.59 ? 89  ALA A O   1 
ATOM   491 C CB  . ALA A 1 91  ? 5.980   -0.475  13.604  1.00 53.03 ? 89  ALA A CB  1 
ATOM   492 N N   . GLU A 1 92  ? 2.760   1.261   13.061  1.00 43.26 ? 90  GLU A N   1 
ATOM   493 C CA  . GLU A 1 92  ? 1.451   1.430   13.665  1.00 44.34 ? 90  GLU A CA  1 
ATOM   494 C C   . GLU A 1 92  ? 0.384   0.841   12.757  1.00 47.36 ? 90  GLU A C   1 
ATOM   495 O O   . GLU A 1 92  ? 0.416   1.031   11.542  1.00 41.93 ? 90  GLU A O   1 
ATOM   496 C CB  . GLU A 1 92  ? 1.173   2.915   13.893  1.00 54.43 ? 90  GLU A CB  1 
ATOM   497 C CG  . GLU A 1 92  ? -0.240  3.225   14.347  1.00 61.80 ? 90  GLU A CG  1 
ATOM   498 C CD  . GLU A 1 92  ? -0.467  4.709   14.539  0.00 63.38 ? 90  GLU A CD  1 
ATOM   499 O OE1 . GLU A 1 92  ? 0.449   5.391   15.044  0.00 66.48 ? 90  GLU A OE1 1 
ATOM   500 O OE2 . GLU A 1 92  ? -1.557  5.196   14.179  0.00 61.87 ? 90  GLU A OE2 1 
ATOM   501 N N   . GLU A 1 93  ? -0.556  0.116   13.349  1.00 40.17 ? 91  GLU A N   1 
ATOM   502 C CA  . GLU A 1 93  ? -1.687  -0.402  12.601  1.00 37.77 ? 91  GLU A CA  1 
ATOM   503 C C   . GLU A 1 93  ? -2.648  0.747   12.330  1.00 44.91 ? 91  GLU A C   1 
ATOM   504 O O   . GLU A 1 93  ? -3.022  1.481   13.244  1.00 38.94 ? 91  GLU A O   1 
ATOM   505 C CB  . GLU A 1 93  ? -2.377  -1.504  13.392  1.00 39.67 ? 91  GLU A CB  1 
ATOM   506 C CG  . GLU A 1 93  ? -3.364  -2.319  12.593  1.00 45.69 ? 91  GLU A CG  1 
ATOM   507 C CD  . GLU A 1 93  ? -3.698  -3.625  13.281  1.00 61.88 ? 91  GLU A CD  1 
ATOM   508 O OE1 . GLU A 1 93  ? -4.778  -4.182  13.013  1.00 61.22 ? 91  GLU A OE1 1 
ATOM   509 O OE2 . GLU A 1 93  ? -2.876  -4.094  14.093  1.00 57.05 ? 91  GLU A OE2 1 
ATOM   510 N N   . ARG A 1 94  ? -3.042  0.913   11.073  1.00 34.58 ? 92  ARG A N   1 
ATOM   511 C CA  . ARG A 1 94  ? -3.788  2.101   10.685  1.00 38.87 ? 92  ARG A CA  1 
ATOM   512 C C   . ARG A 1 94  ? -4.507  1.939   9.357   1.00 30.24 ? 92  ARG A C   1 
ATOM   513 O O   . ARG A 1 94  ? -3.959  1.376   8.409   1.00 28.33 ? 92  ARG A O   1 
ATOM   514 C CB  . ARG A 1 94  ? -2.828  3.283   10.579  1.00 34.36 ? 92  ARG A CB  1 
ATOM   515 C CG  . ARG A 1 94  ? -3.483  4.631   10.752  1.00 51.63 ? 92  ARG A CG  1 
ATOM   516 C CD  . ARG A 1 94  ? -2.431  5.706   10.824  1.00 58.90 ? 92  ARG A CD  1 
ATOM   517 N NE  . ARG A 1 94  ? -3.006  7.018   11.084  1.00 70.44 ? 92  ARG A NE  1 
ATOM   518 C CZ  . ARG A 1 94  ? -2.298  8.140   11.139  1.00 77.83 ? 92  ARG A CZ  1 
ATOM   519 N NH1 . ARG A 1 94  ? -0.983  8.111   10.948  1.00 74.37 ? 92  ARG A NH1 1 
ATOM   520 N NH2 . ARG A 1 94  ? -2.906  9.293   11.383  1.00 77.95 ? 92  ARG A NH2 1 
ATOM   521 N N   . LYS A 1 95  ? -5.734  2.443   9.299   1.00 33.22 ? 93  LYS A N   1 
ATOM   522 C CA  . LYS A 1 95  ? -6.471  2.505   8.046   1.00 32.10 ? 93  LYS A CA  1 
ATOM   523 C C   . LYS A 1 95  ? -6.511  3.940   7.547   1.00 34.39 ? 93  LYS A C   1 
ATOM   524 O O   . LYS A 1 95  ? -6.876  4.856   8.288   1.00 33.32 ? 93  LYS A O   1 
ATOM   525 C CB  . LYS A 1 95  ? -7.894  1.977   8.211   1.00 31.44 ? 93  LYS A CB  1 
ATOM   526 C CG  . LYS A 1 95  ? -7.973  0.562   8.746   1.00 36.22 ? 93  LYS A CG  1 
ATOM   527 C CD  . LYS A 1 95  ? -9.400  0.044   8.728   1.00 35.23 ? 93  LYS A CD  1 
ATOM   528 C CE  . LYS A 1 95  ? -9.490  -1.311  9.397   1.00 46.18 ? 93  LYS A CE  1 
ATOM   529 N NZ  . LYS A 1 95  ? -10.621 -2.122  8.881   1.00 59.65 ? 93  LYS A NZ  1 
ATOM   530 N N   . VAL A 1 96  ? -6.134  4.129   6.287   1.00 26.97 ? 94  VAL A N   1 
ATOM   531 C CA  . VAL A 1 96  ? -6.112  5.447   5.676   1.00 25.83 ? 94  VAL A CA  1 
ATOM   532 C C   . VAL A 1 96  ? -6.807  5.385   4.326   1.00 33.76 ? 94  VAL A C   1 
ATOM   533 O O   . VAL A 1 96  ? -6.501  4.540   3.487   1.00 30.76 ? 94  VAL A O   1 
ATOM   534 C CB  . VAL A 1 96  ? -4.674  5.962   5.478   1.00 23.03 ? 94  VAL A CB  1 
ATOM   535 C CG1 . VAL A 1 96  ? -4.680  7.336   4.811   1.00 28.76 ? 94  VAL A CG1 1 
ATOM   536 C CG2 . VAL A 1 96  ? -3.950  6.011   6.808   1.00 31.18 ? 94  VAL A CG2 1 
ATOM   537 N N   . GLU A 1 97  ? -7.747  6.294   4.122   1.00 30.34 ? 95  GLU A N   1 
ATOM   538 C CA  . GLU A 1 97  ? -8.502  6.337   2.879   1.00 34.18 ? 95  GLU A CA  1 
ATOM   539 C C   . GLU A 1 97  ? -7.914  7.413   1.981   1.00 35.85 ? 95  GLU A C   1 
ATOM   540 O O   . GLU A 1 97  ? -7.779  8.566   2.386   1.00 33.88 ? 95  GLU A O   1 
ATOM   541 C CB  . GLU A 1 97  ? -9.981  6.592   3.168   1.00 39.68 ? 95  GLU A CB  1 
ATOM   542 C CG  . GLU A 1 97  ? -10.844 6.798   1.938   1.00 52.70 ? 95  GLU A CG  1 
ATOM   543 C CD  . GLU A 1 97  ? -12.284 7.128   2.291   1.00 44.17 ? 95  GLU A CD  1 
ATOM   544 O OE1 . GLU A 1 97  ? -12.959 6.271   2.896   1.00 42.51 ? 95  GLU A OE1 1 
ATOM   545 O OE2 . GLU A 1 97  ? -12.735 8.245   1.968   1.00 50.33 ? 95  GLU A OE2 1 
ATOM   546 N N   . ILE A 1 98  ? -7.565  7.025   0.758   1.00 32.93 ? 96  ILE A N   1 
ATOM   547 C CA  . ILE A 1 98  ? -6.767  7.872   -0.115  1.00 30.68 ? 96  ILE A CA  1 
ATOM   548 C C   . ILE A 1 98  ? -7.154  7.650   -1.572  1.00 32.74 ? 96  ILE A C   1 
ATOM   549 O O   . ILE A 1 98  ? -7.540  6.549   -1.959  1.00 32.34 ? 96  ILE A O   1 
ATOM   550 C CB  . ILE A 1 98  ? -5.264  7.564   0.077   1.00 28.23 ? 96  ILE A CB  1 
ATOM   551 C CG1 . ILE A 1 98  ? -4.388  8.539   -0.713  1.00 29.54 ? 96  ILE A CG1 1 
ATOM   552 C CG2 . ILE A 1 98  ? -4.956  6.121   -0.319  1.00 28.55 ? 96  ILE A CG2 1 
ATOM   553 C CD1 . ILE A 1 98  ? -2.907  8.421   -0.370  1.00 29.41 ? 96  ILE A CD1 1 
ATOM   554 N N   . ALA A 1 99  ? -7.058  8.701   -2.378  1.00 32.21 ? 97  ALA A N   1 
ATOM   555 C CA  . ALA A 1 99  ? -7.381  8.592   -3.793  1.00 30.50 ? 97  ALA A CA  1 
ATOM   556 C C   . ALA A 1 99  ? -6.171  8.091   -4.576  1.00 38.46 ? 97  ALA A C   1 
ATOM   557 O O   . ALA A 1 99  ? -5.082  8.658   -4.493  1.00 34.06 ? 97  ALA A O   1 
ATOM   558 C CB  . ALA A 1 99  ? -7.864  9.928   -4.337  1.00 35.01 ? 97  ALA A CB  1 
ATOM   559 N N   . PHE A 1 100 ? -6.375  7.016   -5.329  1.00 33.32 ? 98  PHE A N   1 
ATOM   560 C CA  . PHE A 1 100 ? -5.305  6.375   -6.085  1.00 31.34 ? 98  PHE A CA  1 
ATOM   561 C C   . PHE A 1 100 ? -5.671  6.353   -7.561  1.00 36.34 ? 98  PHE A C   1 
ATOM   562 O O   . PHE A 1 100 ? -6.825  6.582   -7.920  1.00 35.33 ? 98  PHE A O   1 
ATOM   563 C CB  . PHE A 1 100 ? -5.106  4.932   -5.617  1.00 26.41 ? 98  PHE A CB  1 
ATOM   564 C CG  . PHE A 1 100 ? -4.239  4.781   -4.392  1.00 26.16 ? 98  PHE A CG  1 
ATOM   565 C CD1 . PHE A 1 100 ? -3.344  5.766   -3.995  1.00 28.60 ? 98  PHE A CD1 1 
ATOM   566 C CD2 . PHE A 1 100 ? -4.320  3.622   -3.642  1.00 24.05 ? 98  PHE A CD2 1 
ATOM   567 C CE1 . PHE A 1 100 ? -2.558  5.588   -2.865  1.00 23.85 ? 98  PHE A CE1 1 
ATOM   568 C CE2 . PHE A 1 100 ? -3.540  3.441   -2.520  1.00 23.03 ? 98  PHE A CE2 1 
ATOM   569 C CZ  . PHE A 1 100 ? -2.658  4.424   -2.129  1.00 28.00 ? 98  PHE A CZ  1 
ATOM   570 N N   . TYR A 1 101 ? -4.690  6.059   -8.411  1.00 29.45 ? 99  TYR A N   1 
ATOM   571 C CA  . TYR A 1 101 ? -4.916  6.005   -9.846  1.00 33.38 ? 99  TYR A CA  1 
ATOM   572 C C   . TYR A 1 101 ? -4.392  4.715   -10.476 1.00 37.94 ? 99  TYR A C   1 
ATOM   573 O O   . TYR A 1 101 ? -3.249  4.319   -10.250 1.00 33.37 ? 99  TYR A O   1 
ATOM   574 C CB  . TYR A 1 101 ? -4.268  7.219   -10.509 1.00 35.59 ? 99  TYR A CB  1 
ATOM   575 C CG  . TYR A 1 101 ? -4.937  8.512   -10.119 1.00 42.79 ? 99  TYR A CG  1 
ATOM   576 C CD1 . TYR A 1 101 ? -4.682  9.102   -8.890  1.00 39.68 ? 99  TYR A CD1 1 
ATOM   577 C CD2 . TYR A 1 101 ? -5.839  9.131   -10.970 1.00 41.04 ? 99  TYR A CD2 1 
ATOM   578 C CE1 . TYR A 1 101 ? -5.302  10.277  -8.524  1.00 39.88 ? 99  TYR A CE1 1 
ATOM   579 C CE2 . TYR A 1 101 ? -6.461  10.303  -10.614 1.00 40.71 ? 99  TYR A CE2 1 
ATOM   580 C CZ  . TYR A 1 101 ? -6.189  10.873  -9.391  1.00 35.86 ? 99  TYR A CZ  1 
ATOM   581 O OH  . TYR A 1 101 ? -6.812  12.046  -9.038  1.00 39.96 ? 99  TYR A OH  1 
ATOM   582 N N   . ARG A 1 102 ? -5.242  4.064   -11.264 1.00 32.92 ? 100 ARG A N   1 
ATOM   583 C CA  . ARG A 1 102 ? -4.825  2.888   -12.015 1.00 36.03 ? 100 ARG A CA  1 
ATOM   584 C C   . ARG A 1 102 ? -3.914  3.311   -13.158 1.00 39.14 ? 100 ARG A C   1 
ATOM   585 O O   . ARG A 1 102 ? -3.825  4.490   -13.495 1.00 40.03 ? 100 ARG A O   1 
ATOM   586 C CB  . ARG A 1 102 ? -6.030  2.138   -12.582 1.00 38.37 ? 100 ARG A CB  1 
ATOM   587 C CG  . ARG A 1 102 ? -7.079  1.772   -11.552 1.00 34.29 ? 100 ARG A CG  1 
ATOM   588 C CD  . ARG A 1 102 ? -8.165  0.889   -12.143 1.00 39.09 ? 100 ARG A CD  1 
ATOM   589 N NE  . ARG A 1 102 ? -9.075  0.421   -11.103 1.00 40.22 ? 100 ARG A NE  1 
ATOM   590 C CZ  . ARG A 1 102 ? -10.116 1.113   -10.652 1.00 43.69 ? 100 ARG A CZ  1 
ATOM   591 N NH1 . ARG A 1 102 ? -10.394 2.310   -11.152 1.00 44.34 ? 100 ARG A NH1 1 
ATOM   592 N NH2 . ARG A 1 102 ? -10.883 0.609   -9.695  1.00 38.68 ? 100 ARG A NH2 1 
ATOM   593 N N   . LYS A 1 103 ? -3.245  2.334   -13.755 1.00 36.75 ? 101 LYS A N   1 
ATOM   594 C CA  . LYS A 1 103 ? -2.348  2.590   -14.873 1.00 37.65 ? 101 LYS A CA  1 
ATOM   595 C C   . LYS A 1 103 ? -3.053  3.350   -15.996 1.00 43.33 ? 101 LYS A C   1 
ATOM   596 O O   . LYS A 1 103 ? -2.442  4.179   -16.671 1.00 47.16 ? 101 LYS A O   1 
ATOM   597 C CB  . LYS A 1 103 ? -1.798  1.269   -15.410 1.00 41.96 ? 101 LYS A CB  1 
ATOM   598 C CG  . LYS A 1 103 ? -0.685  1.426   -16.427 1.00 50.63 ? 101 LYS A CG  1 
ATOM   599 C CD  . LYS A 1 103 ? -0.061  0.082   -16.755 1.00 56.57 ? 101 LYS A CD  1 
ATOM   600 C CE  . LYS A 1 103 ? 1.451   0.154   -16.733 1.00 57.14 ? 101 LYS A CE  1 
ATOM   601 N NZ  . LYS A 1 103 ? 2.061   -1.197  -16.748 1.00 59.33 ? 101 LYS A NZ  1 
ATOM   602 N N   . ASP A 1 104 ? -4.339  3.071   -16.187 1.00 40.66 ? 102 ASP A N   1 
ATOM   603 C CA  . ASP A 1 104 ? -5.105  3.685   -17.269 1.00 42.93 ? 102 ASP A CA  1 
ATOM   604 C C   . ASP A 1 104 ? -5.626  5.079   -16.916 1.00 44.36 ? 102 ASP A C   1 
ATOM   605 O O   . ASP A 1 104 ? -6.348  5.694   -17.703 1.00 46.70 ? 102 ASP A O   1 
ATOM   606 C CB  . ASP A 1 104 ? -6.274  2.782   -17.673 1.00 47.62 ? 102 ASP A CB  1 
ATOM   607 C CG  . ASP A 1 104 ? -7.366  2.731   -16.620 1.00 51.46 ? 102 ASP A CG  1 
ATOM   608 O OD1 . ASP A 1 104 ? -7.135  3.225   -15.498 1.00 51.07 ? 102 ASP A OD1 1 
ATOM   609 O OD2 . ASP A 1 104 ? -8.456  2.192   -16.915 1.00 50.57 ? 102 ASP A OD2 1 
ATOM   610 N N   . GLY A 1 105 ? -5.266  5.572   -15.735 1.00 39.50 ? 103 GLY A N   1 
ATOM   611 C CA  . GLY A 1 105 ? -5.606  6.928   -15.343 1.00 46.02 ? 103 GLY A CA  1 
ATOM   612 C C   . GLY A 1 105 ? -6.878  7.067   -14.528 1.00 51.00 ? 103 GLY A C   1 
ATOM   613 O O   . GLY A 1 105 ? -7.148  8.140   -13.989 1.00 45.43 ? 103 GLY A O   1 
ATOM   614 N N   . SER A 1 106 ? -7.664  5.999   -14.430 1.00 47.49 ? 104 SER A N   1 
ATOM   615 C CA  . SER A 1 106 ? -8.902  6.055   -13.664 1.00 39.80 ? 104 SER A CA  1 
ATOM   616 C C   . SER A 1 106 ? -8.590  6.226   -12.181 1.00 39.06 ? 104 SER A C   1 
ATOM   617 O O   . SER A 1 106 ? -7.644  5.635   -11.661 1.00 42.73 ? 104 SER A O   1 
ATOM   618 C CB  . SER A 1 106 ? -9.746  4.801   -13.889 1.00 48.36 ? 104 SER A CB  1 
ATOM   619 O OG  . SER A 1 106 ? -9.066  3.641   -13.445 1.00 48.57 ? 104 SER A OG  1 
ATOM   620 N N   . CYS A 1 107 ? -9.400  7.036   -11.509 1.00 46.17 ? 105 CYS A N   1 
ATOM   621 C CA  . CYS A 1 107 ? -9.208  7.327   -10.098 1.00 43.35 ? 105 CYS A CA  1 
ATOM   622 C C   . CYS A 1 107 ? -10.126 6.462   -9.258  1.00 45.76 ? 105 CYS A C   1 
ATOM   623 O O   . CYS A 1 107 ? -11.290 6.257   -9.603  1.00 42.05 ? 105 CYS A O   1 
ATOM   624 C CB  . CYS A 1 107 ? -9.506  8.797   -9.806  1.00 42.46 ? 105 CYS A CB  1 
ATOM   625 S SG  . CYS A 1 107 ? -9.236  9.268   -8.082  1.00 41.60 ? 105 CYS A SG  1 
ATOM   626 N N   . PHE A 1 108 ? -9.599  5.948   -8.156  1.00 40.51 ? 106 PHE A N   1 
ATOM   627 C CA  . PHE A 1 108 ? -10.426 5.232   -7.201  1.00 40.19 ? 106 PHE A CA  1 
ATOM   628 C C   . PHE A 1 108 ? -10.042 5.589   -5.775  1.00 36.89 ? 106 PHE A C   1 
ATOM   629 O O   . PHE A 1 108 ? -8.864  5.664   -5.430  1.00 40.37 ? 106 PHE A O   1 
ATOM   630 C CB  . PHE A 1 108 ? -10.363 3.717   -7.430  1.00 37.42 ? 106 PHE A CB  1 
ATOM   631 C CG  . PHE A 1 108 ? -9.023  3.102   -7.145  1.00 40.46 ? 106 PHE A CG  1 
ATOM   632 C CD1 . PHE A 1 108 ? -8.024  3.108   -8.104  1.00 38.52 ? 106 PHE A CD1 1 
ATOM   633 C CD2 . PHE A 1 108 ? -8.776  2.483   -5.928  1.00 32.70 ? 106 PHE A CD2 1 
ATOM   634 C CE1 . PHE A 1 108 ? -6.795  2.527   -7.848  1.00 31.55 ? 106 PHE A CE1 1 
ATOM   635 C CE2 . PHE A 1 108 ? -7.549  1.899   -5.668  1.00 31.02 ? 106 PHE A CE2 1 
ATOM   636 C CZ  . PHE A 1 108 ? -6.559  1.922   -6.628  1.00 30.40 ? 106 PHE A CZ  1 
ATOM   637 N N   . LEU A 1 109 ? -11.059 5.835   -4.961  1.00 37.79 ? 107 LEU A N   1 
ATOM   638 C CA  . LEU A 1 109 ? -10.872 6.115   -3.551  1.00 38.56 ? 107 LEU A CA  1 
ATOM   639 C C   . LEU A 1 109 ? -10.592 4.788   -2.872  1.00 34.10 ? 107 LEU A C   1 
ATOM   640 O O   . LEU A 1 109 ? -11.369 3.843   -3.000  1.00 35.25 ? 107 LEU A O   1 
ATOM   641 C CB  . LEU A 1 109 ? -12.131 6.761   -2.986  1.00 44.87 ? 107 LEU A CB  1 
ATOM   642 C CG  . LEU A 1 109 ? -12.115 7.188   -1.525  1.00 57.11 ? 107 LEU A CG  1 
ATOM   643 C CD1 . LEU A 1 109 ? -10.989 8.168   -1.254  1.00 59.79 ? 107 LEU A CD1 1 
ATOM   644 C CD2 . LEU A 1 109 ? -13.458 7.799   -1.180  1.00 60.07 ? 107 LEU A CD2 1 
ATOM   645 N N   . CYS A 1 110 ? -9.476  4.713   -2.161  1.00 32.78 ? 108 CYS A N   1 
ATOM   646 C CA  . CYS A 1 110 ? -8.997  3.440   -1.644  1.00 33.32 ? 108 CYS A CA  1 
ATOM   647 C C   . CYS A 1 110 ? -8.772  3.485   -0.142  1.00 32.86 ? 108 CYS A C   1 
ATOM   648 O O   . CYS A 1 110 ? -8.132  4.401   0.367   1.00 31.68 ? 108 CYS A O   1 
ATOM   649 C CB  . CYS A 1 110 ? -7.693  3.059   -2.341  1.00 26.94 ? 108 CYS A CB  1 
ATOM   650 S SG  . CYS A 1 110 ? -7.060  1.446   -1.870  1.00 27.83 ? 108 CYS A SG  1 
ATOM   651 N N   . LEU A 1 111 ? -9.302  2.491   0.562   1.00 30.83 ? 109 LEU A N   1 
ATOM   652 C CA  . LEU A 1 111 ? -9.003  2.329   1.977   1.00 27.68 ? 109 LEU A CA  1 
ATOM   653 C C   . LEU A 1 111 ? -7.778  1.438   2.115   1.00 23.86 ? 109 LEU A C   1 
ATOM   654 O O   . LEU A 1 111 ? -7.826  0.244   1.817   1.00 31.28 ? 109 LEU A O   1 
ATOM   655 C CB  . LEU A 1 111 ? -10.186 1.726   2.736   1.00 33.39 ? 109 LEU A CB  1 
ATOM   656 C CG  . LEU A 1 111 ? -10.002 1.626   4.256   1.00 30.91 ? 109 LEU A CG  1 
ATOM   657 C CD1 . LEU A 1 111 ? -9.854  3.000   4.903   1.00 29.47 ? 109 LEU A CD1 1 
ATOM   658 C CD2 . LEU A 1 111 ? -11.161 0.870   4.880   1.00 33.07 ? 109 LEU A CD2 1 
ATOM   659 N N   . VAL A 1 112 ? -6.678  2.039   2.553   1.00 25.36 ? 110 VAL A N   1 
ATOM   660 C CA  . VAL A 1 112 ? -5.434  1.316   2.758   1.00 23.99 ? 110 VAL A CA  1 
ATOM   661 C C   . VAL A 1 112 ? -5.321  0.900   4.211   1.00 28.49 ? 110 VAL A C   1 
ATOM   662 O O   . VAL A 1 112 ? -5.403  1.725   5.120   1.00 26.92 ? 110 VAL A O   1 
ATOM   663 C CB  . VAL A 1 112 ? -4.218  2.170   2.385   1.00 26.35 ? 110 VAL A CB  1 
ATOM   664 C CG1 . VAL A 1 112 ? -2.934  1.372   2.575   1.00 23.91 ? 110 VAL A CG1 1 
ATOM   665 C CG2 . VAL A 1 112 ? -4.353  2.663   0.955   1.00 24.88 ? 110 VAL A CG2 1 
ATOM   666 N N   . ASP A 1 113 ? -5.125  -0.393  4.417   1.00 24.29 ? 111 ASP A N   1 
ATOM   667 C CA  . ASP A 1 113 ? -5.098  -0.976  5.745   1.00 24.91 ? 111 ASP A CA  1 
ATOM   668 C C   . ASP A 1 113 ? -3.674  -1.451  6.031   1.00 23.12 ? 111 ASP A C   1 
ATOM   669 O O   . ASP A 1 113 ? -3.244  -2.483  5.514   1.00 23.84 ? 111 ASP A O   1 
ATOM   670 C CB  . ASP A 1 113 ? -6.100  -2.132  5.795   1.00 32.66 ? 111 ASP A CB  1 
ATOM   671 C CG  . ASP A 1 113 ? -6.110  -2.854  7.123   1.00 38.65 ? 111 ASP A CG  1 
ATOM   672 O OD1 . ASP A 1 113 ? -5.658  -2.279  8.135   1.00 32.24 ? 111 ASP A OD1 1 
ATOM   673 O OD2 . ASP A 1 113 ? -6.596  -4.002  7.150   1.00 41.98 ? 111 ASP A OD2 1 
ATOM   674 N N   . VAL A 1 114 ? -2.937  -0.687  6.837   1.00 22.44 ? 112 VAL A N   1 
ATOM   675 C CA  . VAL A 1 114 ? -1.538  -1.002  7.119   1.00 21.15 ? 112 VAL A CA  1 
ATOM   676 C C   . VAL A 1 114 ? -1.442  -1.896  8.346   1.00 28.72 ? 112 VAL A C   1 
ATOM   677 O O   . VAL A 1 114 ? -1.852  -1.514  9.445   1.00 25.86 ? 112 VAL A O   1 
ATOM   678 C CB  . VAL A 1 114 ? -0.678  0.261   7.355   1.00 25.30 ? 112 VAL A CB  1 
ATOM   679 C CG1 . VAL A 1 114 ? 0.791   -0.121  7.551   1.00 28.84 ? 112 VAL A CG1 1 
ATOM   680 C CG2 . VAL A 1 114 ? -0.815  1.228   6.195   1.00 23.35 ? 112 VAL A CG2 1 
ATOM   681 N N   . VAL A 1 115 ? -0.888  -3.085  8.155   1.00 23.98 ? 113 VAL A N   1 
ATOM   682 C CA  . VAL A 1 115 ? -0.825  -4.069  9.224   1.00 24.97 ? 113 VAL A CA  1 
ATOM   683 C C   . VAL A 1 115 ? 0.610   -4.506  9.482   1.00 24.10 ? 113 VAL A C   1 
ATOM   684 O O   . VAL A 1 115 ? 1.172   -5.292  8.719   1.00 25.15 ? 113 VAL A O   1 
ATOM   685 C CB  . VAL A 1 115 ? -1.677  -5.305  8.890   1.00 25.54 ? 113 VAL A CB  1 
ATOM   686 C CG1 . VAL A 1 115 ? -1.654  -6.296  10.043  1.00 27.06 ? 113 VAL A CG1 1 
ATOM   687 C CG2 . VAL A 1 115 ? -3.100  -4.884  8.571   1.00 31.85 ? 113 VAL A CG2 1 
ATOM   688 N N   . PRO A 1 116 ? 1.212   -3.994  10.565  1.00 25.91 ? 114 PRO A N   1 
ATOM   689 C CA  . PRO A 1 116 ? 2.558   -4.420  10.948  1.00 27.30 ? 114 PRO A CA  1 
ATOM   690 C C   . PRO A 1 116 ? 2.527   -5.833  11.508  1.00 29.22 ? 114 PRO A C   1 
ATOM   691 O O   . PRO A 1 116 ? 1.609   -6.181  12.251  1.00 26.91 ? 114 PRO A O   1 
ATOM   692 C CB  . PRO A 1 116 ? 2.951   -3.427  12.052  1.00 34.77 ? 114 PRO A CB  1 
ATOM   693 C CG  . PRO A 1 116 ? 1.869   -2.381  12.079  1.00 39.16 ? 114 PRO A CG  1 
ATOM   694 C CD  . PRO A 1 116 ? 0.653   -3.034  11.526  1.00 31.47 ? 114 PRO A CD  1 
ATOM   695 N N   . VAL A 1 117 ? 3.515   -6.639  11.143  1.00 26.05 ? 115 VAL A N   1 
ATOM   696 C CA  . VAL A 1 117 ? 3.632   -7.991  11.670  1.00 26.51 ? 115 VAL A CA  1 
ATOM   697 C C   . VAL A 1 117 ? 4.944   -8.094  12.436  1.00 30.06 ? 115 VAL A C   1 
ATOM   698 O O   . VAL A 1 117 ? 6.022   -8.050  11.845  1.00 32.58 ? 115 VAL A O   1 
ATOM   699 C CB  . VAL A 1 117 ? 3.596   -9.033  10.539  1.00 28.19 ? 115 VAL A CB  1 
ATOM   700 C CG1 . VAL A 1 117 ? 3.725   -10.441 11.099  1.00 33.41 ? 115 VAL A CG1 1 
ATOM   701 C CG2 . VAL A 1 117 ? 2.312   -8.891  9.727   1.00 29.30 ? 115 VAL A CG2 1 
ATOM   702 N N   . LYS A 1 118 ? 4.844   -8.217  13.756  1.00 37.15 ? 116 LYS A N   1 
ATOM   703 C CA  . LYS A 1 118 ? 6.018   -8.229  14.620  1.00 37.31 ? 116 LYS A CA  1 
ATOM   704 C C   . LYS A 1 118 ? 6.316   -9.644  15.093  1.00 40.89 ? 116 LYS A C   1 
ATOM   705 O O   . LYS A 1 118 ? 5.419   -10.486 15.152  1.00 35.54 ? 116 LYS A O   1 
ATOM   706 C CB  . LYS A 1 118 ? 5.794   -7.330  15.837  1.00 36.89 ? 116 LYS A CB  1 
ATOM   707 C CG  . LYS A 1 118 ? 5.313   -5.924  15.514  1.00 44.91 ? 116 LYS A CG  1 
ATOM   708 C CD  . LYS A 1 118 ? 5.188   -5.082  16.778  1.00 55.41 ? 116 LYS A CD  1 
ATOM   709 C CE  . LYS A 1 118 ? 4.218   -3.921  16.593  1.00 63.38 ? 116 LYS A CE  1 
ATOM   710 N NZ  . LYS A 1 118 ? 4.719   -2.871  15.663  1.00 66.06 ? 116 LYS A NZ  1 
ATOM   711 N N   . ASN A 1 119 ? 7.572   -9.908  15.439  1.00 38.63 ? 117 ASN A N   1 
ATOM   712 C CA  . ASN A 1 119 ? 7.925   -11.205 16.011  1.00 56.79 ? 117 ASN A CA  1 
ATOM   713 C C   . ASN A 1 119 ? 7.769   -11.216 17.526  1.00 54.81 ? 117 ASN A C   1 
ATOM   714 O O   . ASN A 1 119 ? 7.280   -10.255 18.120  1.00 47.36 ? 117 ASN A O   1 
ATOM   715 C CB  . ASN A 1 119 ? 9.342   -11.642 15.611  1.00 58.61 ? 117 ASN A CB  1 
ATOM   716 C CG  . ASN A 1 119 ? 10.420  -10.698 16.109  1.00 58.43 ? 117 ASN A CG  1 
ATOM   717 O OD1 . ASN A 1 119 ? 10.193  -9.882  17.004  1.00 54.67 ? 117 ASN A OD1 1 
ATOM   718 N ND2 . ASN A 1 119 ? 11.616  -10.822 15.539  1.00 68.76 ? 117 ASN A ND2 1 
ATOM   719 N N   . GLU A 1 120 ? 8.185   -12.317 18.141  1.00 61.96 ? 118 GLU A N   1 
ATOM   720 C CA  . GLU A 1 120 ? 8.050   -12.507 19.575  1.00 70.32 ? 118 GLU A CA  1 
ATOM   721 C C   . GLU A 1 120 ? 8.761   -11.394 20.334  1.00 79.64 ? 118 GLU A C   1 
ATOM   722 O O   . GLU A 1 120 ? 8.236   -10.867 21.314  1.00 80.47 ? 118 GLU A O   1 
ATOM   723 C CB  . GLU A 1 120 ? 8.642   -13.860 19.975  1.00 76.63 ? 118 GLU A CB  1 
ATOM   724 C CG  . GLU A 1 120 ? 8.127   -15.036 19.150  0.00 76.19 ? 118 GLU A CG  1 
ATOM   725 C CD  . GLU A 1 120 ? 7.012   -15.800 19.833  1.00 76.32 ? 118 GLU A CD  1 
ATOM   726 O OE1 . GLU A 1 120 ? 6.837   -16.997 19.521  1.00 73.10 ? 118 GLU A OE1 1 
ATOM   727 O OE2 . GLU A 1 120 ? 6.311   -15.208 20.679  1.00 81.33 ? 118 GLU A OE2 1 
ATOM   728 N N   . ASP A 1 121 ? 9.957   -11.036 19.874  1.00 78.49 ? 119 ASP A N   1 
ATOM   729 C CA  . ASP A 1 121 ? 10.748  -9.998  20.527  1.00 73.46 ? 119 ASP A CA  1 
ATOM   730 C C   . ASP A 1 121 ? 10.039  -8.649  20.489  1.00 67.73 ? 119 ASP A C   1 
ATOM   731 O O   . ASP A 1 121 ? 10.146  -7.859  21.425  1.00 71.07 ? 119 ASP A O   1 
ATOM   732 C CB  . ASP A 1 121 ? 12.126  -9.880  19.871  1.00 71.79 ? 119 ASP A CB  1 
ATOM   733 C CG  . ASP A 1 121 ? 12.933  -11.158 19.980  0.00 79.19 ? 119 ASP A CG  1 
ATOM   734 O OD1 . ASP A 1 121 ? 12.731  -11.908 20.958  0.00 82.23 ? 119 ASP A OD1 1 
ATOM   735 O OD2 . ASP A 1 121 ? 13.771  -11.413 19.089  0.00 81.58 ? 119 ASP A OD2 1 
ATOM   736 N N   . GLY A 1 122 ? 9.315   -8.387  19.404  1.00 59.23 ? 120 GLY A N   1 
ATOM   737 C CA  . GLY A 1 122 ? 8.589   -7.137  19.260  1.00 56.25 ? 120 GLY A CA  1 
ATOM   738 C C   . GLY A 1 122 ? 9.066   -6.303  18.084  1.00 60.11 ? 120 GLY A C   1 
ATOM   739 O O   . GLY A 1 122 ? 8.605   -5.179  17.878  1.00 57.33 ? 120 GLY A O   1 
ATOM   740 N N   . ALA A 1 123 ? 9.999   -6.851  17.311  1.00 57.65 ? 121 ALA A N   1 
ATOM   741 C CA  . ALA A 1 123 ? 10.499  -6.177  16.122  1.00 55.41 ? 121 ALA A CA  1 
ATOM   742 C C   . ALA A 1 123 ? 9.533   -6.416  14.973  1.00 45.42 ? 121 ALA A C   1 
ATOM   743 O O   . ALA A 1 123 ? 8.953   -7.496  14.855  1.00 45.33 ? 121 ALA A O   1 
ATOM   744 C CB  . ALA A 1 123 ? 11.884  -6.688  15.759  1.00 64.60 ? 121 ALA A CB  1 
ATOM   745 N N   . VAL A 1 124 ? 9.361   -5.408  14.127  1.00 40.68 ? 122 VAL A N   1 
ATOM   746 C CA  . VAL A 1 124 ? 8.489   -5.543  12.972  1.00 39.13 ? 122 VAL A CA  1 
ATOM   747 C C   . VAL A 1 124 ? 9.270   -6.212  11.856  1.00 40.51 ? 122 VAL A C   1 
ATOM   748 O O   . VAL A 1 124 ? 10.354  -5.762  11.487  1.00 39.01 ? 122 VAL A O   1 
ATOM   749 C CB  . VAL A 1 124 ? 7.977   -4.187  12.476  1.00 41.85 ? 122 VAL A CB  1 
ATOM   750 C CG1 . VAL A 1 124 ? 6.864   -4.386  11.452  1.00 31.23 ? 122 VAL A CG1 1 
ATOM   751 C CG2 . VAL A 1 124 ? 7.487   -3.352  13.638  1.00 55.60 ? 122 VAL A CG2 1 
ATOM   752 N N   . ILE A 1 125 ? 8.719   -7.294  11.321  1.00 37.14 ? 123 ILE A N   1 
ATOM   753 C CA  . ILE A 1 125 ? 9.407   -8.063  10.297  1.00 40.27 ? 123 ILE A CA  1 
ATOM   754 C C   . ILE A 1 125 ? 8.890   -7.708  8.916   1.00 46.11 ? 123 ILE A C   1 
ATOM   755 O O   . ILE A 1 125 ? 9.657   -7.616  7.958   1.00 40.98 ? 123 ILE A O   1 
ATOM   756 C CB  . ILE A 1 125 ? 9.234   -9.569  10.523  1.00 43.78 ? 123 ILE A CB  1 
ATOM   757 C CG1 . ILE A 1 125 ? 9.708   -9.936  11.930  1.00 50.15 ? 123 ILE A CG1 1 
ATOM   758 C CG2 . ILE A 1 125 ? 9.995   -10.340 9.462   1.00 49.92 ? 123 ILE A CG2 1 
ATOM   759 C CD1 . ILE A 1 125 ? 11.098  -9.429  12.251  1.00 54.13 ? 123 ILE A CD1 1 
ATOM   760 N N   . MET A 1 126 ? 7.584   -7.503  8.818   1.00 34.02 ? 124 MET A N   1 
ATOM   761 C CA  . MET A 1 126 ? 6.987   -7.127  7.552   1.00 30.19 ? 124 MET A CA  1 
ATOM   762 C C   . MET A 1 126 ? 5.673   -6.409  7.774   1.00 29.39 ? 124 MET A C   1 
ATOM   763 O O   . MET A 1 126 ? 5.153   -6.378  8.888   1.00 26.69 ? 124 MET A O   1 
ATOM   764 C CB  . MET A 1 126 ? 6.770   -8.370  6.687   1.00 34.72 ? 124 MET A CB  1 
ATOM   765 C CG  . MET A 1 126 ? 5.713   -9.332  7.205   1.00 39.30 ? 124 MET A CG  1 
ATOM   766 S SD  . MET A 1 126 ? 5.808   -10.929 6.377   1.00 41.36 ? 124 MET A SD  1 
ATOM   767 C CE  . MET A 1 126 ? 4.340   -11.728 7.001   1.00 51.86 ? 124 MET A CE  1 
ATOM   768 N N   . PHE A 1 127 ? 5.147   -5.827  6.704   1.00 22.56 ? 125 PHE A N   1 
ATOM   769 C CA  . PHE A 1 127 ? 3.840   -5.204  6.737   1.00 23.30 ? 125 PHE A CA  1 
ATOM   770 C C   . PHE A 1 127 ? 2.971   -5.902  5.721   1.00 24.64 ? 125 PHE A C   1 
ATOM   771 O O   . PHE A 1 127 ? 3.415   -6.219  4.618   1.00 24.94 ? 125 PHE A O   1 
ATOM   772 C CB  . PHE A 1 127 ? 3.907   -3.731  6.346   1.00 21.01 ? 125 PHE A CB  1 
ATOM   773 C CG  . PHE A 1 127 ? 4.571   -2.854  7.356   1.00 29.07 ? 125 PHE A CG  1 
ATOM   774 C CD1 . PHE A 1 127 ? 3.851   -2.320  8.409   1.00 29.42 ? 125 PHE A CD1 1 
ATOM   775 C CD2 . PHE A 1 127 ? 5.911   -2.537  7.234   1.00 31.32 ? 125 PHE A CD2 1 
ATOM   776 C CE1 . PHE A 1 127 ? 4.461   -1.502  9.333   1.00 29.20 ? 125 PHE A CE1 1 
ATOM   777 C CE2 . PHE A 1 127 ? 6.526   -1.720  8.156   1.00 36.80 ? 125 PHE A CE2 1 
ATOM   778 C CZ  . PHE A 1 127 ? 5.802   -1.201  9.207   1.00 33.26 ? 125 PHE A CZ  1 
ATOM   779 N N   . ILE A 1 128 ? 1.724   -6.135  6.090   1.00 23.49 ? 126 ILE A N   1 
ATOM   780 C CA  . ILE A 1 128 ? 0.717   -6.484  5.115   1.00 23.74 ? 126 ILE A CA  1 
ATOM   781 C C   . ILE A 1 128 ? -0.118  -5.235  4.897   1.00 22.93 ? 126 ILE A C   1 
ATOM   782 O O   . ILE A 1 128 ? -0.570  -4.606  5.850   1.00 24.43 ? 126 ILE A O   1 
ATOM   783 C CB  . ILE A 1 128 ? -0.165  -7.630  5.602   1.00 22.48 ? 126 ILE A CB  1 
ATOM   784 C CG1 . ILE A 1 128 ? 0.688   -8.880  5.828   1.00 20.21 ? 126 ILE A CG1 1 
ATOM   785 C CG2 . ILE A 1 128 ? -1.266  -7.909  4.590   1.00 30.43 ? 126 ILE A CG2 1 
ATOM   786 C CD1 . ILE A 1 128 ? 0.017   -9.930  6.671   1.00 21.34 ? 126 ILE A CD1 1 
ATOM   787 N N   . LEU A 1 129 ? -0.290  -4.853  3.640   1.00 21.05 ? 127 LEU A N   1 
ATOM   788 C CA  . LEU A 1 129 ? -1.178  -3.753  3.316   1.00 19.97 ? 127 LEU A CA  1 
ATOM   789 C C   . LEU A 1 129 ? -2.335  -4.266  2.487   1.00 20.02 ? 127 LEU A C   1 
ATOM   790 O O   . LEU A 1 129 ? -2.132  -4.818  1.408   1.00 22.49 ? 127 LEU A O   1 
ATOM   791 C CB  . LEU A 1 129 ? -0.443  -2.648  2.556   1.00 18.09 ? 127 LEU A CB  1 
ATOM   792 C CG  . LEU A 1 129 ? 0.396   -1.681  3.397   1.00 21.55 ? 127 LEU A CG  1 
ATOM   793 C CD1 . LEU A 1 129 ? 1.650   -2.362  3.919   1.00 33.59 ? 127 LEU A CD1 1 
ATOM   794 C CD2 . LEU A 1 129 ? 0.762   -0.438  2.595   1.00 22.07 ? 127 LEU A CD2 1 
ATOM   795 N N   . ASN A 1 130 ? -3.549  -4.090  2.998   1.00 22.05 ? 128 ASN A N   1 
ATOM   796 C CA  . ASN A 1 130 ? -4.743  -4.450  2.254   1.00 23.44 ? 128 ASN A CA  1 
ATOM   797 C C   . ASN A 1 130 ? -5.345  -3.221  1.600   1.00 23.91 ? 128 ASN A C   1 
ATOM   798 O O   . ASN A 1 130 ? -5.307  -2.123  2.159   1.00 28.00 ? 128 ASN A O   1 
ATOM   799 C CB  . ASN A 1 130 ? -5.779  -5.095  3.172   1.00 28.41 ? 128 ASN A CB  1 
ATOM   800 C CG  . ASN A 1 130 ? -5.275  -6.362  3.811   1.00 47.80 ? 128 ASN A CG  1 
ATOM   801 O OD1 . ASN A 1 130 ? -5.075  -7.373  3.137   1.00 41.18 ? 128 ASN A OD1 1 
ATOM   802 N ND2 . ASN A 1 130 ? -5.064  -6.320  5.122   1.00 53.10 ? 128 ASN A ND2 1 
ATOM   803 N N   . PHE A 1 131 ? -5.914  -3.420  0.418   1.00 22.97 ? 129 PHE A N   1 
ATOM   804 C CA  . PHE A 1 131 ? -6.517  -2.338  -0.333  1.00 26.97 ? 129 PHE A CA  1 
ATOM   805 C C   . PHE A 1 131 ? -7.965  -2.680  -0.648  1.00 29.23 ? 129 PHE A C   1 
ATOM   806 O O   . PHE A 1 131 ? -8.264  -3.752  -1.176  1.00 29.80 ? 129 PHE A O   1 
ATOM   807 C CB  . PHE A 1 131 ? -5.735  -2.100  -1.627  1.00 23.57 ? 129 PHE A CB  1 
ATOM   808 C CG  . PHE A 1 131 ? -4.289  -1.741  -1.402  1.00 23.06 ? 129 PHE A CG  1 
ATOM   809 C CD1 . PHE A 1 131 ? -3.379  -2.703  -1.006  1.00 17.68 ? 129 PHE A CD1 1 
ATOM   810 C CD2 . PHE A 1 131 ? -3.842  -0.445  -1.590  1.00 20.65 ? 129 PHE A CD2 1 
ATOM   811 C CE1 . PHE A 1 131 ? -2.053  -2.381  -0.792  1.00 19.54 ? 129 PHE A CE1 1 
ATOM   812 C CE2 . PHE A 1 131 ? -2.517  -0.114  -1.376  1.00 24.14 ? 129 PHE A CE2 1 
ATOM   813 C CZ  . PHE A 1 131 ? -1.622  -1.086  -0.979  1.00 23.24 ? 129 PHE A CZ  1 
ATOM   814 N N   . GLU A 1 132 ? -8.866  -1.770  -0.304  1.00 28.15 ? 130 GLU A N   1 
ATOM   815 C CA  . GLU A 1 132 ? -10.266 -1.911  -0.666  1.00 34.43 ? 130 GLU A CA  1 
ATOM   816 C C   . GLU A 1 132 ? -10.707 -0.678  -1.434  1.00 34.87 ? 130 GLU A C   1 
ATOM   817 O O   . GLU A 1 132 ? -10.324 0.441   -1.097  1.00 35.25 ? 130 GLU A O   1 
ATOM   818 C CB  . GLU A 1 132 ? -11.141 -2.084  0.576   1.00 47.87 ? 130 GLU A CB  1 
ATOM   819 C CG  . GLU A 1 132 ? -11.072 -3.460  1.212   1.00 57.37 ? 130 GLU A CG  1 
ATOM   820 C CD  . GLU A 1 132 ? -11.950 -3.570  2.442   1.00 68.86 ? 130 GLU A CD  1 
ATOM   821 O OE1 . GLU A 1 132 ? -12.877 -2.746  2.593   1.00 72.89 ? 130 GLU A OE1 1 
ATOM   822 O OE2 . GLU A 1 132 ? -11.709 -4.478  3.264   1.00 76.48 ? 130 GLU A OE2 1 
ATOM   823 N N   . VAL A 1 133 ? -11.495 -0.887  -2.482  1.00 32.95 ? 131 VAL A N   1 
ATOM   824 C CA  . VAL A 1 133 ? -12.095 0.220   -3.200  1.00 34.54 ? 131 VAL A CA  1 
ATOM   825 C C   . VAL A 1 133 ? -13.310 0.706   -2.417  1.00 41.58 ? 131 VAL A C   1 
ATOM   826 O O   . VAL A 1 133 ? -14.209 -0.071  -2.098  1.00 49.69 ? 131 VAL A O   1 
ATOM   827 C CB  . VAL A 1 133 ? -12.519 -0.194  -4.625  1.00 37.58 ? 131 VAL A CB  1 
ATOM   828 C CG1 . VAL A 1 133 ? -13.254 0.944   -5.312  1.00 45.77 ? 131 VAL A CG1 1 
ATOM   829 C CG2 . VAL A 1 133 ? -11.300 -0.618  -5.441  1.00 34.32 ? 131 VAL A CG2 1 
ATOM   830 N N   . VAL A 1 134 ? -13.320 1.994   -2.094  1.00 43.60 ? 132 VAL A N   1 
ATOM   831 C CA  . VAL A 1 134 ? -14.418 2.591   -1.345  1.00 50.97 ? 132 VAL A CA  1 
ATOM   832 C C   . VAL A 1 134 ? -15.523 2.958   -2.318  1.00 52.57 ? 132 VAL A C   1 
ATOM   833 O O   . VAL A 1 134 ? -16.684 2.591   -2.140  1.00 61.78 ? 132 VAL A O   1 
ATOM   834 C CB  . VAL A 1 134 ? -13.965 3.863   -0.617  1.00 42.66 ? 132 VAL A CB  1 
ATOM   835 C CG1 . VAL A 1 134 ? -15.102 4.423   0.224   1.00 54.57 ? 132 VAL A CG1 1 
ATOM   836 C CG2 . VAL A 1 134 ? -12.740 3.573   0.239   1.00 40.08 ? 132 VAL A CG2 1 
ATOM   837 N N   . MET A 1 135 ? -15.138 3.704   -3.346  1.00 51.93 ? 133 MET A N   1 
ATOM   838 C CA  . MET A 1 135 ? -16.028 4.020   -4.448  1.00 70.43 ? 133 MET A CA  1 
ATOM   839 C C   . MET A 1 135 ? -15.196 4.423   -5.651  1.00 75.61 ? 133 MET A C   1 
ATOM   840 O O   . MET A 1 135 ? -14.022 4.766   -5.523  1.00 52.63 ? 133 MET A O   1 
ATOM   841 C CB  . MET A 1 135 ? -16.981 5.151   -4.072  1.00 76.02 ? 133 MET A CB  1 
ATOM   842 C CG  . MET A 1 135 ? -16.313 6.514   -3.932  1.00 74.15 ? 133 MET A CG  1 
ATOM   843 S SD  . MET A 1 135 ? -17.485 7.800   -3.471  1.00 97.29 ? 133 MET A SD  1 
ATOM   844 C CE  . MET A 1 135 ? -17.949 7.229   -1.840  1.00 92.37 ? 133 MET A CE  1 
ATOM   845 N N   . GLU A 1 136 ? -15.813 4.374   -6.822  1.00 63.55 ? 134 GLU A N   1 
ATOM   846 C CA  . GLU A 1 136 ? -15.116 4.691   -8.055  1.00 79.57 ? 134 GLU A CA  1 
ATOM   847 C C   . GLU A 1 136 ? -15.103 6.196   -8.283  1.00 91.94 ? 134 GLU A C   1 
ATOM   848 O O   . GLU A 1 136 ? -16.135 6.860   -8.177  1.00 96.04 ? 134 GLU A O   1 
ATOM   849 C CB  . GLU A 1 136 ? -15.789 3.983   -9.228  0.00 79.03 ? 134 GLU A CB  1 
ATOM   850 C CG  . GLU A 1 136 ? -14.892 3.827   -10.437 0.00 75.91 ? 134 GLU A CG  1 
ATOM   851 C CD  . GLU A 1 136 ? -13.601 3.115   -10.099 1.00 68.73 ? 134 GLU A CD  1 
ATOM   852 O OE1 . GLU A 1 136 ? -12.524 3.666   -10.403 1.00 62.89 ? 134 GLU A OE1 1 
ATOM   853 O OE2 . GLU A 1 136 ? -13.664 2.007   -9.525  1.00 60.84 ? 134 GLU A OE2 1 
ATOM   854 N N   . LYS A 1 137 ? -13.926 6.730   -8.591  1.00 93.93 ? 135 LYS A N   1 
ATOM   855 C CA  . LYS A 1 137 ? -13.772 8.158   -8.836  1.00 91.99 ? 135 LYS A CA  1 
ATOM   856 C C   . LYS A 1 137 ? -14.243 8.971   -7.634  1.00 90.10 ? 135 LYS A C   1 
ATOM   857 O O   . LYS A 1 137 ? -13.784 8.759   -6.511  1.00 86.19 ? 135 LYS A O   1 
ATOM   858 C CB  . LYS A 1 137 ? -14.554 8.568   -10.086 1.00 89.11 ? 135 LYS A CB  1 
ATOM   859 C CG  . LYS A 1 137 ? -13.868 8.202   -11.393 1.00 80.02 ? 135 LYS A CG  1 
ATOM   860 C CD  . LYS A 1 137 ? -12.895 9.289   -11.801 1.00 68.65 ? 135 LYS A CD  1 
ATOM   861 C CE  . LYS A 1 137 ? -12.022 8.897   -12.971 1.00 57.11 ? 135 LYS A CE  1 
ATOM   862 N NZ  . LYS A 1 137 ? -10.853 9.819   -13.056 1.00 54.67 ? 135 LYS A NZ  1 
HETATM 863 O O   . HOH B 2 .   ? 1.722   -15.681 -7.445  1.00 41.28 ? 201 HOH A O   1 
HETATM 864 O O   . HOH B 2 .   ? -2.844  -14.050 -5.986  1.00 37.45 ? 202 HOH A O   1 
HETATM 865 O O   . HOH B 2 .   ? -4.631  -13.950 -3.162  1.00 28.93 ? 203 HOH A O   1 
HETATM 866 O O   . HOH B 2 .   ? -2.019  -14.538 -2.135  1.00 31.37 ? 204 HOH A O   1 
HETATM 867 O O   . HOH B 2 .   ? 0.525   -16.172 -4.701  1.00 31.10 ? 205 HOH A O   1 
HETATM 868 O O   . HOH B 2 .   ? -8.925  -6.829  -7.932  1.00 28.60 ? 206 HOH A O   1 
HETATM 869 O O   . HOH B 2 .   ? 0.661   -9.538  -12.850 1.00 32.27 ? 207 HOH A O   1 
HETATM 870 O O   . HOH B 2 .   ? 4.559   -11.068 -5.891  1.00 26.29 ? 208 HOH A O   1 
HETATM 871 O O   . HOH B 2 .   ? 10.102  -4.408  -10.202 1.00 38.61 ? 209 HOH A O   1 
HETATM 872 O O   . HOH B 2 .   ? 0.527   6.241   -0.539  1.00 29.59 ? 210 HOH A O   1 
HETATM 873 O O   . HOH B 2 .   ? 4.617   8.339   0.089   1.00 38.14 ? 211 HOH A O   1 
HETATM 874 O O   . HOH B 2 .   ? 14.106  -2.198  -3.433  1.00 54.75 ? 212 HOH A O   1 
HETATM 875 O O   . HOH B 2 .   ? 6.096   3.257   -4.516  1.00 37.97 ? 213 HOH A O   1 
HETATM 876 O O   . HOH B 2 .   ? -7.633  -1.032  -14.916 1.00 42.77 ? 214 HOH A O   1 
HETATM 877 O O   . HOH B 2 .   ? -5.692  0.192   -15.389 1.00 24.49 ? 215 HOH A O   1 
HETATM 878 O O   . HOH B 2 .   ? -8.510  10.463  -13.246 1.00 33.55 ? 216 HOH A O   1 
HETATM 879 O O   . HOH B 2 .   ? -0.912  4.993   -11.500 1.00 35.66 ? 217 HOH A O   1 
HETATM 880 O O   . HOH B 2 .   ? 2.064   7.188   1.404   1.00 27.28 ? 218 HOH A O   1 
HETATM 881 O O   . HOH B 2 .   ? 4.320   -9.717  -14.020 1.00 34.95 ? 219 HOH A O   1 
HETATM 882 O O   . HOH B 2 .   ? -6.618  8.160   8.381   1.00 40.99 ? 220 HOH A O   1 
HETATM 883 O O   . HOH B 2 .   ? -2.409  -5.963  -14.070 1.00 42.33 ? 221 HOH A O   1 
HETATM 884 O O   . HOH B 2 .   ? -14.539 10.165  3.611   1.00 46.93 ? 222 HOH A O   1 
HETATM 885 O O   . HOH B 2 .   ? -6.938  9.158   10.745  1.00 39.15 ? 223 HOH A O   1 
HETATM 886 O O   . HOH B 2 .   ? -7.008  3.971   11.539  1.00 32.00 ? 224 HOH A O   1 
HETATM 887 O O   . HOH B 2 .   ? -0.794  -0.285  16.202  1.00 48.99 ? 225 HOH A O   1 
HETATM 888 O O   . HOH B 2 .   ? 17.912  -0.370  4.235   1.00 61.00 ? 226 HOH A O   1 
HETATM 889 O O   . HOH B 2 .   ? -8.656  -6.225  -0.066  1.00 33.08 ? 227 HOH A O   1 
HETATM 890 O O   . HOH B 2 .   ? -12.507 -3.674  -2.910  1.00 38.16 ? 228 HOH A O   1 
HETATM 891 O O   . HOH B 2 .   ? -8.073  -2.151  3.311   1.00 35.22 ? 229 HOH A O   1 
HETATM 892 O O   . HOH B 2 .   ? 4.833   -12.728 17.024  1.00 39.70 ? 230 HOH A O   1 
HETATM 893 O O   . HOH B 2 .   ? -0.850  -7.706  -14.909 1.00 50.51 ? 231 HOH A O   1 
HETATM 894 O O   . HOH B 2 .   ? -5.162  2.617   14.417  1.00 54.88 ? 232 HOH A O   1 
HETATM 895 O O   . HOH B 2 .   ? -9.818  -2.861  -12.007 1.00 49.43 ? 233 HOH A O   1 
HETATM 896 O O   . HOH B 2 .   ? -2.187  13.680  10.358  1.00 41.18 ? 234 HOH A O   1 
HETATM 897 O O   . HOH B 2 .   ? 10.013  0.319   9.136   1.00 55.84 ? 235 HOH A O   1 
HETATM 898 O O   . HOH B 2 .   ? -2.350  -10.332 -12.597 1.00 57.60 ? 236 HOH A O   1 
HETATM 899 O O   . HOH B 2 .   ? -16.071 6.791   2.870   1.00 40.47 ? 237 HOH A O   1 
HETATM 900 O O   . HOH B 2 .   ? 7.900   0.029   -11.410 1.00 55.92 ? 238 HOH A O   1 
HETATM 901 O O   . HOH B 2 .   ? 1.335   19.441  6.430   1.00 49.00 ? 239 HOH A O   1 
HETATM 902 O O   . HOH B 2 .   ? -6.208  -12.703 -6.029  1.00 38.15 ? 240 HOH A O   1 
# 
loop_
_atom_site_anisotrop.id 
_atom_site_anisotrop.type_symbol 
_atom_site_anisotrop.pdbx_label_atom_id 
_atom_site_anisotrop.pdbx_label_alt_id 
_atom_site_anisotrop.pdbx_label_comp_id 
_atom_site_anisotrop.pdbx_label_asym_id 
_atom_site_anisotrop.pdbx_label_seq_id 
_atom_site_anisotrop.pdbx_PDB_ins_code 
_atom_site_anisotrop.U[1][1] 
_atom_site_anisotrop.U[2][2] 
_atom_site_anisotrop.U[3][3] 
_atom_site_anisotrop.U[1][2] 
_atom_site_anisotrop.U[1][3] 
_atom_site_anisotrop.U[2][3] 
_atom_site_anisotrop.pdbx_auth_seq_id 
_atom_site_anisotrop.pdbx_auth_comp_id 
_atom_site_anisotrop.pdbx_auth_asym_id 
_atom_site_anisotrop.pdbx_auth_atom_id 
1   N N   . SER A 28  ? 0.7327 0.8799 0.8259 0.0515  -0.1050 -0.0338 26  SER A N   
2   C CA  . SER A 28  ? 0.8090 0.8984 0.8472 0.0459  -0.0874 -0.0249 26  SER A CA  
3   C C   . SER A 28  ? 0.6742 0.7429 0.7157 0.0571  -0.0651 -0.0144 26  SER A C   
4   O O   . SER A 28  ? 0.6757 0.7413 0.7239 0.0781  -0.0697 -0.0058 26  SER A O   
5   C CB  . SER A 28  ? 0.9076 0.9633 0.8907 0.0550  -0.1038 -0.0155 26  SER A CB  
6   O OG  . SER A 28  ? 0.9670 0.9716 0.9043 0.0509  -0.0818 -0.0085 26  SER A OG  
7   N N   . ARG A 29  ? 0.5908 0.6432 0.6267 0.0429  -0.0426 -0.0145 27  ARG A N   
8   C CA  . ARG A 29  ? 0.5416 0.5781 0.5789 0.0493  -0.0253 -0.0057 27  ARG A CA  
9   C C   . ARG A 29  ? 0.4509 0.4485 0.4534 0.0614  -0.0237 0.0084  27  ARG A C   
10  O O   . ARG A 29  ? 0.4361 0.4098 0.4048 0.0590  -0.0250 0.0117  27  ARG A O   
11  C CB  . ARG A 29  ? 0.5357 0.5655 0.5724 0.0319  -0.0067 -0.0058 27  ARG A CB  
12  C CG  . ARG A 29  ? 0.5690 0.5624 0.5733 0.0262  0.0009  0.0016  27  ARG A CG  
13  C CD  . ARG A 29  ? 0.4979 0.4863 0.5058 0.0110  0.0147  0.0034  27  ARG A CD  
14  N NE  . ARG A 29  ? 0.5888 0.6044 0.6173 -0.0050 0.0141  -0.0082 27  ARG A NE  
15  C CZ  . ARG A 29  ? 0.4918 0.5059 0.5177 -0.0206 0.0116  -0.0177 27  ARG A CZ  
16  N NH1 . ARG A 29  ? 0.6662 0.6479 0.6637 -0.0209 0.0094  -0.0183 27  ARG A NH1 
17  N NH2 . ARG A 29  ? 0.5366 0.5804 0.5876 -0.0381 0.0136  -0.0284 27  ARG A NH2 
18  N N   . LYS A 30  ? 0.3252 0.3146 0.3349 0.0724  -0.0181 0.0152  28  LYS A N   
19  C CA  . LYS A 30  ? 0.2977 0.2514 0.2796 0.0801  -0.0126 0.0291  28  LYS A CA  
20  C C   . LYS A 30  ? 0.2886 0.2372 0.2828 0.0742  0.0033  0.0318  28  LYS A C   
21  O O   . LYS A 30  ? 0.3084 0.2677 0.3239 0.0764  0.0046  0.0259  28  LYS A O   
22  C CB  . LYS A 30  ? 0.2871 0.2302 0.2632 0.0988  -0.0260 0.0360  28  LYS A CB  
23  C CG  . LYS A 30  ? 0.4589 0.4175 0.4288 0.1063  -0.0500 0.0336  28  LYS A CG  
24  C CD  . LYS A 30  ? 0.4964 0.4799 0.5040 0.1247  -0.0647 0.0307  28  LYS A CD  
25  C CE  . LYS A 30  ? 0.5551 0.5554 0.5576 0.1363  -0.0951 0.0336  28  LYS A CE  
26  N NZ  . LYS A 30  ? 0.6419 0.6788 0.6544 0.1183  -0.1049 0.0185  28  LYS A NZ  
27  N N   . PHE A 31  ? 0.2800 0.2139 0.2622 0.0667  0.0153  0.0393  29  PHE A N   
28  C CA  . PHE A 31  ? 0.2370 0.1732 0.2338 0.0593  0.0251  0.0425  29  PHE A CA  
29  C C   . PHE A 31  ? 0.2844 0.2049 0.2741 0.0571  0.0371  0.0541  29  PHE A C   
30  O O   . PHE A 31  ? 0.3458 0.2532 0.3180 0.0599  0.0426  0.0578  29  PHE A O   
31  C CB  . PHE A 31  ? 0.2510 0.2098 0.2627 0.0480  0.0259  0.0363  29  PHE A CB  
32  C CG  . PHE A 31  ? 0.2302 0.1858 0.2362 0.0427  0.0303  0.0411  29  PHE A CG  
33  C CD1 . PHE A 31  ? 0.2892 0.2430 0.2859 0.0410  0.0273  0.0348  29  PHE A CD1 
34  C CD2 . PHE A 31  ? 0.2531 0.2075 0.2659 0.0393  0.0366  0.0515  29  PHE A CD2 
35  C CE1 . PHE A 31  ? 0.2923 0.2333 0.2817 0.0361  0.0340  0.0378  29  PHE A CE1 
36  C CE2 . PHE A 31  ? 0.2430 0.1890 0.2536 0.0389  0.0418  0.0570  29  PHE A CE2 
37  C CZ  . PHE A 31  ? 0.3027 0.2375 0.2993 0.0372  0.0422  0.0496  29  PHE A CZ  
38  N N   . ILE A 32  ? 0.2689 0.1927 0.2741 0.0508  0.0420  0.0579  30  ILE A N   
39  C CA  . ILE A 32  ? 0.2579 0.1799 0.2718 0.0468  0.0537  0.0682  30  ILE A CA  
40  C C   . ILE A 32  ? 0.2739 0.2212 0.3139 0.0365  0.0500  0.0691  30  ILE A C   
41  O O   . ILE A 32  ? 0.2713 0.2291 0.3131 0.0302  0.0408  0.0613  30  ILE A O   
42  C CB  . ILE A 32  ? 0.2605 0.1615 0.2683 0.0458  0.0627  0.0745  30  ILE A CB  
43  C CG1 . ILE A 32  ? 0.2773 0.1774 0.2963 0.0378  0.0572  0.0687  30  ILE A CG1 
44  C CG2 . ILE A 32  ? 0.2749 0.1472 0.2472 0.0568  0.0629  0.0774  30  ILE A CG2 
45  C CD1 . ILE A 32  ? 0.2804 0.1479 0.2882 0.0362  0.0659  0.0748  30  ILE A CD1 
46  N N   . ILE A 33  ? 0.2733 0.2318 0.3330 0.0356  0.0570  0.0789  31  ILE A N   
47  C CA  . ILE A 33  ? 0.2175 0.2041 0.3042 0.0269  0.0486  0.0837  31  ILE A CA  
48  C C   . ILE A 33  ? 0.2530 0.2515 0.3671 0.0191  0.0552  0.0893  31  ILE A C   
49  O O   . ILE A 33  ? 0.3082 0.3005 0.4304 0.0247  0.0723  0.0952  31  ILE A O   
50  C CB  . ILE A 33  ? 0.1965 0.1932 0.2942 0.0346  0.0474  0.0927  31  ILE A CB  
51  C CG1 . ILE A 33  ? 0.2684 0.2516 0.3396 0.0366  0.0427  0.0865  31  ILE A CG1 
52  C CG2 . ILE A 33  ? 0.2376 0.2656 0.3631 0.0278  0.0338  0.1021  31  ILE A CG2 
53  C CD1 . ILE A 33  ? 0.3335 0.3123 0.4089 0.0440  0.0446  0.0956  31  ILE A CD1 
54  N N   . ALA A 34  ? 0.2055 0.2209 0.3324 0.0035  0.0433  0.0859  32  ALA A N   
55  C CA  . ALA A 34  ? 0.2052 0.2346 0.3614 -0.0103 0.0479  0.0885  32  ALA A CA  
56  C C   . ALA A 34  ? 0.2099 0.2852 0.4052 -0.0186 0.0322  0.0958  32  ALA A C   
57  O O   . ALA A 34  ? 0.2114 0.2995 0.3968 -0.0205 0.0129  0.0958  32  ALA A O   
58  C CB  . ALA A 34  ? 0.2615 0.2680 0.4000 -0.0254 0.0465  0.0759  32  ALA A CB  
59  N N   . ASN A 35  ? 0.2511 0.3528 0.4911 -0.0238 0.0404  0.1033  33  ASN A N   
60  C CA  . ASN A 35  ? 0.2662 0.4204 0.5545 -0.0324 0.0221  0.1112  33  ASN A CA  
61  C C   . ASN A 35  ? 0.3259 0.4899 0.6132 -0.0621 0.0054  0.0993  33  ASN A C   
62  O O   . ASN A 35  ? 0.4519 0.6064 0.7492 -0.0793 0.0185  0.0924  33  ASN A O   
63  C CB  . ASN A 35  ? 0.2309 0.4154 0.5771 -0.0269 0.0412  0.1214  33  ASN A CB  
64  C CG  . ASN A 35  ? 0.3745 0.6229 0.7838 -0.0275 0.0206  0.1333  33  ASN A CG  
65  O OD1 . ASN A 35  ? 0.4701 0.7385 0.8735 -0.0362 -0.0116 0.1346  33  ASN A OD1 
66  N ND2 . ASN A 35  ? 0.3175 0.5968 0.7834 -0.0179 0.0386  0.1411  33  ASN A ND2 
67  N N   . ALA A 36  ? 0.3160 0.4941 0.5858 -0.0706 -0.0222 0.0966  34  ALA A N   
68  C CA  . ALA A 36  ? 0.3349 0.5143 0.5905 -0.1008 -0.0379 0.0803  34  ALA A CA  
69  C C   . ALA A 36  ? 0.2878 0.5235 0.6003 -0.1217 -0.0552 0.0847  34  ALA A C   
70  O O   . ALA A 36  ? 0.3626 0.6016 0.6709 -0.1525 -0.0667 0.0692  34  ALA A O   
71  C CB  . ALA A 36  ? 0.2772 0.4472 0.4822 -0.1043 -0.0579 0.0732  34  ALA A CB  
72  N N   . ARG A 37  ? 0.2821 0.5627 0.6513 -0.1051 -0.0563 0.1044  35  ARG A N   
73  C CA  . ARG A 37  ? 0.3710 0.7199 0.8077 -0.1207 -0.0772 0.1115  35  ARG A CA  
74  C C   . ARG A 37  ? 0.5769 0.9365 1.0612 -0.1293 -0.0492 0.1067  35  ARG A C   
75  O O   . ARG A 37  ? 0.5341 0.9411 1.0648 -0.1368 -0.0586 0.1055  35  ARG A O   
76  C CB  . ARG A 37  ? 0.4333 0.8189 0.8962 -0.0917 -0.0953 0.1328  35  ARG A CB  
77  C CG  . ARG A 37  ? 0.5342 0.8994 0.9419 -0.0812 -0.1168 0.1412  35  ARG A CG  
78  C CD  . ARG A 37  ? 0.5657 0.9651 0.9834 -0.0692 -0.1493 0.1579  35  ARG A CD  
79  N NE  . ARG A 37  ? 0.6415 1.0775 1.0684 -0.0962 -0.1773 0.1478  35  ARG A NE  
80  C CZ  . ARG A 37  ? 0.6090 1.0360 0.9815 -0.1236 -0.2016 0.1353  35  ARG A CZ  
81  N NH1 . ARG A 37  ? 0.6313 1.0907 1.0140 -0.1474 -0.2255 0.1240  35  ARG A NH1 
82  N NH2 . ARG A 37  ? 0.5908 0.9761 0.8966 -0.1282 -0.2005 0.1314  35  ARG A NH2 
83  N N   . VAL A 38  ? 0.4150 0.7275 0.8814 -0.1276 -0.0139 0.1033  36  VAL A N   
84  C CA  . VAL A 38  ? 0.3836 0.6904 0.8716 -0.1421 0.0146  0.0961  36  VAL A CA  
85  C C   . VAL A 38  ? 0.3873 0.6424 0.8360 -0.1721 0.0222  0.0803  36  VAL A C   
86  O O   . VAL A 38  ? 0.4067 0.6140 0.7973 -0.1681 0.0162  0.0727  36  VAL A O   
87  C CB  . VAL A 38  ? 0.3658 0.6513 0.8548 -0.1154 0.0526  0.1056  36  VAL A CB  
88  C CG1 . VAL A 38  ? 0.4058 0.7325 0.9330 -0.0847 0.0484  0.1183  36  VAL A CG1 
89  C CG2 . VAL A 38  ? 0.2484 0.4682 0.6780 -0.1021 0.0695  0.1069  36  VAL A CG2 
90  N N   . GLU A 39  ? 0.4162 0.6718 0.8817 -0.1978 0.0370  0.0712  37  GLU A N   
91  C CA  . GLU A 39  ? 0.5106 0.7152 0.9407 -0.2297 0.0414  0.0547  37  GLU A CA  
92  C C   . GLU A 39  ? 0.5912 0.7135 0.9623 -0.2149 0.0629  0.0560  37  GLU A C   
93  O O   . GLU A 39  ? 0.6244 0.6997 0.9522 -0.2243 0.0549  0.0410  37  GLU A O   
94  C CB  . GLU A 39  ? 0.5044 0.7210 0.9598 -0.2586 0.0580  0.0503  37  GLU A CB  
95  C CG  . GLU A 39  ? 0.6223 0.8061 1.0536 -0.3000 0.0488  0.0335  37  GLU A CG  
96  C CD  . GLU A 39  ? 0.6477 0.8617 1.1164 -0.3323 0.0548  0.0353  37  GLU A CD  
97  O OE1 . GLU A 39  ? 0.6311 0.9025 1.1484 -0.3242 0.0673  0.0429  37  GLU A OE1 
98  O OE2 . GLU A 39  ? 0.6951 0.8712 1.1553 -0.3605 0.0462  0.0308  37  GLU A OE2 
99  N N   . ASN A 40  ? 0.5197 0.6223 0.8789 -0.1882 0.0891  0.0704  38  ASN A N   
100 C CA  . ASN A 40  ? 0.5220 0.5485 0.8206 -0.1718 0.1075  0.0726  38  ASN A CA  
101 C C   . ASN A 40  ? 0.4606 0.4745 0.7235 -0.1380 0.0971  0.0751  38  ASN A C   
102 O O   . ASN A 40  ? 0.5463 0.5094 0.7634 -0.1185 0.1098  0.0793  38  ASN A O   
103 C CB  . ASN A 40  ? 0.5651 0.5695 0.8491 -0.1630 0.1370  0.0841  38  ASN A CB  
104 C CG  . ASN A 40  ? 0.5849 0.6292 0.8927 -0.1384 0.1469  0.0952  38  ASN A CG  
105 O OD1 . ASN A 40  ? 0.5850 0.6818 0.9322 -0.1293 0.1308  0.0967  38  ASN A OD1 
106 N ND2 . ASN A 40  ? 0.6708 0.6867 0.9512 -0.1268 0.1726  0.1029  38  ASN A ND2 
107 N N   . CYS A 41  ? 0.3369 0.3965 0.6155 -0.1312 0.0714  0.0729  39  CYS A N   
108 C CA  . CYS A 41  ? 0.2867 0.3368 0.5303 -0.1021 0.0614  0.0744  39  CYS A CA  
109 C C   . CYS A 41  ? 0.3367 0.3609 0.5614 -0.0764 0.0841  0.0862  39  CYS A C   
110 O O   . CYS A 41  ? 0.3273 0.3062 0.5053 -0.0623 0.0880  0.0834  39  CYS A O   
111 C CB  . CYS A 41  ? 0.4016 0.4109 0.5962 -0.1038 0.0505  0.0580  39  CYS A CB  
112 S SG  . CYS A 41  ? 0.5229 0.5575 0.7208 -0.1337 0.0227  0.0398  39  CYS A SG  
113 N N   . ALA A 42  ? 0.2864 0.3416 0.5486 -0.0704 0.0988  0.0979  40  ALA A N   
114 C CA  . ALA A 42  ? 0.3570 0.3865 0.5977 -0.0506 0.1242  0.1066  40  ALA A CA  
115 C C   . ALA A 42  ? 0.3946 0.4118 0.6019 -0.0247 0.1147  0.1062  40  ALA A C   
116 O O   . ALA A 42  ? 0.3074 0.3533 0.5300 -0.0180 0.0953  0.1057  40  ALA A O   
117 C CB  . ALA A 42  ? 0.2718 0.3404 0.5631 -0.0502 0.1445  0.1146  40  ALA A CB  
118 N N   . VAL A 43  ? 0.3671 0.3403 0.5267 -0.0119 0.1277  0.1072  41  VAL A N   
119 C CA  . VAL A 43  ? 0.3167 0.2773 0.4452 0.0088  0.1210  0.1052  41  VAL A CA  
120 C C   . VAL A 43  ? 0.2630 0.2474 0.4180 0.0212  0.1335  0.1103  41  VAL A C   
121 O O   . VAL A 43  ? 0.3131 0.2973 0.4789 0.0220  0.1599  0.1152  41  VAL A O   
122 C CB  . VAL A 43  ? 0.3594 0.2707 0.4311 0.0172  0.1288  0.1054  41  VAL A CB  
123 C CG1 . VAL A 43  ? 0.3519 0.2547 0.3955 0.0343  0.1230  0.1014  41  VAL A CG1 
124 C CG2 . VAL A 43  ? 0.3322 0.2184 0.3832 0.0117  0.1149  0.1008  41  VAL A CG2 
125 N N   . ILE A 44  ? 0.2627 0.2644 0.4277 0.0310  0.1171  0.1094  42  ILE A N   
126 C CA  . ILE A 44  ? 0.2612 0.2780 0.4519 0.0466  0.1280  0.1145  42  ILE A CA  
127 C C   . ILE A 44  ? 0.2931 0.2765 0.4406 0.0604  0.1285  0.1087  42  ILE A C   
128 O O   . ILE A 44  ? 0.3468 0.3259 0.5028 0.0744  0.1419  0.1097  42  ILE A O   
129 C CB  . ILE A 44  ? 0.2559 0.3177 0.4980 0.0477  0.1088  0.1224  42  ILE A CB  
130 C CG1 . ILE A 44  ? 0.2605 0.3219 0.4798 0.0391  0.0788  0.1191  42  ILE A CG1 
131 C CG2 . ILE A 44  ? 0.3368 0.4415 0.6355 0.0352  0.1124  0.1280  42  ILE A CG2 
132 C CD1 . ILE A 44  ? 0.3406 0.4359 0.5910 0.0424  0.0572  0.1297  42  ILE A CD1 
133 N N   . TYR A 45  ? 0.2679 0.2281 0.3729 0.0559  0.1141  0.1012  43  TYR A N   
134 C CA  . TYR A 45  ? 0.2800 0.2108 0.3437 0.0637  0.1134  0.0934  43  TYR A CA  
135 C C   . TYR A 45  ? 0.3440 0.2552 0.3687 0.0590  0.1020  0.0867  43  TYR A C   
136 O O   . TYR A 45  ? 0.2820 0.2026 0.3138 0.0518  0.0886  0.0860  43  TYR A O   
137 C CB  . TYR A 45  ? 0.3144 0.2529 0.3865 0.0669  0.0993  0.0931  43  TYR A CB  
138 C CG  . TYR A 45  ? 0.2711 0.1811 0.3042 0.0692  0.0980  0.0827  43  TYR A CG  
139 C CD1 . TYR A 45  ? 0.3283 0.2374 0.3410 0.0618  0.0807  0.0748  43  TYR A CD1 
140 C CD2 . TYR A 45  ? 0.3599 0.2449 0.3788 0.0775  0.1154  0.0783  43  TYR A CD2 
141 C CE1 . TYR A 45  ? 0.3191 0.2098 0.3032 0.0604  0.0774  0.0641  43  TYR A CE1 
142 C CE2 . TYR A 45  ? 0.3948 0.2531 0.3765 0.0747  0.1123  0.0660  43  TYR A CE2 
143 C CZ  . TYR A 45  ? 0.3782 0.2427 0.3449 0.0650  0.0916  0.0595  43  TYR A CZ  
144 O OH  . TYR A 45  ? 0.4205 0.2665 0.3576 0.0591  0.0864  0.0463  43  TYR A OH  
145 N N   . CYS A 46  ? 0.3381 0.2214 0.3215 0.0639  0.1066  0.0812  44  CYS A N   
146 C CA  . CYS A 46  ? 0.3963 0.2658 0.3469 0.0637  0.0903  0.0759  44  CYS A CA  
147 C C   . CYS A 46  ? 0.3836 0.2388 0.3031 0.0663  0.0858  0.0660  44  CYS A C   
148 O O   . CYS A 46  ? 0.4309 0.2670 0.3306 0.0686  0.1023  0.0633  44  CYS A O   
149 C CB  . CYS A 46  ? 0.3682 0.2150 0.2923 0.0640  0.0970  0.0833  44  CYS A CB  
150 S SG  . CYS A 46  ? 0.4529 0.2718 0.3434 0.0651  0.1273  0.0882  44  CYS A SG  
151 N N   . ASN A 47  ? 0.2586 0.1524 0.3172 0.0234  0.1289  0.0370  45  ASN A N   
152 C CA  . ASN A 47  ? 0.3099 0.1668 0.3703 0.0111  0.1279  0.0273  45  ASN A CA  
153 C C   . ASN A 47  ? 0.3736 0.2147 0.4092 -0.0071 0.1073  0.0085  45  ASN A C   
154 O O   . ASN A 47  ? 0.2995 0.1575 0.3182 -0.0081 0.0949  0.0070  45  ASN A O   
155 C CB  . ASN A 47  ? 0.2978 0.1641 0.3943 0.0065  0.1289  0.0401  45  ASN A CB  
156 C CG  . ASN A 47  ? 0.2912 0.1852 0.4055 -0.0064 0.1089  0.0386  45  ASN A CG  
157 O OD1 . ASN A 47  ? 0.2537 0.1675 0.3546 -0.0036 0.0958  0.0362  45  ASN A OD1 
158 N ND2 . ASN A 47  ? 0.3141 0.2093 0.4616 -0.0200 0.1082  0.0413  45  ASN A ND2 
159 N N   . ASP A 48  ? 0.3946 0.1985 0.4230 -0.0218 0.1025  -0.0060 46  ASP A N   
160 C CA  . ASP A 48  ? 0.4689 0.2554 0.4665 -0.0385 0.0786  -0.0252 46  ASP A CA  
161 C C   . ASP A 48  ? 0.4744 0.3010 0.4940 -0.0455 0.0522  -0.0199 46  ASP A C   
162 O O   . ASP A 48  ? 0.4016 0.2279 0.3892 -0.0472 0.0333  -0.0264 46  ASP A O   
163 C CB  . ASP A 48  ? 0.4595 0.1991 0.4487 -0.0574 0.0738  -0.0435 46  ASP A CB  
164 C CG  . ASP A 48  ? 0.5946 0.2810 0.5477 -0.0464 0.1001  -0.0531 46  ASP A CG  
165 O OD1 . ASP A 48  ? 0.5535 0.2455 0.4846 -0.0255 0.1182  -0.0484 46  ASP A OD1 
166 O OD2 . ASP A 48  ? 0.6363 0.2744 0.5845 -0.0589 0.1037  -0.0654 46  ASP A OD2 
167 N N   . GLY A 49  ? 0.3438 0.2024 0.4153 -0.0467 0.0532  -0.0065 47  GLY A N   
168 C CA  . GLY A 49  ? 0.3208 0.2206 0.4203 -0.0480 0.0327  -0.0006 47  GLY A CA  
169 C C   . GLY A 49  ? 0.2763 0.1903 0.3500 -0.0319 0.0283  0.0059  47  GLY A C   
170 O O   . GLY A 49  ? 0.3590 0.2819 0.4226 -0.0319 0.0049  0.0030  47  GLY A O   
171 N N   . PHE A 50  ? 0.2728 0.1871 0.3351 -0.0186 0.0491  0.0152  48  PHE A N   
172 C CA  . PHE A 50  ? 0.2536 0.1749 0.2903 -0.0089 0.0466  0.0201  48  PHE A CA  
173 C C   . PHE A 50  ? 0.3324 0.2258 0.3186 -0.0146 0.0362  0.0096  48  PHE A C   
174 O O   . PHE A 50  ? 0.3909 0.2822 0.3559 -0.0124 0.0206  0.0114  48  PHE A O   
175 C CB  . PHE A 50  ? 0.2450 0.1753 0.2818 0.0012  0.0680  0.0294  48  PHE A CB  
176 C CG  . PHE A 50  ? 0.2663 0.2005 0.2781 0.0043  0.0655  0.0324  48  PHE A CG  
177 C CD1 . PHE A 50  ? 0.2391 0.1866 0.2569 0.0107  0.0586  0.0389  48  PHE A CD1 
178 C CD2 . PHE A 50  ? 0.2672 0.1885 0.2484 -0.0003 0.0726  0.0284  48  PHE A CD2 
179 C CE1 . PHE A 50  ? 0.3061 0.2463 0.2965 0.0099  0.0560  0.0400  48  PHE A CE1 
180 C CE2 . PHE A 50  ? 0.3522 0.2742 0.3128 -0.0035 0.0714  0.0318  48  PHE A CE2 
181 C CZ  . PHE A 50  ? 0.3431 0.2709 0.3069 0.0004  0.0618  0.0369  48  PHE A CZ  
182 N N   . CYS A 51  ? 0.4020 0.2689 0.3641 -0.0194 0.0471  -0.0003 49  CYS A N   
183 C CA  . CYS A 51  ? 0.3683 0.2041 0.2735 -0.0238 0.0434  -0.0099 49  CYS A CA  
184 C C   . CYS A 51  ? 0.4082 0.2315 0.2916 -0.0316 0.0115  -0.0180 49  CYS A C   
185 O O   . CYS A 51  ? 0.5075 0.3153 0.3464 -0.0304 0.0002  -0.0168 49  CYS A O   
186 C CB  . CYS A 51  ? 0.3858 0.1929 0.2690 -0.0241 0.0644  -0.0210 49  CYS A CB  
187 S SG  . CYS A 51  ? 0.4453 0.2746 0.3515 -0.0095 0.0996  -0.0095 49  CYS A SG  
188 N N   . GLU A 52  ? 0.4303 0.2620 0.3470 -0.0400 -0.0037 -0.0248 50  GLU A N   
189 C CA  . GLU A 52  ? 0.4414 0.2735 0.3497 -0.0485 -0.0396 -0.0330 50  GLU A CA  
190 C C   . GLU A 52  ? 0.5645 0.4298 0.4939 -0.0361 -0.0573 -0.0185 50  GLU A C   
191 O O   . GLU A 52  ? 0.5163 0.3740 0.4128 -0.0326 -0.0839 -0.0190 50  GLU A O   
192 C CB  . GLU A 52  ? 0.4339 0.2723 0.3836 -0.0658 -0.0498 -0.0442 50  GLU A CB  
193 C CG  . GLU A 52  ? 0.7397 0.5281 0.6535 -0.0764 -0.0344 -0.0619 50  GLU A CG  
194 C CD  . GLU A 52  ? 0.7993 0.5841 0.7581 -0.0947 -0.0332 -0.0697 50  GLU A CD  
195 O OE1 . GLU A 52  ? 0.8083 0.6369 0.8337 -0.0994 -0.0377 -0.0581 50  GLU A OE1 
196 O OE2 . GLU A 52  ? 0.8402 0.5741 0.7653 -0.1046 -0.0246 -0.0874 50  GLU A OE2 
197 N N   . LEU A 53  ? 0.3983 0.2957 0.3766 -0.0266 -0.0417 -0.0052 51  LEU A N   
198 C CA  . LEU A 53  ? 0.4529 0.3736 0.4460 -0.0103 -0.0512 0.0077  51  LEU A CA  
199 C C   . LEU A 53  ? 0.4249 0.3127 0.3558 -0.0016 -0.0543 0.0124  51  LEU A C   
200 O O   . LEU A 53  ? 0.4812 0.3650 0.3941 0.0083  -0.0783 0.0166  51  LEU A O   
201 C CB  . LEU A 53  ? 0.3285 0.2755 0.3644 -0.0011 -0.0269 0.0190  51  LEU A CB  
202 C CG  . LEU A 53  ? 0.4645 0.4197 0.4988 0.0184  -0.0285 0.0300  51  LEU A CG  
203 C CD1 . LEU A 53  ? 0.3855 0.3695 0.4518 0.0290  -0.0530 0.0328  51  LEU A CD1 
204 C CD2 . LEU A 53  ? 0.3889 0.3599 0.4473 0.0262  -0.0033 0.0379  51  LEU A CD2 
205 N N   . CYS A 54  ? 0.4783 0.3433 0.3784 -0.0051 -0.0297 0.0133  52  CYS A N   
206 C CA  . CYS A 54  ? 0.4969 0.3315 0.3451 -0.0017 -0.0261 0.0203  52  CYS A CA  
207 C C   . CYS A 54  ? 0.5727 0.3672 0.3549 -0.0100 -0.0289 0.0147  52  CYS A C   
208 O O   . CYS A 54  ? 0.5894 0.3525 0.3221 -0.0086 -0.0283 0.0226  52  CYS A O   
209 C CB  . CYS A 54  ? 0.4976 0.3377 0.3546 -0.0038 0.0014  0.0257  52  CYS A CB  
210 S SG  . CYS A 54  ? 0.4719 0.3171 0.3339 -0.0144 0.0294  0.0190  52  CYS A SG  
211 N N   . GLY A 55  ? 0.4786 0.2675 0.2541 -0.0189 -0.0298 0.0012  53  GLY A N   
212 C CA  . GLY A 55  ? 0.6183 0.3652 0.3223 -0.0250 -0.0316 -0.0067 53  GLY A CA  
213 C C   . GLY A 55  ? 0.5999 0.3282 0.2733 -0.0299 0.0052  -0.0059 53  GLY A C   
214 O O   . GLY A 55  ? 0.6680 0.3591 0.2752 -0.0334 0.0114  -0.0091 53  GLY A O   
215 N N   . TYR A 56  ? 0.5610 0.3185 0.2828 -0.0294 0.0297  -0.0008 54  TYR A N   
216 C CA  . TYR A 56  ? 0.5889 0.3452 0.3003 -0.0329 0.0648  -0.0004 54  TYR A CA  
217 C C   . TYR A 56  ? 0.5538 0.3193 0.2931 -0.0293 0.0801  -0.0118 54  TYR A C   
218 O O   . TYR A 56  ? 0.5117 0.2970 0.2986 -0.0261 0.0710  -0.0135 54  TYR A O   
219 C CB  . TYR A 56  ? 0.4965 0.2809 0.2409 -0.0350 0.0788  0.0132  54  TYR A CB  
220 C CG  . TYR A 56  ? 0.5226 0.2832 0.2305 -0.0405 0.0702  0.0242  54  TYR A CG  
221 C CD1 . TYR A 56  ? 0.5064 0.2623 0.2201 -0.0331 0.0437  0.0292  54  TYR A CD1 
222 C CD2 . TYR A 56  ? 0.5577 0.2985 0.2265 -0.0518 0.0911  0.0306  54  TYR A CD2 
223 C CE1 . TYR A 56  ? 0.5865 0.3096 0.2616 -0.0346 0.0370  0.0400  54  TYR A CE1 
224 C CE2 . TYR A 56  ? 0.7307 0.4498 0.3783 -0.0557 0.0809  0.0386  54  TYR A CE2 
225 C CZ  . TYR A 56  ? 0.6151 0.3165 0.2552 -0.0474 0.0557  0.0445  54  TYR A CZ  
226 O OH  . TYR A 56  ? 0.8116 0.4855 0.4292 -0.0480 0.0481  0.0513  54  TYR A OH  
227 N N   . SER A 57  ? 0.5613 0.3081 0.2679 -0.0284 0.1062  -0.0188 55  SER A N   
228 C CA  . SER A 57  ? 0.5421 0.2856 0.2658 -0.0205 0.1243  -0.0302 55  SER A CA  
229 C C   . SER A 57  ? 0.4830 0.2727 0.2699 -0.0109 0.1459  -0.0185 55  SER A C   
230 O O   . SER A 57  ? 0.4236 0.2459 0.2309 -0.0139 0.1514  -0.0051 55  SER A O   
231 C CB  . SER A 57  ? 0.6780 0.3817 0.3390 -0.0179 0.1479  -0.0429 55  SER A CB  
232 O OG  . SER A 57  ? 0.6631 0.3902 0.3286 -0.0150 0.1788  -0.0314 55  SER A OG  
233 N N   . ARG A 58  ? 0.4877 0.2763 0.3021 0.0000  0.1562  -0.0238 56  ARG A N   
234 C CA  . ARG A 58  ? 0.4383 0.2688 0.3088 0.0138  0.1735  -0.0114 56  ARG A CA  
235 C C   . ARG A 58  ? 0.5042 0.3664 0.3816 0.0191  0.1974  -0.0041 56  ARG A C   
236 O O   . ARG A 58  ? 0.4250 0.3386 0.3497 0.0207  0.1917  0.0091  56  ARG A O   
237 C CB  . ARG A 58  ? 0.5204 0.3283 0.4048 0.0276  0.1840  -0.0179 56  ARG A CB  
238 C CG  . ARG A 58  ? 0.4853 0.3274 0.4139 0.0500  0.2065  -0.0051 56  ARG A CG  
239 C CD  . ARG A 58  ? 0.5071 0.3151 0.4451 0.0627  0.2125  -0.0079 56  ARG A CD  
240 N NE  . ARG A 58  ? 0.4369 0.2372 0.3917 0.0501  0.1905  -0.0051 56  ARG A NE  
241 C CZ  . ARG A 58  ? 0.5934 0.3511 0.5266 0.0321  0.1745  -0.0196 56  ARG A CZ  
242 N NH1 . ARG A 58  ? 0.6075 0.3170 0.4906 0.0251  0.1763  -0.0408 56  ARG A NH1 
243 N NH2 . ARG A 58  ? 0.4277 0.1941 0.3898 0.0203  0.1566  -0.0130 56  ARG A NH2 
244 N N   . ALA A 59  ? 0.5343 0.3711 0.3713 0.0189  0.2100  -0.0130 57  ALA A N   
245 C CA  . ALA A 59  ? 0.5193 0.3934 0.3742 0.0213  0.2236  -0.0059 57  ALA A CA  
246 C C   . ALA A 59  ? 0.5112 0.4189 0.3780 0.0032  0.2130  0.0055  57  ALA A C   
247 O O   . ALA A 59  ? 0.4849 0.4439 0.3909 0.0018  0.2189  0.0142  57  ALA A O   
248 C CB  . ALA A 59  ? 0.5836 0.4181 0.3851 0.0239  0.2407  -0.0172 57  ALA A CB  
249 N N   . GLU A 60  ? 0.5184 0.3946 0.3483 -0.0113 0.1964  0.0050  58  GLU A N   
250 C CA  . GLU A 60  ? 0.5773 0.4691 0.4099 -0.0281 0.1851  0.0154  58  GLU A CA  
251 C C   . GLU A 60  ? 0.5873 0.5183 0.4702 -0.0298 0.1710  0.0235  58  GLU A C   
252 O O   . GLU A 60  ? 0.4540 0.4174 0.3601 -0.0412 0.1683  0.0315  58  GLU A O   
253 C CB  . GLU A 60  ? 0.6254 0.4637 0.3965 -0.0382 0.1691  0.0134  58  GLU A CB  
254 C CG  . GLU A 60  ? 0.7055 0.5007 0.4144 -0.0387 0.1769  0.0066  58  GLU A CG  
255 C CD  . GLU A 60  ? 0.7055 0.4520 0.3537 -0.0455 0.1527  0.0072  58  GLU A CD  
256 O OE1 . GLU A 60  ? 0.6530 0.3877 0.2789 -0.0539 0.1509  0.0159  58  GLU A OE1 
257 O OE2 . GLU A 60  ? 0.6284 0.3493 0.2516 -0.0417 0.1340  -0.0006 58  GLU A OE2 
258 N N   . VAL A 61  ? 0.3872 0.3120 0.2826 -0.0198 0.1629  0.0213  59  VAL A N   
259 C CA  . VAL A 61  ? 0.3838 0.3369 0.3160 -0.0194 0.1486  0.0289  59  VAL A CA  
260 C C   . VAL A 61  ? 0.3823 0.3892 0.3660 -0.0100 0.1523  0.0341  59  VAL A C   
261 O O   . VAL A 61  ? 0.3558 0.3944 0.3620 -0.0169 0.1429  0.0402  59  VAL A O   
262 C CB  . VAL A 61  ? 0.3655 0.2978 0.2987 -0.0111 0.1351  0.0263  59  VAL A CB  
263 C CG1 . VAL A 61  ? 0.3429 0.3038 0.3109 -0.0071 0.1223  0.0345  59  VAL A CG1 
264 C CG2 . VAL A 61  ? 0.4002 0.2911 0.2900 -0.0192 0.1166  0.0205  59  VAL A CG2 
265 N N   . MET A 62  ? 0.3559 0.3689 0.3525 0.0062  0.1658  0.0313  60  MET A N   
266 C CA  . MET A 62  ? 0.3317 0.3918 0.3729 0.0193  0.1674  0.0374  60  MET A CA  
267 C C   . MET A 62  ? 0.3977 0.5084 0.4621 0.0043  0.1671  0.0412  60  MET A C   
268 O O   . MET A 62  ? 0.3515 0.4623 0.4003 -0.0111 0.1767  0.0397  60  MET A O   
269 C CB  . MET A 62  ? 0.3375 0.3881 0.3818 0.0397  0.1851  0.0341  60  MET A CB  
270 C CG  . MET A 62  ? 0.3971 0.4013 0.4282 0.0536  0.1869  0.0315  60  MET A CG  
271 S SD  . MET A 62  ? 0.3630 0.3870 0.4285 0.0673  0.1720  0.0453  60  MET A SD  
272 C CE  . MET A 62  ? 0.3109 0.3808 0.4105 0.0872  0.1800  0.0533  60  MET A CE  
273 N N   . GLN A 63  ? 0.3412 0.5019 0.4703 -0.0234 0.2242  0.0539  61  GLN A N   
274 C CA  . GLN A 63  ? 0.3733 0.5975 0.5212 -0.0272 0.2049  0.0812  61  GLN A CA  
275 C C   . GLN A 63  ? 0.3099 0.5386 0.4297 -0.0648 0.1615  0.0907  61  GLN A C   
276 O O   . GLN A 63  ? 0.3025 0.5825 0.4378 -0.0754 0.1445  0.1077  61  GLN A O   
277 C CB  . GLN A 63  ? 0.4519 0.7299 0.6192 -0.0282 0.2246  0.0746  61  GLN A CB  
278 C CG  . GLN A 63  ? 0.5285 0.8000 0.7198 0.0119  0.2522  0.0650  61  GLN A CG  
279 C CD  . GLN A 63  ? 0.6165 0.8847 0.8307 0.0538  0.2482  0.0884  61  GLN A CD  
280 O OE1 . GLN A 63  ? 0.6768 0.9936 0.9078 0.0561  0.2252  0.1126  61  GLN A OE1 
281 N NE2 . GLN A 63  ? 0.7116 0.9227 0.9223 0.0859  0.2683  0.0825  61  GLN A NE2 
282 N N   . ARG A 64  ? 0.3168 0.4937 0.3987 -0.0844 0.1447  0.0780  62  ARG A N   
283 C CA  . ARG A 64  ? 0.3032 0.4709 0.3566 -0.1140 0.1047  0.0888  62  ARG A CA  
284 C C   . ARG A 64  ? 0.2798 0.4306 0.3422 -0.1005 0.0810  0.1008  62  ARG A C   
285 O O   . ARG A 64  ? 0.2759 0.4014 0.3509 -0.0715 0.0948  0.0966  62  ARG A O   
286 C CB  . ARG A 64  ? 0.3487 0.4704 0.3576 -0.1335 0.0925  0.0713  62  ARG A CB  
287 C CG  . ARG A 64  ? 0.3499 0.4860 0.3362 -0.1481 0.1123  0.0582  62  ARG A CG  
288 C CD  . ARG A 64  ? 0.5332 0.6762 0.4814 -0.1800 0.0920  0.0745  62  ARG A CD  
289 N NE  . ARG A 64  ? 0.7785 0.9612 0.7561 -0.1803 0.0938  0.0902  62  ARG A NE  
290 C CZ  . ARG A 64  ? 0.8086 0.9886 0.7707 -0.1991 0.0725  0.1027  62  ARG A CZ  
291 N NH1 . ARG A 64  ? 0.7716 0.9957 0.7668 -0.2029 0.0792  0.1100  62  ARG A NH1 
292 N NH2 . ARG A 64  ? 0.8180 0.9526 0.7338 -0.2137 0.0467  0.1059  62  ARG A NH2 
293 N N   . PRO A 65  ? 0.3075 0.4684 0.3605 -0.1227 0.0485  0.1148  63  PRO A N   
294 C CA  . PRO A 65  ? 0.3028 0.4444 0.3577 -0.1124 0.0249  0.1221  63  PRO A CA  
295 C C   . PRO A 65  ? 0.3185 0.3934 0.3527 -0.1043 0.0228  0.1061  63  PRO A C   
296 O O   . PRO A 65  ? 0.3360 0.3816 0.3449 -0.1213 0.0169  0.0924  63  PRO A O   
297 C CB  . PRO A 65  ? 0.3131 0.4650 0.3545 -0.1471 -0.0063 0.1319  63  PRO A CB  
298 C CG  . PRO A 65  ? 0.3165 0.5069 0.3612 -0.1631 0.0057  0.1313  63  PRO A CG  
299 C CD  . PRO A 65  ? 0.3354 0.5152 0.3718 -0.1565 0.0348  0.1209  63  PRO A CD  
300 N N   . CYS A 66  ? 0.2613 0.3147 0.3050 -0.0778 0.0283  0.1070  64  CYS A N   
301 C CA  . CYS A 66  ? 0.2821 0.2765 0.3152 -0.0698 0.0368  0.0872  64  CYS A CA  
302 C C   . CYS A 66  ? 0.3142 0.2750 0.3247 -0.0906 0.0034  0.0792  64  CYS A C   
303 O O   . CYS A 66  ? 0.3683 0.2874 0.3751 -0.0867 0.0073  0.0590  64  CYS A O   
304 C CB  . CYS A 66  ? 0.3233 0.2970 0.3681 -0.0358 0.0591  0.0928  64  CYS A CB  
305 S SG  . CYS A 66  ? 0.3217 0.2991 0.3575 -0.0278 0.0295  0.1135  64  CYS A SG  
306 N N   . THR A 67  ? 0.3093 0.2875 0.3081 -0.1126 -0.0268 0.0931  65  THR A N   
307 C CA  . THR A 67  ? 0.4049 0.3559 0.3800 -0.1159 -0.0535 0.0768  65  THR A CA  
308 C C   . THR A 67  ? 0.4143 0.3499 0.3705 -0.1235 -0.0534 0.0625  65  THR A C   
309 O O   . THR A 67  ? 0.4040 0.3178 0.3433 -0.1172 -0.0686 0.0507  65  THR A O   
310 C CB  . THR A 67  ? 0.3804 0.3503 0.3432 -0.1275 -0.0778 0.0882  65  THR A CB  
311 O OG1 . THR A 67  ? 0.4125 0.4192 0.3802 -0.1445 -0.0709 0.1016  65  THR A OG1 
312 C CG2 . THR A 67  ? 0.3506 0.3298 0.3250 -0.1228 -0.0882 0.0966  65  THR A CG2 
313 N N   . CYS A 68  ? 0.5324 0.2374 0.3035 -0.0697 0.0489  -0.0324 66  CYS A N   
314 C CA  . CYS A 68  ? 0.4942 0.1901 0.2501 -0.0606 0.0554  -0.0347 66  CYS A CA  
315 C C   . CYS A 68  ? 0.5819 0.2364 0.2976 -0.0524 0.0564  -0.0301 66  CYS A C   
316 O O   . CYS A 68  ? 0.5855 0.2271 0.2817 -0.0333 0.0518  -0.0353 66  CYS A O   
317 C CB  . CYS A 68  ? 0.5782 0.2958 0.3485 -0.0477 0.0530  -0.0458 66  CYS A CB  
318 S SG  . CYS A 68  ? 0.5410 0.2978 0.3497 -0.0565 0.0551  -0.0497 66  CYS A SG  
319 N N   . ASP A 69  ? 0.6278 0.2654 0.3372 -0.0645 0.0602  -0.0223 67  ASP A N   
320 C CA  . ASP A 69  ? 0.7331 0.3268 0.4012 -0.0589 0.0632  -0.0163 67  ASP A CA  
321 C C   . ASP A 69  ? 0.7366 0.2969 0.3619 -0.0453 0.0709  -0.0129 67  ASP A C   
322 O O   . ASP A 69  ? 0.7338 0.2520 0.3121 -0.0296 0.0680  -0.0095 67  ASP A O   
323 C CB  . ASP A 69  ? 0.7349 0.3259 0.4202 -0.0776 0.0683  -0.0107 67  ASP A CB  
324 C CG  . ASP A 69  ? 0.8408 0.4549 0.5611 -0.0867 0.0539  -0.0149 67  ASP A CG  
325 O OD1 . ASP A 69  ? 0.8919 0.4836 0.5961 -0.0859 0.0467  -0.0149 67  ASP A OD1 
326 O OD2 . ASP A 69  ? 0.9955 0.6441 0.7529 -0.0926 0.0486  -0.0182 67  ASP A OD2 
327 N N   . PHE A 70  ? 0.6439 0.2178 0.2790 -0.0481 0.0789  -0.0142 68  PHE A N   
328 C CA  . PHE A 70  ? 0.7977 0.3335 0.3820 -0.0307 0.0835  -0.0125 68  PHE A CA  
329 C C   . PHE A 70  ? 0.7167 0.2571 0.2866 0.0007  0.0589  -0.0235 68  PHE A C   
330 O O   . PHE A 70  ? 0.7694 0.2840 0.2961 0.0232  0.0511  -0.0232 68  PHE A O   
331 C CB  . PHE A 70  ? 0.7063 0.2679 0.3109 -0.0379 0.0955  -0.0139 68  PHE A CB  
332 C CG  . PHE A 70  ? 0.6476 0.2681 0.3054 -0.0387 0.0826  -0.0275 68  PHE A CG  
333 C CD1 . PHE A 70  ? 0.6554 0.3069 0.3634 -0.0606 0.0857  -0.0282 68  PHE A CD1 
334 C CD2 . PHE A 70  ? 0.6138 0.2542 0.2712 -0.0174 0.0659  -0.0404 68  PHE A CD2 
335 C CE1 . PHE A 70  ? 0.5731 0.2686 0.3199 -0.0605 0.0764  -0.0381 68  PHE A CE1 
336 C CE2 . PHE A 70  ? 0.6106 0.3023 0.3200 -0.0212 0.0583  -0.0514 68  PHE A CE2 
337 C CZ  . PHE A 70  ? 0.6060 0.3198 0.3535 -0.0428 0.0660  -0.0492 68  PHE A CZ  
338 N N   . LEU A 71  ? 0.6516 0.2294 0.2636 0.0031  0.0463  -0.0330 69  LEU A N   
339 C CA  . LEU A 71  ? 0.6667 0.2598 0.2865 0.0308  0.0257  -0.0467 69  LEU A CA  
340 C C   . LEU A 71  ? 0.6957 0.2515 0.2847 0.0451  0.0187  -0.0432 69  LEU A C   
341 O O   . LEU A 71  ? 0.7063 0.2691 0.3011 0.0713  0.0011  -0.0558 69  LEU A O   
342 C CB  . LEU A 71  ? 0.5573 0.2069 0.2404 0.0257  0.0242  -0.0620 69  LEU A CB  
343 C CG  . LEU A 71  ? 0.5885 0.2781 0.3073 0.0147  0.0278  -0.0689 69  LEU A CG  
344 C CD1 . LEU A 71  ? 0.6211 0.3511 0.3918 0.0087  0.0315  -0.0819 69  LEU A CD1 
345 C CD2 . LEU A 71  ? 0.6544 0.3460 0.3607 0.0345  0.0129  -0.0781 69  LEU A CD2 
346 N N   . HIS A 72  ? 0.7226 0.2417 0.2839 0.0283  0.0315  -0.0285 70  HIS A N   
347 C CA  . HIS A 72  ? 0.7178 0.2021 0.2497 0.0390  0.0260  -0.0249 70  HIS A CA  
348 C C   . HIS A 72  ? 0.7991 0.2285 0.2649 0.0642  0.0166  -0.0188 70  HIS A C   
349 O O   . HIS A 72  ? 0.8414 0.2414 0.2672 0.0638  0.0238  -0.0106 70  HIS A O   
350 C CB  . HIS A 72  ? 0.7827 0.2527 0.3114 0.0114  0.0400  -0.0147 70  HIS A CB  
351 C CG  . HIS A 72  ? 0.6851 0.1987 0.2648 -0.0059 0.0412  -0.0204 70  HIS A CG  
352 N ND1 . HIS A 72  ? 0.7494 0.2601 0.3360 -0.0250 0.0438  -0.0168 70  HIS A ND1 
353 C CD2 . HIS A 72  ? 0.6259 0.1837 0.2480 -0.0051 0.0390  -0.0303 70  HIS A CD2 
354 C CE1 . HIS A 72  ? 0.6528 0.1979 0.2741 -0.0323 0.0408  -0.0224 70  HIS A CE1 
355 N NE2 . HIS A 72  ? 0.6271 0.1994 0.2685 -0.0219 0.0408  -0.0296 70  HIS A NE2 
356 N N   . GLY A 73  ? 0.8931 0.3046 0.3423 0.0879  0.0012  -0.0233 71  GLY A N   
357 C CA  . GLY A 73  ? 0.9382 0.2926 0.3172 0.1154  -0.0125 -0.0181 71  GLY A CA  
358 C C   . GLY A 73  ? 0.9622 0.2928 0.3243 0.1291  -0.0211 -0.0197 71  GLY A C   
359 O O   . GLY A 73  ? 0.9340 0.2830 0.3295 0.1124  -0.0112 -0.0212 71  GLY A O   
360 N N   . PRO A 74  ? 1.0155 0.3022 0.3209 0.1615  -0.0412 -0.0204 72  PRO A N   
361 C CA  . PRO A 74  ? 1.0693 0.3230 0.3468 0.1765  -0.0493 -0.0214 72  PRO A CA  
362 C C   . PRO A 74  ? 1.0145 0.3154 0.3608 0.1811  -0.0527 -0.0356 72  PRO A C   
363 O O   . PRO A 74  ? 1.0316 0.3117 0.3669 0.1705  -0.0426 -0.0312 72  PRO A O   
364 C CB  . PRO A 74  ? 1.1412 0.3592 0.3634 0.2181  -0.0800 -0.0276 72  PRO A CB  
365 C CG  . PRO A 74  ? 1.1602 0.3599 0.3423 0.2152  -0.0769 -0.0217 72  PRO A CG  
366 C CD  . PRO A 74  ? 1.0639 0.3241 0.3194 0.1868  -0.0595 -0.0212 72  PRO A CD  
367 N N   . ARG A 75  ? 0.9663 0.3286 0.3816 0.1953  -0.0638 -0.0548 73  ARG A N   
368 C CA  . ARG A 75  ? 0.9435 0.3473 0.4212 0.2015  -0.0601 -0.0721 73  ARG A CA  
369 C C   . ARG A 75  ? 0.9322 0.3688 0.4515 0.1665  -0.0327 -0.0709 73  ARG A C   
370 O O   . ARG A 75  ? 0.9407 0.4029 0.5002 0.1677  -0.0228 -0.0833 73  ARG A O   
371 C CB  . ARG A 75  ? 0.9964 0.4541 0.5375 0.2315  -0.0799 -0.0985 73  ARG A CB  
372 C CG  . ARG A 75  ? 1.2073 0.6385 0.7153 0.2727  -0.1157 -0.1055 73  ARG A CG  
373 C CD  . ARG A 75  ? 1.3054 0.7867 0.8894 0.3019  -0.1293 -0.1342 73  ARG A CD  
374 N NE  . ARG A 75  ? 1.1929 0.7475 0.8639 0.3034  -0.1334 -0.1570 73  ARG A NE  
375 C CZ  . ARG A 75  ? 1.1696 0.7845 0.9300 0.2965  -0.1111 -0.1764 73  ARG A CZ  
376 N NH1 . ARG A 75  ? 1.1563 0.7655 0.9276 0.2896  -0.0827 -0.1761 73  ARG A NH1 
377 N NH2 . ARG A 75  ? 1.1085 0.7864 0.9451 0.2958  -0.1153 -0.1966 73  ARG A NH2 
378 N N   . THR A 76  ? 0.9261 0.3592 0.4330 0.1364  -0.0204 -0.0564 74  THR A N   
379 C CA  . THR A 76  ? 0.8496 0.3135 0.3923 0.1052  -0.0009 -0.0554 74  THR A CA  
380 C C   . THR A 76  ? 0.8805 0.3170 0.4027 0.0937  0.0071  -0.0494 74  THR A C   
381 O O   . THR A 76  ? 0.8908 0.2841 0.3681 0.0820  0.0077  -0.0358 74  THR A O   
382 C CB  . THR A 76  ? 0.7799 0.2467 0.3171 0.0776  0.0077  -0.0427 74  THR A CB  
383 O OG1 . THR A 76  ? 0.7689 0.2551 0.3169 0.0901  -0.0009 -0.0486 74  THR A OG1 
384 C CG2 . THR A 76  ? 0.7712 0.2734 0.3475 0.0505  0.0208  -0.0437 74  THR A CG2 
385 N N   . GLN A 77  ? 1.1324 0.4539 0.4722 0.0602  -0.1072 -0.0464 75  GLN A N   
386 C CA  . GLN A 77  ? 1.1791 0.4827 0.5485 0.0715  -0.1189 -0.0591 75  GLN A CA  
387 C C   . GLN A 77  ? 1.1080 0.4073 0.4897 0.0361  -0.0852 -0.0443 75  GLN A C   
388 O O   . GLN A 77  ? 0.9447 0.3040 0.3544 0.0144  -0.0511 -0.0453 75  GLN A O   
389 C CB  . GLN A 77  ? 1.0304 0.4084 0.4585 0.1001  -0.1267 -0.1033 75  GLN A CB  
390 C CG  . GLN A 77  ? 1.0908 0.4986 0.5299 0.1337  -0.1542 -0.1245 75  GLN A CG  
391 C CD  . GLN A 77  ? 1.1753 0.6531 0.6297 0.1216  -0.1306 -0.1285 75  GLN A CD  
392 O OE1 . GLN A 77  ? 1.0109 0.4724 0.4287 0.0959  -0.1138 -0.1040 75  GLN A OE1 
393 N NE2 . GLN A 77  ? 1.0336 0.5906 0.5469 0.1398  -0.1275 -0.1616 75  GLN A NE2 
394 N N   . ARG A 78  ? 1.0806 0.3090 0.4492 0.0307  -0.0971 -0.0300 76  ARG A N   
395 C CA  . ARG A 78  ? 1.0837 0.3083 0.4730 -0.0006 -0.0721 -0.0193 76  ARG A CA  
396 C C   . ARG A 78  ? 1.0653 0.3705 0.5053 0.0013  -0.0598 -0.0507 76  ARG A C   
397 O O   . ARG A 78  ? 0.9658 0.3059 0.4279 -0.0275 -0.0302 -0.0401 76  ARG A O   
398 C CB  . ARG A 78  ? 1.2411 0.4287 0.6463 -0.0003 -0.0910 -0.0079 76  ARG A CB  
399 C CG  . ARG A 78  ? 1.2352 0.4051 0.6593 0.0370  -0.1300 -0.0401 76  ARG A CG  
400 C CD  . ARG A 78  ? 1.5258 0.6549 0.9741 0.0341  -0.1462 -0.0288 76  ARG A CD  
401 N NE  . ARG A 78  ? 1.4838 0.6383 0.9762 0.0159  -0.1329 -0.0408 76  ARG A NE  
402 C CZ  . ARG A 78  ? 1.4352 0.5921 0.9467 -0.0159 -0.1113 -0.0145 76  ARG A CZ  
403 N NH1 . ARG A 78  ? 1.4773 0.6233 0.9729 -0.0338 -0.0949 0.0232  76  ARG A NH1 
404 N NH2 . ARG A 78  ? 1.2704 0.4488 0.8227 -0.0282 -0.1064 -0.0302 76  ARG A NH2 
405 N N   . ARG A 79  ? 0.9743 0.3121 0.4346 0.0355  -0.0824 -0.0878 77  ARG A N   
406 C CA  . ARG A 79  ? 0.9315 0.3495 0.4323 0.0396  -0.0711 -0.1183 77  ARG A CA  
407 C C   . ARG A 79  ? 0.8424 0.3440 0.3657 0.0259  -0.0387 -0.1119 77  ARG A C   
408 O O   . ARG A 79  ? 0.8233 0.3798 0.3733 0.0079  -0.0167 -0.1108 77  ARG A O   
409 C CB  . ARG A 79  ? 0.9401 0.3787 0.4610 0.0803  -0.0984 -0.1613 77  ARG A CB  
410 C CG  . ARG A 79  ? 1.1202 0.6482 0.6792 0.0843  -0.0841 -0.1930 77  ARG A CG  
411 C CD  . ARG A 79  ? 1.1499 0.6939 0.7421 0.1147  -0.1060 -0.2310 77  ARG A CD  
412 N NE  . ARG A 79  ? 1.1661 0.6603 0.7595 0.1086  -0.1211 -0.2367 77  ARG A NE  
413 C CZ  . ARG A 79  ? 1.1312 0.6636 0.7389 0.1000  -0.1138 -0.2602 77  ARG A CZ  
414 N NH1 . ARG A 79  ? 1.1126 0.7329 0.7277 0.0957  -0.0907 -0.2755 77  ARG A NH1 
415 N NH2 . ARG A 79  ? 1.0986 0.5824 0.7131 0.0947  -0.1300 -0.2673 77  ARG A NH2 
416 N N   . ALA A 80  ? 0.8252 0.3366 0.3412 0.0342  -0.0381 -0.1073 78  ALA A N   
417 C CA  . ALA A 80  ? 0.7569 0.3420 0.3036 0.0209  -0.0084 -0.1026 78  ALA A CA  
418 C C   . ALA A 80  ? 0.7801 0.3571 0.3290 -0.0196 0.0233  -0.0690 78  ALA A C   
419 O O   . ALA A 80  ? 0.7295 0.3674 0.3204 -0.0376 0.0497  -0.0626 78  ALA A O   
420 C CB  . ALA A 80  ? 0.7908 0.3833 0.3308 0.0391  -0.0199 -0.1105 78  ALA A CB  
421 N N   . ALA A 81  ? 0.7836 0.2864 0.2908 -0.0338 0.0215  -0.0457 79  ALA A N   
422 C CA  . ALA A 81  ? 0.8466 0.3367 0.3600 -0.0719 0.0533  -0.0162 79  ALA A CA  
423 C C   . ALA A 81  ? 0.8297 0.3379 0.3780 -0.0893 0.0623  -0.0108 79  ALA A C   
424 O O   . ALA A 81  ? 0.7053 0.2542 0.2944 -0.1146 0.0903  0.0042  79  ALA A O   
425 C CB  . ALA A 81  ? 0.9106 0.3144 0.3691 -0.0830 0.0496  0.0073  79  ALA A CB  
426 N N   . ALA A 82  ? 0.8024 0.2805 0.3385 -0.0752 0.0362  -0.0240 80  ALA A N   
427 C CA  . ALA A 82  ? 0.7967 0.2907 0.3593 -0.0902 0.0378  -0.0239 80  ALA A CA  
428 C C   . ALA A 82  ? 0.7538 0.3435 0.3560 -0.0887 0.0505  -0.0344 80  ALA A C   
429 O O   . ALA A 82  ? 0.7457 0.3689 0.3792 -0.1125 0.0651  -0.0185 80  ALA A O   
430 C CB  . ALA A 82  ? 0.8548 0.3014 0.3990 -0.0717 0.0045  -0.0461 80  ALA A CB  
431 N N   . GLN A 83  ? 0.7916 0.4261 0.3957 -0.0612 0.0446  -0.0583 81  GLN A N   
432 C CA  . GLN A 83  ? 0.6856 0.4128 0.3257 -0.0581 0.0581  -0.0668 81  GLN A CA  
433 C C   . GLN A 83  ? 0.6756 0.4488 0.3589 -0.0838 0.0906  -0.0373 81  GLN A C   
434 O O   . GLN A 83  ? 0.5334 0.3684 0.2521 -0.0977 0.1052  -0.0242 81  GLN A O   
435 C CB  . GLN A 83  ? 0.6809 0.4437 0.3208 -0.0226 0.0465  -0.1006 81  GLN A CB  
436 C CG  . GLN A 83  ? 0.7421 0.4955 0.3625 0.0032  0.0207  -0.1371 81  GLN A CG  
437 C CD  . GLN A 83  ? 0.6976 0.4745 0.3246 0.0404  0.0079  -0.1718 81  GLN A CD  
438 O OE1 . GLN A 83  ? 0.8163 0.6086 0.4579 0.0471  0.0135  -0.1673 81  GLN A OE1 
439 N NE2 . GLN A 83  ? 0.7246 0.5071 0.3466 0.0650  -0.0098 -0.2101 81  GLN A NE2 
440 N N   . ILE A 84  ? 0.5367 0.2827 0.3709 -0.0121 0.1648  0.0392  82  ILE A N   
441 C CA  . ILE A 84  ? 0.5445 0.3418 0.4152 -0.0241 0.1257  0.0557  82  ILE A CA  
442 C C   . ILE A 84  ? 0.4659 0.2476 0.3489 -0.0515 0.1134  0.0466  82  ILE A C   
443 O O   . ILE A 84  ? 0.4915 0.2922 0.3827 -0.0692 0.0845  0.0627  82  ILE A O   
444 C CB  . ILE A 84  ? 0.4261 0.2401 0.3312 -0.0033 0.1281  0.0548  82  ILE A CB  
445 C CG1 . ILE A 84  ? 0.3964 0.2315 0.3041 0.0179  0.1300  0.0705  82  ILE A CG1 
446 C CG2 . ILE A 84  ? 0.3829 0.2275 0.3174 -0.0185 0.0955  0.0639  82  ILE A CG2 
447 C CD1 . ILE A 84  ? 0.4870 0.3302 0.4210 0.0410  0.1403  0.0688  82  ILE A CD1 
448 N N   . ALA A 85  ? 0.4545 0.2022 0.3472 -0.0538 0.1380  0.0211  83  ALA A N   
449 C CA  . ALA A 85  ? 0.4792 0.2181 0.4069 -0.0803 0.1203  0.0076  83  ALA A CA  
450 C C   . ALA A 85  ? 0.5909 0.2849 0.4731 -0.1183 0.1103  -0.0085 83  ALA A C   
451 O O   . ALA A 85  ? 0.5589 0.2708 0.4735 -0.1426 0.0704  -0.0101 83  ALA A O   
452 C CB  . ALA A 85  ? 0.5490 0.2741 0.5024 -0.0755 0.1462  -0.0135 83  ALA A CB  
453 N N   . GLN A 86  ? 0.6294 0.2614 0.4254 -0.1246 0.1438  -0.0242 84  GLN A N   
454 C CA  . GLN A 86  ? 0.7113 0.3246 0.4372 -0.1506 0.1179  -0.0511 84  GLN A CA  
455 C C   . GLN A 86  ? 0.6915 0.3731 0.4019 -0.1494 0.0719  -0.0142 84  GLN A C   
456 O O   . GLN A 86  ? 0.7193 0.4299 0.4248 -0.1707 0.0222  -0.0276 84  GLN A O   
457 C CB  . GLN A 86  ? 0.8403 0.4106 0.4754 -0.1306 0.1593  -0.0681 84  GLN A CB  
458 C CG  . GLN A 86  ? 1.0601 0.5524 0.6976 -0.1344 0.2028  -0.1128 84  GLN A CG  
459 C CD  . GLN A 86  ? 1.1670 0.6273 0.7263 -0.1051 0.2477  -0.1152 84  GLN A CD  
460 O OE1 . GLN A 86  ? 1.1680 0.6435 0.6450 -0.0913 0.2432  -0.1071 84  GLN A OE1 
461 N NE2 . GLN A 86  ? 1.1016 0.5477 0.7043 -0.0924 0.2836  -0.1102 84  GLN A NE2 
462 N N   . ALA A 87  ? 0.6975 0.4056 0.4031 -0.1247 0.0876  0.0343  85  ALA A N   
463 C CA  . ALA A 87  ? 0.7016 0.4694 0.3978 -0.1218 0.0516  0.0757  85  ALA A CA  
464 C C   . ALA A 87  ? 0.5554 0.3559 0.3238 -0.1433 0.0030  0.0824  85  ALA A C   
465 O O   . ALA A 87  ? 0.5736 0.4173 0.3324 -0.1508 -0.0391 0.0991  85  ALA A O   
466 C CB  . ALA A 87  ? 0.5891 0.4218 0.3508 -0.0769 0.0641  0.1067  85  ALA A CB  
467 N N   . LEU A 88  ? 0.5181 0.2977 0.3590 -0.1495 0.0130  0.0727  86  LEU A N   
468 C CA  . LEU A 88  ? 0.4296 0.2491 0.3537 -0.1536 -0.0219 0.0735  86  LEU A CA  
469 C C   . LEU A 88  ? 0.5360 0.3512 0.4696 -0.1928 -0.0607 0.0442  86  LEU A C   
470 O O   . LEU A 88  ? 0.5395 0.3992 0.5065 -0.2041 -0.1072 0.0578  86  LEU A O   
471 C CB  . LEU A 88  ? 0.4456 0.2780 0.4538 -0.1164 0.0144  0.0597  86  LEU A CB  
472 C CG  . LEU A 88  ? 0.3520 0.2104 0.3645 -0.0755 0.0375  0.0734  86  LEU A CG  
473 C CD1 . LEU A 88  ? 0.4628 0.3205 0.4707 -0.0789 0.0152  0.0699  86  LEU A CD1 
474 C CD2 . LEU A 88  ? 0.3274 0.2090 0.3221 -0.0774 0.0074  0.0861  86  LEU A CD2 
475 N N   . LEU A 89  ? 0.5603 0.3339 0.4740 -0.2033 -0.0413 -0.0006 87  LEU A N   
476 C CA  . LEU A 89  ? 0.6028 0.3823 0.5346 -0.2340 -0.0795 -0.0405 87  LEU A CA  
477 C C   . LEU A 89  ? 0.7433 0.5619 0.5997 -0.2386 -0.1269 -0.0392 87  LEU A C   
478 O O   . LEU A 89  ? 0.7962 0.6589 0.6844 -0.2580 -0.1816 -0.0403 87  LEU A O   
479 C CB  . LEU A 89  ? 0.6296 0.3548 0.5523 -0.2365 -0.0444 -0.0888 87  LEU A CB  
480 C CG  . LEU A 89  ? 0.7119 0.4365 0.7321 -0.2060 -0.0099 -0.0807 87  LEU A CG  
481 C CD1 . LEU A 89  ? 0.7685 0.4444 0.7646 -0.2063 0.0169  -0.1150 87  LEU A CD1 
482 C CD2 . LEU A 89  ? 0.7620 0.5304 0.8819 -0.2072 -0.0474 -0.0663 87  LEU A CD2 
483 N N   . GLY A 90  ? 0.7648 0.5700 0.5218 -0.2176 -0.1039 -0.0320 88  GLY A N   
484 C CA  . GLY A 90  ? 0.7475 0.5809 0.4135 -0.2166 -0.1380 -0.0314 88  GLY A CA  
485 C C   . GLY A 90  ? 0.7721 0.6624 0.4327 -0.1987 -0.1561 0.0302  88  GLY A C   
486 O O   . GLY A 90  ? 0.8919 0.8072 0.4704 -0.1898 -0.1741 0.0438  88  GLY A O   
487 N N   . ALA A 91  ? 0.4340 0.6794 0.6800 -0.0832 -0.1279 0.0865  89  ALA A N   
488 C CA  . ALA A 91  ? 0.4273 0.6890 0.6900 -0.0743 -0.1171 0.0934  89  ALA A CA  
489 C C   . ALA A 91  ? 0.4639 0.7007 0.6385 -0.0754 -0.0958 0.0799  89  ALA A C   
490 O O   . ALA A 91  ? 0.4805 0.7086 0.6193 -0.0911 -0.1112 0.0974  89  ALA A O   
491 C CB  . ALA A 91  ? 0.4868 0.7480 0.7800 -0.0915 -0.1604 0.1237  89  ALA A CB  
492 N N   . GLU A 92  ? 0.4231 0.6548 0.5657 -0.0601 -0.0621 0.0505  90  GLU A N   
493 C CA  . GLU A 92  ? 0.4679 0.6872 0.5296 -0.0569 -0.0383 0.0315  90  GLU A CA  
494 C C   . GLU A 92  ? 0.4869 0.7337 0.5790 -0.0345 0.0033  0.0216  90  GLU A C   
495 O O   . GLU A 92  ? 0.3942 0.6567 0.5422 -0.0161 0.0218  0.0109  90  GLU A O   
496 C CB  . GLU A 92  ? 0.6276 0.8141 0.6263 -0.0538 -0.0384 -0.0011 90  GLU A CB  
497 C CG  . GLU A 92  ? 0.7466 0.9323 0.6693 -0.0418 -0.0092 -0.0320 90  GLU A CG  
498 C CD  . GLU A 92  ? 0.7965 0.9454 0.6664 -0.0328 -0.0179 -0.0716 90  GLU A CD  
499 O OE1 . GLU A 92  ? 0.8522 0.9678 0.7061 -0.0466 -0.0585 -0.0704 90  GLU A OE1 
500 O OE2 . GLU A 92  ? 0.7838 0.9344 0.6324 -0.0113 0.0113  -0.1046 90  GLU A OE2 
501 N N   . GLU A 93  ? 0.4044 0.6618 0.4602 -0.0384 0.0159  0.0283  91  GLU A N   
502 C CA  . GLU A 93  ? 0.3592 0.6391 0.4366 -0.0194 0.0528  0.0198  91  GLU A CA  
503 C C   . GLU A 93  ? 0.4684 0.7407 0.4972 -0.0024 0.0856  -0.0191 91  GLU A C   
504 O O   . GLU A 93  ? 0.4225 0.6834 0.3737 -0.0082 0.0843  -0.0365 91  GLU A O   
505 C CB  . GLU A 93  ? 0.3847 0.6823 0.4401 -0.0351 0.0501  0.0467  91  GLU A CB  
506 C CG  . GLU A 93  ? 0.4396 0.7590 0.5376 -0.0193 0.0764  0.0483  91  GLU A CG  
507 C CD  . GLU A 93  ? 0.6375 0.9721 0.7415 -0.0418 0.0559  0.0899  91  GLU A CD  
508 O OE1 . GLU A 93  ? 0.6199 0.9742 0.7319 -0.0374 0.0761  0.0955  91  GLU A OE1 
509 O OE2 . GLU A 93  ? 0.5792 0.9057 0.6827 -0.0667 0.0156  0.1205  91  GLU A OE2 
510 N N   . ARG A 94  ? 0.3193 0.5999 0.3947 0.0202  0.1122  -0.0355 92  ARG A N   
511 C CA  . ARG A 94  ? 0.3892 0.6558 0.4317 0.0363  0.1348  -0.0715 92  ARG A CA  
512 C C   . ARG A 94  ? 0.2799 0.5107 0.3585 0.0532  0.1501  -0.0650 92  ARG A C   
513 O O   . ARG A 94  ? 0.2393 0.4647 0.3724 0.0569  0.1439  -0.0446 92  ARG A O   
514 C CB  . ARG A 94  ? 0.3422 0.5791 0.3843 0.0307  0.1085  -0.0803 92  ARG A CB  
515 C CG  . ARG A 94  ? 0.5895 0.7954 0.5771 0.0408  0.1110  -0.1183 92  ARG A CG  
516 C CD  . ARG A 94  ? 0.6930 0.8629 0.6820 0.0287  0.0713  -0.1189 92  ARG A CD  
517 N NE  . ARG A 94  ? 0.8690 0.9991 0.8083 0.0395  0.0610  -0.1586 92  ARG A NE  
518 C CZ  . ARG A 94  ? 0.9773 1.0651 0.9147 0.0305  0.0198  -0.1645 92  ARG A CZ  
519 N NH1 . ARG A 94  ? 0.9188 1.0065 0.9003 0.0080  -0.0100 -0.1292 92  ARG A NH1 
520 N NH2 . ARG A 94  ? 1.0063 1.0529 0.9025 0.0448  0.0046  -0.2061 92  ARG A NH2 
521 N N   . LYS A 95  ? 0.3488 0.5290 0.3844 0.0608  0.1579  -0.0684 93  LYS A N   
522 C CA  . LYS A 95  ? 0.3427 0.4865 0.3902 0.0705  0.1532  -0.0531 93  LYS A CA  
523 C C   . LYS A 95  ? 0.3806 0.5108 0.4154 0.0772  0.1477  -0.0685 93  LYS A C   
524 O O   . LYS A 95  ? 0.3855 0.4982 0.3821 0.0790  0.1497  -0.0896 93  LYS A O   
525 C CB  . LYS A 95  ? 0.3415 0.4796 0.3735 0.0699  0.1613  -0.0540 93  LYS A CB  
526 C CG  . LYS A 95  ? 0.3915 0.5440 0.4407 0.0584  0.1682  -0.0428 93  LYS A CG  
527 C CD  . LYS A 95  ? 0.3812 0.5334 0.4240 0.0557  0.1757  -0.0438 93  LYS A CD  
528 C CE  . LYS A 95  ? 0.5045 0.6863 0.5636 0.0396  0.1813  -0.0357 93  LYS A CE  
529 N NZ  . LYS A 95  ? 0.6671 0.8547 0.7447 0.0353  0.1804  -0.0363 93  LYS A NZ  
530 N N   . VAL A 96  ? 0.3986 0.2770 0.3492 0.0724  0.0441  -0.0261 94  VAL A N   
531 C CA  . VAL A 96  ? 0.4089 0.2443 0.3283 0.0846  0.0280  -0.0336 94  VAL A CA  
532 C C   . VAL A 96  ? 0.5232 0.3211 0.4386 0.1099  0.0010  -0.0449 94  VAL A C   
533 O O   . VAL A 96  ? 0.4898 0.2839 0.3951 0.1114  -0.0031 -0.0304 94  VAL A O   
534 C CB  . VAL A 96  ? 0.3975 0.2132 0.2643 0.0746  0.0363  -0.0056 94  VAL A CB  
535 C CG1 . VAL A 96  ? 0.4991 0.2641 0.3295 0.0856  0.0184  -0.0131 94  VAL A CG1 
536 C CG2 . VAL A 96  ? 0.4852 0.3427 0.3567 0.0461  0.0606  0.0076  94  VAL A CG2 
537 N N   . GLU A 97  ? 0.4729 0.2718 0.4079 0.1135  -0.0142 -0.0638 95  GLU A N   
538 C CA  . GLU A 97  ? 0.5220 0.3148 0.4618 0.1206  -0.0348 -0.0665 95  GLU A CA  
539 C C   . GLU A 97  ? 0.5684 0.3297 0.4642 0.1228  -0.0457 -0.0567 95  GLU A C   
540 O O   . GLU A 97  ? 0.5525 0.3002 0.4346 0.1220  -0.0459 -0.0611 95  GLU A O   
541 C CB  . GLU A 97  ? 0.5711 0.3842 0.5522 0.1268  -0.0436 -0.0893 95  GLU A CB  
542 C CG  . GLU A 97  ? 0.7397 0.5433 0.7192 0.1368  -0.0670 -0.0938 95  GLU A CG  
543 C CD  . GLU A 97  ? 0.6107 0.4369 0.6308 0.1455  -0.0781 -0.1162 95  GLU A CD  
544 O OE1 . GLU A 97  ? 0.5651 0.4233 0.6268 0.1439  -0.0752 -0.1275 95  GLU A OE1 
545 O OE2 . GLU A 97  ? 0.6954 0.5093 0.7076 0.1542  -0.0903 -0.1232 95  GLU A OE2 
546 N N   . ILE A 98  ? 0.5438 0.2927 0.4147 0.1248  -0.0543 -0.0449 96  ILE A N   
547 C CA  . ILE A 98  ? 0.5408 0.2616 0.3633 0.1251  -0.0608 -0.0341 96  ILE A CA  
548 C C   . ILE A 98  ? 0.5743 0.2857 0.3840 0.1316  -0.0766 -0.0354 96  ILE A C   
549 O O   . ILE A 98  ? 0.5602 0.2832 0.3855 0.1328  -0.0783 -0.0365 96  ILE A O   
550 C CB  . ILE A 98  ? 0.5243 0.2377 0.3105 0.1171  -0.0433 -0.0131 96  ILE A CB  
551 C CG1 . ILE A 98  ? 0.5671 0.2519 0.3034 0.1151  -0.0461 -0.0047 96  ILE A CG1 
552 C CG2 . ILE A 98  ? 0.5211 0.2506 0.3130 0.1162  -0.0355 -0.0041 96  ILE A CG2 
553 C CD1 . ILE A 98  ? 0.5734 0.2593 0.2846 0.1038  -0.0245 0.0138  96  ILE A CD1 
554 N N   . ALA A 99  ? 0.5867 0.2734 0.3638 0.1355  -0.0888 -0.0360 97  ALA A N   
555 C CA  . ALA A 99  ? 0.5802 0.2481 0.3305 0.1441  -0.1069 -0.0395 97  ALA A CA  
556 C C   . ALA A 99  ? 0.7003 0.3539 0.4072 0.1408  -0.0973 -0.0271 97  ALA A C   
557 O O   . ALA A 99  ? 0.6572 0.2999 0.3371 0.1343  -0.0848 -0.0175 97  ALA A O   
558 C CB  . ALA A 99  ? 0.6534 0.2955 0.3813 0.1527  -0.1267 -0.0479 97  ALA A CB  
559 N N   . PHE A 100 ? 0.6374 0.2901 0.3385 0.1453  -0.1022 -0.0288 98  PHE A N   
560 C CA  . PHE A 100 ? 0.6290 0.2694 0.2924 0.1447  -0.0902 -0.0206 98  PHE A CA  
561 C C   . PHE A 100 ? 0.7157 0.3251 0.3399 0.1552  -0.1095 -0.0293 98  PHE A C   
562 O O   . PHE A 100 ? 0.7018 0.3054 0.3351 0.1621  -0.1335 -0.0405 98  PHE A O   
563 C CB  . PHE A 100 ? 0.5509 0.2147 0.2377 0.1412  -0.0759 -0.0145 98  PHE A CB  
564 C CG  . PHE A 100 ? 0.5318 0.2213 0.2408 0.1307  -0.0518 -0.0020 98  PHE A CG  
565 C CD1 . PHE A 100 ? 0.5672 0.2544 0.2650 0.1245  -0.0405 0.0051  98  PHE A CD1 
566 C CD2 . PHE A 100 ? 0.4863 0.2005 0.2269 0.1267  -0.0416 0.0027  98  PHE A CD2 
567 C CE1 . PHE A 100 ? 0.4914 0.2040 0.2108 0.1143  -0.0208 0.0173  98  PHE A CE1 
568 C CE2 . PHE A 100 ? 0.4593 0.1975 0.2183 0.1175  -0.0215 0.0146  98  PHE A CE2 
569 C CZ  . PHE A 100 ? 0.5270 0.2639 0.2730 0.1120  -0.0116 0.0218  98  PHE A CZ  
570 N N   . TYR A 101 ? 0.6487 0.2385 0.2320 0.1574  -0.0984 -0.0254 99  TYR A N   
571 C CA  . TYR A 101 ? 0.7241 0.2800 0.2642 0.1676  -0.1142 -0.0337 99  TYR A CA  
572 C C   . TYR A 101 ? 0.7903 0.3403 0.3108 0.1720  -0.1029 -0.0318 99  TYR A C   
573 O O   . TYR A 101 ? 0.7307 0.2885 0.2487 0.1700  -0.0766 -0.0230 99  TYR A O   
574 C CB  . TYR A 101 ? 0.7761 0.3006 0.2756 0.1693  -0.1135 -0.0344 99  TYR A CB  
575 C CG  . TYR A 101 ? 0.8656 0.3865 0.3737 0.1680  -0.1304 -0.0385 99  TYR A CG  
576 C CD1 . TYR A 101 ? 0.8097 0.3513 0.3467 0.1586  -0.1190 -0.0318 99  TYR A CD1 
577 C CD2 . TYR A 101 ? 0.8592 0.3543 0.3458 0.1772  -0.1585 -0.0494 99  TYR A CD2 
578 C CE1 . TYR A 101 ? 0.8126 0.3475 0.3551 0.1594  -0.1340 -0.0361 99  TYR A CE1 
579 C CE2 . TYR A 101 ? 0.8536 0.3446 0.3487 0.1788  -0.1738 -0.0534 99  TYR A CE2 
580 C CZ  . TYR A 101 ? 0.7767 0.2868 0.2991 0.1703  -0.1608 -0.0468 99  TYR A CZ  
581 O OH  . TYR A 101 ? 0.8290 0.3318 0.3574 0.1736  -0.1755 -0.0516 99  TYR A OH  
582 N N   . ARG A 102 ? 0.7356 0.2711 0.2440 0.1791  -0.1235 -0.0405 100 ARG A N   
583 C CA  . ARG A 102 ? 0.7874 0.3103 0.2714 0.1847  -0.1156 -0.0397 100 ARG A CA  
584 C C   . ARG A 102 ? 0.8454 0.3443 0.2973 0.1894  -0.1043 -0.0363 100 ARG A C   
585 O O   . ARG A 102 ? 0.8653 0.3501 0.3055 0.1891  -0.1094 -0.0376 100 ARG A O   
586 C CB  . ARG A 102 ? 0.8205 0.3331 0.3045 0.1896  -0.1431 -0.0492 100 ARG A CB  
587 C CG  . ARG A 102 ? 0.7398 0.2830 0.2800 0.1836  -0.1543 -0.0510 100 ARG A CG  
588 C CD  . ARG A 102 ? 0.8033 0.3356 0.3465 0.1882  -0.1794 -0.0604 100 ARG A CD  
589 N NE  . ARG A 102 ? 0.7859 0.3505 0.3918 0.1817  -0.1836 -0.0620 100 ARG A NE  
590 C CZ  . ARG A 102 ? 0.8100 0.3917 0.4580 0.1813  -0.1996 -0.0705 100 ARG A CZ  
591 N NH1 . ARG A 102 ? 0.8278 0.3966 0.4601 0.1873  -0.2151 -0.0771 100 ARG A NH1 
592 N NH2 . ARG A 102 ? 0.7179 0.3287 0.4231 0.1757  -0.1988 -0.0734 100 ARG A NH2 
593 N N   . LYS A 103 ? 0.8226 0.3148 0.2589 0.1948  -0.0896 -0.0324 101 LYS A N   
594 C CA  . LYS A 103 ? 0.8523 0.3203 0.2577 0.2020  -0.0782 -0.0296 101 LYS A CA  
595 C C   . LYS A 103 ? 0.9431 0.3802 0.3230 0.2059  -0.1023 -0.0374 101 LYS A C   
596 O O   . LYS A 103 ? 1.0066 0.4222 0.3631 0.2092  -0.0970 -0.0358 101 LYS A O   
597 C CB  . LYS A 103 ? 0.9128 0.3763 0.3052 0.2099  -0.0645 -0.0262 101 LYS A CB  
598 C CG  . LYS A 103 ? 1.0395 0.4811 0.4031 0.2202  -0.0478 -0.0217 101 LYS A CG  
599 C CD  . LYS A 103 ? 1.1171 0.5592 0.4731 0.2295  -0.0316 -0.0173 101 LYS A CD  
600 C CE  . LYS A 103 ? 1.1220 0.5708 0.4783 0.2388  -0.0014 -0.0063 101 LYS A CE  
601 N NZ  . LYS A 103 ? 1.1454 0.6042 0.5047 0.2478  0.0154  -0.0007 101 LYS A NZ  
602 N N   . ASP A 104 ? 0.9088 0.3424 0.2939 0.2064  -0.1297 -0.0460 102 ASP A N   
603 C CA  . ASP A 104 ? 0.9541 0.3594 0.3179 0.2117  -0.1546 -0.0537 102 ASP A CA  
604 C C   . ASP A 104 ? 0.9686 0.3746 0.3424 0.2087  -0.1692 -0.0573 102 ASP A C   
605 O O   . ASP A 104 ? 1.0101 0.3943 0.3699 0.2136  -0.1915 -0.0642 102 ASP A O   
606 C CB  . ASP A 104 ? 1.0141 0.4138 0.3814 0.2152  -0.1795 -0.0618 102 ASP A CB  
607 C CG  . ASP A 104 ? 1.0410 0.4659 0.4484 0.2107  -0.1977 -0.0673 102 ASP A CG  
608 O OD1 . ASP A 104 ? 1.0203 0.4690 0.4513 0.2046  -0.1876 -0.0639 102 ASP A OD1 
609 O OD2 . ASP A 104 ? 1.0282 0.4486 0.4446 0.2136  -0.2223 -0.0754 102 ASP A OD2 
610 N N   . GLY A 105 ? 0.8917 0.3207 0.2884 0.2013  -0.1569 -0.0528 103 GLY A N   
611 C CA  . GLY A 105 ? 0.9731 0.4002 0.3754 0.1988  -0.1679 -0.0552 103 GLY A CA  
612 C C   . GLY A 105 ? 1.0186 0.4650 0.4544 0.1988  -0.1908 -0.0631 103 GLY A C   
613 O O   . GLY A 105 ? 0.9445 0.3930 0.3887 0.1976  -0.1983 -0.0649 103 GLY A O   
614 N N   . SER A 106 ? 0.9635 0.4224 0.4186 0.2010  -0.2027 -0.0683 104 SER A N   
615 C CA  . SER A 106 ? 0.8468 0.3257 0.3397 0.2025  -0.2255 -0.0778 104 SER A CA  
616 C C   . SER A 106 ? 0.8160 0.3261 0.3421 0.1945  -0.2089 -0.0720 104 SER A C   
617 O O   . SER A 106 ? 0.8572 0.3804 0.3859 0.1873  -0.1822 -0.0614 104 SER A O   
618 C CB  . SER A 106 ? 0.9478 0.4325 0.4573 0.2053  -0.2408 -0.0845 104 SER A CB  
619 O OG  . SER A 106 ? 0.9466 0.4424 0.4563 0.2000  -0.2202 -0.0769 104 SER A OG  
620 N N   . CYS A 107 ? 0.8883 0.4146 0.4513 0.1953  -0.2203 -0.0771 105 CYS A N   
621 C CA  . CYS A 107 ? 0.8276 0.3858 0.4337 0.1869  -0.2016 -0.0705 105 CYS A CA  
622 C C   . CYS A 107 ? 0.8263 0.4196 0.4929 0.1847  -0.2026 -0.0754 105 CYS A C   
623 O O   . CYS A 107 ? 0.7718 0.3674 0.4587 0.1916  -0.2256 -0.0880 105 CYS A O   
624 C CB  . CYS A 107 ? 0.8179 0.3696 0.4258 0.1902  -0.2105 -0.0744 105 CYS A CB  
625 S SG  . CYS A 107 ? 0.7807 0.3652 0.4346 0.1804  -0.1876 -0.0675 105 CYS A SG  
626 N N   . PHE A 108 ? 0.7412 0.3612 0.4369 0.1748  -0.1778 -0.0661 106 PHE A N   
627 C CA  . PHE A 108 ? 0.7066 0.3593 0.4610 0.1713  -0.1748 -0.0712 106 PHE A CA  
628 C C   . PHE A 108 ? 0.6454 0.3236 0.4327 0.1626  -0.1515 -0.0652 106 PHE A C   
629 O O   . PHE A 108 ? 0.6961 0.3732 0.4646 0.1555  -0.1312 -0.0518 106 PHE A O   
630 C CB  . PHE A 108 ? 0.6699 0.3256 0.4264 0.1683  -0.1705 -0.0680 106 PHE A CB  
631 C CG  . PHE A 108 ? 0.7148 0.3714 0.4509 0.1609  -0.1440 -0.0522 106 PHE A CG  
632 C CD1 . PHE A 108 ? 0.7181 0.3477 0.3978 0.1639  -0.1395 -0.0458 106 PHE A CD1 
633 C CD2 . PHE A 108 ? 0.5947 0.2793 0.3685 0.1519  -0.1226 -0.0451 106 PHE A CD2 
634 C CE1 . PHE A 108 ? 0.6337 0.2673 0.2977 0.1589  -0.1139 -0.0330 106 PHE A CE1 
635 C CE2 . PHE A 108 ? 0.5784 0.2655 0.3348 0.1464  -0.0997 -0.0308 106 PHE A CE2 
636 C CZ  . PHE A 108 ? 0.5964 0.2597 0.2991 0.1504  -0.0952 -0.0250 106 PHE A CZ  
637 N N   . LEU A 109 ? 0.6331 0.3342 0.4688 0.1638  -0.1547 -0.0766 107 LEU A N   
638 C CA  . LEU A 109 ? 0.6236 0.3487 0.4927 0.1561  -0.1328 -0.0746 107 LEU A CA  
639 C C   . LEU A 109 ? 0.5526 0.2978 0.4454 0.1469  -0.1138 -0.0678 107 LEU A C   
640 O O   . LEU A 109 ? 0.5573 0.3106 0.4714 0.1488  -0.1225 -0.0755 107 LEU A O   
641 C CB  . LEU A 109 ? 0.6847 0.4263 0.5940 0.1625  -0.1420 -0.0918 107 LEU A CB  
642 C CG  . LEU A 109 ? 0.8236 0.5849 0.7614 0.1587  -0.1251 -0.0966 107 LEU A CG  
643 C CD1 . LEU A 109 ? 0.8743 0.6178 0.7798 0.1536  -0.1126 -0.0850 107 LEU A CD1 
644 C CD2 . LEU A 109 ? 0.8442 0.6210 0.8174 0.1695  -0.1395 -0.1174 107 LEU A CD2 
645 N N   . CYS A 110 ? 0.5373 0.2863 0.4217 0.1387  -0.0923 -0.0548 108 CYS A N   
646 C CA  . CYS A 110 ? 0.5368 0.2978 0.4313 0.1324  -0.0768 -0.0462 108 CYS A CA  
647 C C   . CYS A 110 ? 0.5161 0.2960 0.4362 0.1268  -0.0590 -0.0466 108 CYS A C   
648 O O   . CYS A 110 ? 0.5069 0.2828 0.4139 0.1244  -0.0514 -0.0425 108 CYS A O   
649 C CB  . CYS A 110 ? 0.4743 0.2219 0.3273 0.1292  -0.0680 -0.0284 108 CYS A CB  
650 S SG  . CYS A 110 ? 0.4799 0.2391 0.3386 0.1238  -0.0509 -0.0163 108 CYS A SG  
651 N N   . LEU A 111 ? 0.4736 0.2712 0.4267 0.1249  -0.0534 -0.0529 109 LEU A N   
652 C CA  . LEU A 111 ? 0.4204 0.2367 0.3947 0.1197  -0.0345 -0.0539 109 LEU A CA  
653 C C   . LEU A 111 ? 0.3817 0.1931 0.3318 0.1155  -0.0190 -0.0323 109 LEU A C   
654 O O   . LEU A 111 ? 0.4756 0.2857 0.4272 0.1152  -0.0191 -0.0269 109 LEU A O   
655 C CB  . LEU A 111 ? 0.4669 0.3109 0.4911 0.1195  -0.0364 -0.0739 109 LEU A CB  
656 C CG  . LEU A 111 ? 0.4143 0.2900 0.4700 0.1128  -0.0158 -0.0817 109 LEU A CG  
657 C CD1 . LEU A 111 ? 0.3953 0.2764 0.4482 0.1119  -0.0093 -0.0895 109 LEU A CD1 
658 C CD2 . LEU A 111 ? 0.4067 0.3240 0.5260 0.1069  -0.0168 -0.1027 109 LEU A CD2 
659 N N   . VAL A 112 ? 0.4121 0.2185 0.3329 0.1129  -0.0058 -0.0179 110 VAL A N   
660 C CA  . VAL A 112 ? 0.4047 0.2116 0.2951 0.1090  0.0139  0.0085  110 VAL A CA  
661 C C   . VAL A 112 ? 0.4419 0.2834 0.3572 0.0963  0.0389  0.0137  110 VAL A C   
662 O O   . VAL A 112 ? 0.4081 0.2749 0.3399 0.0826  0.0469  0.0065  110 VAL A O   
663 C CB  . VAL A 112 ? 0.4527 0.2489 0.2995 0.1056  0.0197  0.0258  110 VAL A CB  
664 C CG1 . VAL A 112 ? 0.4190 0.2376 0.2519 0.0969  0.0414  0.0489  110 VAL A CG1 
665 C CG2 . VAL A 112 ? 0.4452 0.2246 0.2756 0.1094  -0.0003 0.0178  110 VAL A CG2 
666 N N   . ASP A 113 ? 0.3815 0.2376 0.3037 0.0913  0.0498  0.0258  111 ASP A N   
667 C CA  . ASP A 113 ? 0.3623 0.2676 0.3165 0.0687  0.0709  0.0306  111 ASP A CA  
668 C C   . ASP A 113 ? 0.3458 0.2623 0.2701 0.0618  0.0921  0.0639  111 ASP A C   
669 O O   . ASP A 113 ? 0.3653 0.2678 0.2727 0.0710  0.0932  0.0771  111 ASP A O   
670 C CB  . ASP A 113 ? 0.4472 0.3594 0.4345 0.0672  0.0652  0.0177  111 ASP A CB  
671 C CG  . ASP A 113 ? 0.4974 0.4564 0.5145 0.0434  0.0868  0.0238  111 ASP A CG  
672 O OD1 . ASP A 113 ? 0.4035 0.3952 0.4261 0.0273  0.1037  0.0298  111 ASP A OD1 
673 O OD2 . ASP A 113 ? 0.5342 0.4944 0.5666 0.0395  0.0859  0.0224  111 ASP A OD2 
674 N N   . VAL A 114 ? 0.3267 0.2726 0.2533 0.0444  0.0988  0.0692  112 VAL A N   
675 C CA  . VAL A 114 ? 0.2997 0.2722 0.2319 0.0290  0.0833  0.0712  112 VAL A CA  
676 C C   . VAL A 114 ? 0.3789 0.3810 0.3313 0.0116  0.0841  0.0684  112 VAL A C   
677 O O   . VAL A 114 ? 0.3317 0.3548 0.2963 -0.0052 0.0876  0.0603  112 VAL A O   
678 C CB  . VAL A 114 ? 0.3522 0.3332 0.2761 0.0157  0.0764  0.0702  112 VAL A CB  
679 C CG1 . VAL A 114 ? 0.3909 0.3864 0.3184 0.0169  0.0767  0.0802  112 VAL A CG1 
680 C CG2 . VAL A 114 ? 0.3470 0.2941 0.2461 0.0317  0.0740  0.0718  112 VAL A CG2 
681 N N   . VAL A 115 ? 0.3668 0.3197 0.2245 0.0146  0.0923  0.0850  113 VAL A N   
682 C CA  . VAL A 115 ? 0.3813 0.3448 0.2228 -0.0044 0.0723  0.0967  113 VAL A CA  
683 C C   . VAL A 115 ? 0.3751 0.3178 0.2228 -0.0131 0.0653  0.1113  113 VAL A C   
684 O O   . VAL A 115 ? 0.3757 0.3202 0.2598 -0.0112 0.0593  0.1179  113 VAL A O   
685 C CB  . VAL A 115 ? 0.3813 0.3592 0.2298 -0.0126 0.0571  0.0971  113 VAL A CB  
686 C CG1 . VAL A 115 ? 0.4171 0.3764 0.2348 -0.0214 0.0425  0.1033  113 VAL A CG1 
687 C CG2 . VAL A 115 ? 0.4534 0.4527 0.3039 -0.0023 0.0662  0.0911  113 VAL A CG2 
688 N N   . PRO A 116 ? 0.4124 0.3369 0.2355 -0.0262 0.0569  0.1073  114 PRO A N   
689 C CA  . PRO A 116 ? 0.4148 0.3449 0.2776 -0.0434 0.0260  0.1051  114 PRO A CA  
690 C C   . PRO A 116 ? 0.4320 0.3808 0.2972 -0.0479 -0.0057 0.1227  114 PRO A C   
691 O O   . PRO A 116 ? 0.4183 0.3680 0.2359 -0.0520 -0.0108 0.1304  114 PRO A O   
692 C CB  . PRO A 116 ? 0.5294 0.4368 0.3549 -0.0636 0.0183  0.0902  114 PRO A CB  
693 C CG  . PRO A 116 ? 0.6159 0.4924 0.3796 -0.0509 0.0536  0.0820  114 PRO A CG  
694 C CD  . PRO A 116 ? 0.5106 0.4131 0.2722 -0.0284 0.0683  0.0981  114 PRO A CD  
695 N N   . VAL A 117 ? 0.3707 0.3317 0.2874 -0.0454 -0.0240 0.1299  115 VAL A N   
696 C CA  . VAL A 117 ? 0.3764 0.3420 0.2887 -0.0460 -0.0543 0.1473  115 VAL A CA  
697 C C   . VAL A 117 ? 0.4045 0.3873 0.3503 -0.0542 -0.0883 0.1480  115 VAL A C   
698 O O   . VAL A 117 ? 0.4086 0.4116 0.4176 -0.0464 -0.0889 0.1472  115 VAL A O   
699 C CB  . VAL A 117 ? 0.3934 0.3509 0.3270 -0.0289 -0.0453 0.1599  115 VAL A CB  
700 C CG1 . VAL A 117 ? 0.4683 0.4155 0.3856 -0.0265 -0.0709 0.1702  115 VAL A CG1 
701 C CG2 . VAL A 117 ? 0.4196 0.3683 0.3253 -0.0231 -0.0140 0.1493  115 VAL A CG2 
702 N N   . LYS A 118 ? 0.5096 0.4888 0.4129 -0.0704 -0.1165 0.1510  116 LYS A N   
703 C CA  . LYS A 118 ? 0.4966 0.4969 0.4241 -0.0825 -0.1547 0.1531  116 LYS A CA  
704 C C   . LYS A 118 ? 0.5419 0.5439 0.4677 -0.0711 -0.1880 0.1753  116 LYS A C   
705 O O   . LYS A 118 ? 0.4980 0.4722 0.3802 -0.0645 -0.1787 0.1801  116 LYS A O   
706 C CB  . LYS A 118 ? 0.5163 0.5004 0.3847 -0.1108 -0.1662 0.1408  116 LYS A CB  
707 C CG  . LYS A 118 ? 0.6339 0.5954 0.4772 -0.1190 -0.1296 0.1194  116 LYS A CG  
708 C CD  . LYS A 118 ? 0.8011 0.7315 0.5726 -0.1467 -0.1407 0.1073  116 LYS A CD  
709 C CE  . LYS A 118 ? 0.9351 0.8237 0.6494 -0.1432 -0.0966 0.0909  116 LYS A CE  
710 N NZ  . LYS A 118 ? 0.9618 0.8419 0.7065 -0.1442 -0.0707 0.0754  116 LYS A NZ  
711 N N   . ASN A 119 ? 0.4855 0.5216 0.4608 -0.0679 -0.2207 0.1841  117 ASN A N   
712 C CA  . ASN A 119 ? 0.7196 0.7505 0.6878 -0.0513 -0.2452 0.1992  117 ASN A CA  
713 C C   . ASN A 119 ? 0.7179 0.7341 0.6303 -0.0718 -0.2662 0.1919  117 ASN A C   
714 O O   . ASN A 119 ? 0.6416 0.6460 0.5120 -0.0992 -0.2649 0.1795  117 ASN A O   
715 C CB  . ASN A 119 ? 0.6988 0.7773 0.7510 -0.0267 -0.2622 0.2133  117 ASN A CB  
716 C CG  . ASN A 119 ? 0.6577 0.7986 0.7636 -0.0488 -0.2918 0.2113  117 ASN A CG  
717 O OD1 . ASN A 119 ? 0.6272 0.7607 0.6892 -0.0841 -0.3063 0.1990  117 ASN A OD1 
718 N ND2 . ASN A 119 ? 0.7383 0.9390 0.9354 -0.0293 -0.2957 0.2210  117 ASN A ND2 
719 N N   . GLU A 120 ? 0.8123 0.8233 0.7185 -0.0557 -0.2827 0.2004  118 GLU A N   
720 C CA  . GLU A 120 ? 0.9418 0.9345 0.7955 -0.0708 -0.3012 0.1968  118 GLU A CA  
721 C C   . GLU A 120 ? 1.0474 1.0684 0.9100 -0.0991 -0.3283 0.1914  118 GLU A C   
722 O O   . GLU A 120 ? 1.0871 1.0796 0.8907 -0.1243 -0.3295 0.1806  118 GLU A O   
723 C CB  . GLU A 120 ? 1.0229 1.0118 0.8770 -0.0440 -0.3186 0.2114  118 GLU A CB  
724 C CG  . GLU A 120 ? 1.0331 0.9880 0.8737 -0.0170 -0.2928 0.2173  118 GLU A CG  
725 C CD  . GLU A 120 ? 1.0749 0.9810 0.8439 -0.0266 -0.2793 0.2121  118 GLU A CD  
726 O OE1 . GLU A 120 ? 1.0506 0.9270 0.7997 -0.0073 -0.2688 0.2203  118 GLU A OE1 
727 O OE2 . GLU A 120 ? 1.1535 1.0503 0.8865 -0.0537 -0.2775 0.2006  118 GLU A OE2 
728 N N   . ASP A 121 ? 0.9893 1.0668 0.9261 -0.0960 -0.3472 0.1982  119 ASP A N   
729 C CA  . ASP A 121 ? 0.9101 1.0207 0.8603 -0.1287 -0.3733 0.1915  119 ASP A CA  
730 C C   . ASP A 121 ? 0.8629 0.9432 0.7673 -0.1643 -0.3563 0.1722  119 ASP A C   
731 O O   . ASP A 121 ? 0.9259 0.9894 0.7851 -0.1975 -0.3692 0.1611  119 ASP A O   
732 C CB  . ASP A 121 ? 0.8284 1.0186 0.8809 -0.1195 -0.3887 0.2012  119 ASP A CB  
733 C CG  . ASP A 121 ? 0.8982 1.1202 0.9907 -0.0792 -0.4053 0.2209  119 ASP A CG  
734 O OD1 . ASP A 121 ? 0.9655 1.1556 1.0031 -0.0721 -0.4201 0.2255  119 ASP A OD1 
735 O OD2 . ASP A 121 ? 0.8820 1.1593 1.0586 -0.0528 -0.4009 0.2316  119 ASP A OD2 
736 N N   . GLY A 122 ? 0.7583 0.8256 0.6664 -0.1562 -0.3262 0.1686  120 GLY A N   
737 C CA  . GLY A 122 ? 0.7493 0.7830 0.6049 -0.1837 -0.3063 0.1504  120 GLY A CA  
738 C C   . GLY A 122 ? 0.7673 0.8266 0.6899 -0.1832 -0.2760 0.1375  120 GLY A C   
739 O O   . GLY A 122 ? 0.7568 0.7796 0.6417 -0.1987 -0.2442 0.1165  120 GLY A O   
740 N N   . ALA A 123 ? 0.6855 0.8022 0.7028 -0.1626 -0.2824 0.1504  121 ALA A N   
741 C CA  . ALA A 123 ? 0.6263 0.7683 0.7109 -0.1603 -0.2502 0.1398  121 ALA A CA  
742 C C   . ALA A 123 ? 0.5140 0.6205 0.5914 -0.1287 -0.2021 0.1367  121 ALA A C   
743 O O   . ALA A 123 ? 0.5229 0.6143 0.5850 -0.1020 -0.2016 0.1510  121 ALA A O   
744 C CB  . ALA A 123 ? 0.6804 0.9034 0.8707 -0.1483 -0.2724 0.1568  121 ALA A CB  
745 N N   . VAL A 124 ? 0.4582 0.5473 0.5400 -0.1345 -0.1630 0.1187  122 VAL A N   
746 C CA  . VAL A 124 ? 0.4503 0.5100 0.5264 -0.1067 -0.1197 0.1165  122 VAL A CA  
747 C C   . VAL A 124 ? 0.4280 0.5238 0.5876 -0.0810 -0.1098 0.1276  122 VAL A C   
748 O O   . VAL A 124 ? 0.3739 0.5098 0.5984 -0.0900 -0.1089 0.1243  122 VAL A O   
749 C CB  . VAL A 124 ? 0.5100 0.5299 0.5503 -0.1180 -0.0805 0.0947  122 VAL A CB  
750 C CG1 . VAL A 124 ? 0.3912 0.3827 0.4125 -0.0888 -0.0423 0.0960  122 VAL A CG1 
751 C CG2 . VAL A 124 ? 0.7248 0.7054 0.6823 -0.1444 -0.0883 0.0821  122 VAL A CG2 
752 N N   . ILE A 125 ? 0.3930 0.4720 0.5462 -0.0511 -0.1008 0.1411  123 ILE A N   
753 C CA  . ILE A 125 ? 0.4052 0.5028 0.6221 -0.0219 -0.0888 0.1530  123 ILE A CA  
754 C C   . ILE A 125 ? 0.4909 0.5564 0.7049 -0.0104 -0.0424 0.1434  123 ILE A C   
755 O O   . ILE A 125 ? 0.4012 0.4832 0.6725 0.0015  -0.0210 0.1428  123 ILE A O   
756 C CB  . ILE A 125 ? 0.4605 0.5434 0.6595 0.0035  -0.1078 0.1750  123 ILE A CB  
757 C CG1 . ILE A 125 ? 0.5344 0.6438 0.7274 -0.0061 -0.1564 0.1864  123 ILE A CG1 
758 C CG2 . ILE A 125 ? 0.5169 0.6076 0.7724 0.0381  -0.0908 0.1872  123 ILE A CG2 
759 C CD1 . ILE A 125 ? 0.5355 0.7156 0.8056 -0.0158 -0.1784 0.1876  123 ILE A CD1 
760 N N   . MET A 126 ? 0.3739 0.3974 0.5213 -0.0136 -0.0265 0.1375  124 MET A N   
761 C CA  . MET A 126 ? 0.3388 0.3325 0.4757 -0.0033 0.0135  0.1303  124 MET A CA  
762 C C   . MET A 126 ? 0.3592 0.3275 0.4300 -0.0124 0.0264  0.1216  124 MET A C   
763 O O   . MET A 126 ? 0.3384 0.3078 0.3679 -0.0245 0.0071  0.1226  124 MET A O   
764 C CB  . MET A 126 ? 0.4046 0.3756 0.5390 0.0202  0.0221  0.1452  124 MET A CB  
765 C CG  . MET A 126 ? 0.4909 0.4390 0.5632 0.0187  0.0054  0.1580  124 MET A CG  
766 S SD  . MET A 126 ? 0.5340 0.4481 0.5892 0.0378  0.0079  0.1626  124 MET A SD  
767 C CE  . MET A 126 ? 0.7050 0.5936 0.6716 0.0193  -0.0074 0.1549  124 MET A CE  
768 N N   . PHE A 127 ? 0.2840 0.2296 0.3436 -0.0037 0.0605  0.1147  125 PHE A N   
769 C CA  . PHE A 127 ? 0.3183 0.2467 0.3205 -0.0024 0.0767  0.1111  125 PHE A CA  
770 C C   . PHE A 127 ? 0.3404 0.2672 0.3286 0.0109  0.0815  0.1100  125 PHE A C   
771 O O   . PHE A 127 ? 0.3376 0.2592 0.3509 0.0205  0.0895  0.1035  125 PHE A O   
772 C CB  . PHE A 127 ? 0.2999 0.2062 0.2922 -0.0035 0.1052  0.0937  125 PHE A CB  
773 C CG  . PHE A 127 ? 0.4050 0.3086 0.3909 -0.0253 0.0943  0.0801  125 PHE A CG  
774 C CD1 . PHE A 127 ? 0.4341 0.3234 0.3603 -0.0319 0.0900  0.0757  125 PHE A CD1 
775 C CD2 . PHE A 127 ? 0.4132 0.3279 0.4489 -0.0414 0.0900  0.0721  125 PHE A CD2 
776 C CE1 . PHE A 127 ? 0.4434 0.3169 0.3491 -0.0566 0.0798  0.0621  125 PHE A CE1 
777 C CE2 . PHE A 127 ? 0.4877 0.3991 0.5114 -0.0700 0.0767  0.0599  125 PHE A CE2 
778 C CZ  . PHE A 127 ? 0.4755 0.3596 0.4285 -0.0788 0.0708  0.0541  125 PHE A CZ  
779 N N   . ILE A 128 ? 0.3343 0.2735 0.2848 0.0071  0.0701  0.1071  126 ILE A N   
780 C CA  . ILE A 128 ? 0.3371 0.2845 0.2804 0.0102  0.0678  0.0964  126 ILE A CA  
781 C C   . ILE A 128 ? 0.3274 0.2816 0.2622 0.0202  0.0805  0.0859  126 ILE A C   
782 O O   . ILE A 128 ? 0.3508 0.3117 0.2659 0.0184  0.0820  0.0862  126 ILE A O   
783 C CB  . ILE A 128 ? 0.3285 0.2816 0.2438 -0.0067 0.0468  0.0997  126 ILE A CB  
784 C CG1 . ILE A 128 ? 0.3079 0.2387 0.2212 -0.0105 0.0337  0.1093  126 ILE A CG1 
785 C CG2 . ILE A 128 ? 0.4269 0.3901 0.3394 -0.0040 0.0506  0.0970  126 ILE A CG2 
786 C CD1 . ILE A 128 ? 0.3430 0.2548 0.2132 -0.0186 0.0222  0.1093  126 ILE A CD1 
787 N N   . LEU A 129 ? 0.3143 0.1933 0.2922 -0.0401 0.0620  0.0809  127 LEU A N   
788 C CA  . LEU A 129 ? 0.3092 0.1854 0.2643 -0.0261 0.0654  0.0769  127 LEU A CA  
789 C C   . LEU A 129 ? 0.2983 0.1916 0.2709 -0.0371 0.0732  0.0802  127 LEU A C   
790 O O   . LEU A 129 ? 0.3265 0.2107 0.3174 -0.0448 0.0647  0.0688  127 LEU A O   
791 C CB  . LEU A 129 ? 0.3064 0.1455 0.2354 -0.0069 0.0603  0.0532  127 LEU A CB  
792 C CG  . LEU A 129 ? 0.3654 0.1887 0.2646 0.0082  0.0603  0.0453  127 LEU A CG  
793 C CD1 . LEU A 129 ? 0.5115 0.3391 0.4255 -0.0020 0.0601  0.0461  127 LEU A CD1 
794 C CD2 . LEU A 129 ? 0.3934 0.1913 0.2538 0.0208  0.0550  0.0265  127 LEU A CD2 
795 N N   . ASN A 130 ? 0.3124 0.2418 0.2835 -0.0299 0.1041  0.0957  128 ASN A N   
796 C CA  . ASN A 130 ? 0.3065 0.2749 0.3091 -0.0357 0.1233  0.0956  128 ASN A CA  
797 C C   . ASN A 130 ? 0.3277 0.2915 0.2894 0.0039  0.1096  0.0643  128 ASN A C   
798 O O   . ASN A 130 ? 0.3956 0.3554 0.3128 0.0378  0.0996  0.0529  128 ASN A O   
799 C CB  . ASN A 130 ? 0.3254 0.3895 0.3645 -0.0470 0.1366  0.1073  128 ASN A CB  
800 C CG  . ASN A 130 ? 0.5701 0.6225 0.6234 -0.0795 0.1220  0.1115  128 ASN A CG  
801 O OD1 . ASN A 130 ? 0.4875 0.5188 0.5583 -0.0998 0.1090  0.1022  128 ASN A OD1 
802 N ND2 . ASN A 130 ? 0.6376 0.7056 0.6742 -0.0771 0.1265  0.1231  128 ASN A ND2 
803 N N   . PHE A 131 ? 0.3077 0.2765 0.2885 0.0009  0.1032  0.0465  129 PHE A N   
804 C CA  . PHE A 131 ? 0.3715 0.3364 0.3168 0.0378  0.0825  0.0172  129 PHE A CA  
805 C C   . PHE A 131 ? 0.3580 0.4100 0.3426 0.0417  0.0838  -0.0008 129 PHE A C   
806 O O   . PHE A 131 ? 0.3388 0.4179 0.3755 0.0114  0.0939  0.0010  129 PHE A O   
807 C CB  . PHE A 131 ? 0.3637 0.2481 0.2839 0.0337  0.0693  0.0112  129 PHE A CB  
808 C CG  . PHE A 131 ? 0.3977 0.1966 0.2820 0.0285  0.0682  0.0257  129 PHE A CG  
809 C CD1 . PHE A 131 ? 0.3170 0.1172 0.2375 -0.0055 0.0765  0.0410  129 PHE A CD1 
810 C CD2 . PHE A 131 ? 0.4028 0.1485 0.2331 0.0574  0.0492  0.0175  129 PHE A CD2 
811 C CE1 . PHE A 131 ? 0.3325 0.1504 0.2596 -0.0064 0.0512  0.0341  129 PHE A CE1 
812 C CE2 . PHE A 131 ? 0.4331 0.2021 0.2818 0.0366  0.0380  0.0183  129 PHE A CE2 
813 C CZ  . PHE A 131 ? 0.3993 0.1962 0.2874 0.0116  0.0433  0.0239  129 PHE A CZ  
814 N N   . GLU A 132 ? 0.3353 0.4337 0.3007 0.0796  0.0726  -0.0217 130 GLU A N   
815 C CA  . GLU A 132 ? 0.3765 0.5570 0.3748 0.0898  0.0700  -0.0453 130 GLU A CA  
816 C C   . GLU A 132 ? 0.4020 0.5624 0.3604 0.1346  0.0401  -0.0736 130 GLU A C   
817 O O   . GLU A 132 ? 0.4361 0.5540 0.3493 0.1662  0.0243  -0.0782 130 GLU A O   
818 C CB  . GLU A 132 ? 0.5049 0.7837 0.5302 0.0926  0.0855  -0.0462 130 GLU A CB  
819 C CG  . GLU A 132 ? 0.5936 0.9138 0.6724 0.0451  0.1147  -0.0152 130 GLU A CG  
820 C CD  . GLU A 132 ? 0.6971 1.1224 0.7968 0.0466  0.1311  -0.0129 130 GLU A CD  
821 O OE1 . GLU A 132 ? 0.7329 1.2158 0.8209 0.0827  0.1206  -0.0454 130 GLU A OE1 
822 O OE2 . GLU A 132 ? 0.7747 1.2278 0.9037 0.0115  0.1538  0.0218  130 GLU A OE2 
823 N N   . VAL A 133 ? 0.3611 0.5510 0.3398 0.1374  0.0307  -0.0925 131 VAL A N   
824 C CA  . VAL A 133 ? 0.3940 0.5775 0.3410 0.1812  0.0000  -0.1175 131 VAL A CA  
825 C C   . VAL A 133 ? 0.4486 0.7187 0.4127 0.2133  -0.0046 -0.1435 131 VAL A C   
826 O O   . VAL A 133 ? 0.5042 0.8645 0.5192 0.1983  0.0124  -0.1531 131 VAL A O   
827 C CB  . VAL A 133 ? 0.4246 0.6173 0.3859 0.1741  -0.0101 -0.1300 131 VAL A CB  
828 C CG1 . VAL A 133 ? 0.5381 0.7325 0.4684 0.2217  -0.0443 -0.1528 131 VAL A CG1 
829 C CG2 . VAL A 133 ? 0.4153 0.5297 0.3589 0.1437  -0.0064 -0.1099 131 VAL A CG2 
830 N N   . VAL A 134 ? 0.4950 0.7398 0.4218 0.2566  -0.0277 -0.1569 132 VAL A N   
831 C CA  . VAL A 134 ? 0.5580 0.8778 0.5008 0.2838  -0.0381 -0.1829 132 VAL A CA  
832 C C   . VAL A 134 ? 0.5658 0.9145 0.5172 0.3063  -0.0651 -0.2079 132 VAL A C   
833 O O   . VAL A 134 ? 0.6407 1.0768 0.6300 0.3032  -0.0613 -0.2279 132 VAL A O   
834 C CB  . VAL A 134 ? 0.4808 0.7518 0.3881 0.3071  -0.0591 -0.1824 132 VAL A CB  
835 C CG1 . VAL A 134 ? 0.5987 0.9493 0.5256 0.3254  -0.0708 -0.2098 132 VAL A CG1 
836 C CG2 . VAL A 134 ? 0.4660 0.6981 0.3587 0.2869  -0.0364 -0.1577 132 VAL A CG2 
837 N N   . MET A 135 ? 0.5963 0.8683 0.5086 0.3272  -0.0932 -0.2045 133 MET A N   
838 C CA  . MET A 135 ? 0.8248 1.1145 0.7365 0.3492  -0.1201 -0.2238 133 MET A CA  
839 C C   . MET A 135 ? 0.9366 1.1338 0.8024 0.3576  -0.1391 -0.2056 133 MET A C   
840 O O   . MET A 135 ? 0.6858 0.7982 0.5158 0.3491  -0.1370 -0.1801 133 MET A O   
841 C CB  . MET A 135 ? 0.8907 1.2031 0.7947 0.3802  -0.1486 -0.2487 133 MET A CB  
842 C CG  . MET A 135 ? 0.9131 1.1351 0.7690 0.3988  -0.1722 -0.2401 133 MET A CG  
843 S SD  . MET A 135 ? 1.1956 1.4482 1.0527 0.4327  -0.2025 -0.2780 133 MET A SD  
844 C CE  . MET A 135 ? 1.0843 1.4393 0.9860 0.4200  -0.1783 -0.2926 133 MET A CE  
# 
loop_
_pdbx_poly_seq_scheme.asym_id 
_pdbx_poly_seq_scheme.entity_id 
_pdbx_poly_seq_scheme.seq_id 
_pdbx_poly_seq_scheme.mon_id 
_pdbx_poly_seq_scheme.ndb_seq_num 
_pdbx_poly_seq_scheme.pdb_seq_num 
_pdbx_poly_seq_scheme.auth_seq_num 
_pdbx_poly_seq_scheme.pdb_mon_id 
_pdbx_poly_seq_scheme.auth_mon_id 
_pdbx_poly_seq_scheme.pdb_strand_id 
_pdbx_poly_seq_scheme.pdb_ins_code 
_pdbx_poly_seq_scheme.hetero 
A 1 1   GLY 1   -1  ?   ?   ?   A . n 
A 1 2   SER 2   0   ?   ?   ?   A . n 
A 1 3   MET 3   1   ?   ?   ?   A . n 
A 1 4   PRO 4   2   ?   ?   ?   A . n 
A 1 5   VAL 5   3   ?   ?   ?   A . n 
A 1 6   ARG 6   4   ?   ?   ?   A . n 
A 1 7   ARG 7   5   ?   ?   ?   A . n 
A 1 8   GLY 8   6   ?   ?   ?   A . n 
A 1 9   HIS 9   7   ?   ?   ?   A . n 
A 1 10  VAL 10  8   ?   ?   ?   A . n 
A 1 11  ALA 11  9   ?   ?   ?   A . n 
A 1 12  PRO 12  10  ?   ?   ?   A . n 
A 1 13  GLN 13  11  ?   ?   ?   A . n 
A 1 14  ASN 14  12  ?   ?   ?   A . n 
A 1 15  THR 15  13  ?   ?   ?   A . n 
A 1 16  PHE 16  14  ?   ?   ?   A . n 
A 1 17  LEU 17  15  ?   ?   ?   A . n 
A 1 18  ASP 18  16  ?   ?   ?   A . n 
A 1 19  THR 19  17  ?   ?   ?   A . n 
A 1 20  ILE 20  18  ?   ?   ?   A . n 
A 1 21  ILE 21  19  ?   ?   ?   A . n 
A 1 22  ARG 22  20  ?   ?   ?   A . n 
A 1 23  LYS 23  21  ?   ?   ?   A . n 
A 1 24  PHE 24  22  ?   ?   ?   A . n 
A 1 25  GLU 25  23  ?   ?   ?   A . n 
A 1 26  GLY 26  24  ?   ?   ?   A . n 
A 1 27  GLN 27  25  ?   ?   ?   A . n 
A 1 28  SER 28  26  26  SER SER A . n 
A 1 29  ARG 29  27  27  ARG ARG A . n 
A 1 30  LYS 30  28  28  LYS LYS A . n 
A 1 31  PHE 31  29  29  PHE PHE A . n 
A 1 32  ILE 32  30  30  ILE ILE A . n 
A 1 33  ILE 33  31  31  ILE ILE A . n 
A 1 34  ALA 34  32  32  ALA ALA A . n 
A 1 35  ASN 35  33  33  ASN ASN A . n 
A 1 36  ALA 36  34  34  ALA ALA A . n 
A 1 37  ARG 37  35  35  ARG ARG A . n 
A 1 38  VAL 38  36  36  VAL VAL A . n 
A 1 39  GLU 39  37  37  GLU GLU A . n 
A 1 40  ASN 40  38  38  ASN ASN A . n 
A 1 41  CYS 41  39  39  CYS CYS A . n 
A 1 42  ALA 42  40  40  ALA ALA A . n 
A 1 43  VAL 43  41  41  VAL VAL A . n 
A 1 44  ILE 44  42  42  ILE ILE A . n 
A 1 45  TYR 45  43  43  TYR TYR A . n 
A 1 46  CYS 46  44  44  CYS CYS A . n 
A 1 47  ASN 47  45  45  ASN ASN A . n 
A 1 48  ASP 48  46  46  ASP ASP A . n 
A 1 49  GLY 49  47  47  GLY GLY A . n 
A 1 50  PHE 50  48  48  PHE PHE A . n 
A 1 51  CYS 51  49  49  CYS CYS A . n 
A 1 52  GLU 52  50  50  GLU GLU A . n 
A 1 53  LEU 53  51  51  LEU LEU A . n 
A 1 54  CYS 54  52  52  CYS CYS A . n 
A 1 55  GLY 55  53  53  GLY GLY A . n 
A 1 56  TYR 56  54  54  TYR TYR A . n 
A 1 57  SER 57  55  55  SER SER A . n 
A 1 58  ARG 58  56  56  ARG ARG A . n 
A 1 59  ALA 59  57  57  ALA ALA A . n 
A 1 60  GLU 60  58  58  GLU GLU A . n 
A 1 61  VAL 61  59  59  VAL VAL A . n 
A 1 62  MET 62  60  60  MET MET A . n 
A 1 63  GLN 63  61  61  GLN GLN A . n 
A 1 64  ARG 64  62  62  ARG ARG A . n 
A 1 65  PRO 65  63  63  PRO PRO A . n 
A 1 66  CYS 66  64  64  CYS CYS A . n 
A 1 67  THR 67  65  65  THR THR A . n 
A 1 68  CYS 68  66  66  CYS CYS A . n 
A 1 69  ASP 69  67  67  ASP ASP A . n 
A 1 70  PHE 70  68  68  PHE PHE A . n 
A 1 71  LEU 71  69  69  LEU LEU A . n 
A 1 72  HIS 72  70  70  HIS HIS A . n 
A 1 73  GLY 73  71  71  GLY GLY A . n 
A 1 74  PRO 74  72  72  PRO PRO A . n 
A 1 75  ARG 75  73  73  ARG ARG A . n 
A 1 76  THR 76  74  74  THR THR A . n 
A 1 77  GLN 77  75  75  GLN GLN A . n 
A 1 78  ARG 78  76  76  ARG ARG A . n 
A 1 79  ARG 79  77  77  ARG ARG A . n 
A 1 80  ALA 80  78  78  ALA ALA A . n 
A 1 81  ALA 81  79  79  ALA ALA A . n 
A 1 82  ALA 82  80  80  ALA ALA A . n 
A 1 83  GLN 83  81  81  GLN GLN A . n 
A 1 84  ILE 84  82  82  ILE ILE A . n 
A 1 85  ALA 85  83  83  ALA ALA A . n 
A 1 86  GLN 86  84  84  GLN GLN A . n 
A 1 87  ALA 87  85  85  ALA ALA A . n 
A 1 88  LEU 88  86  86  LEU LEU A . n 
A 1 89  LEU 89  87  87  LEU LEU A . n 
A 1 90  GLY 90  88  88  GLY GLY A . n 
A 1 91  ALA 91  89  89  ALA ALA A . n 
A 1 92  GLU 92  90  90  GLU GLU A . n 
A 1 93  GLU 93  91  91  GLU GLU A . n 
A 1 94  ARG 94  92  92  ARG ARG A . n 
A 1 95  LYS 95  93  93  LYS LYS A . n 
A 1 96  VAL 96  94  94  VAL VAL A . n 
A 1 97  GLU 97  95  95  GLU GLU A . n 
A 1 98  ILE 98  96  96  ILE ILE A . n 
A 1 99  ALA 99  97  97  ALA ALA A . n 
A 1 100 PHE 100 98  98  PHE PHE A . n 
A 1 101 TYR 101 99  99  TYR TYR A . n 
A 1 102 ARG 102 100 100 ARG ARG A . n 
A 1 103 LYS 103 101 101 LYS LYS A . n 
A 1 104 ASP 104 102 102 ASP ASP A . n 
A 1 105 GLY 105 103 103 GLY GLY A . n 
A 1 106 SER 106 104 104 SER SER A . n 
A 1 107 CYS 107 105 105 CYS CYS A . n 
A 1 108 PHE 108 106 106 PHE PHE A . n 
A 1 109 LEU 109 107 107 LEU LEU A . n 
A 1 110 CYS 110 108 108 CYS CYS A . n 
A 1 111 LEU 111 109 109 LEU LEU A . n 
A 1 112 VAL 112 110 110 VAL VAL A . n 
A 1 113 ASP 113 111 111 ASP ASP A . n 
A 1 114 VAL 114 112 112 VAL VAL A . n 
A 1 115 VAL 115 113 113 VAL VAL A . n 
A 1 116 PRO 116 114 114 PRO PRO A . n 
A 1 117 VAL 117 115 115 VAL VAL A . n 
A 1 118 LYS 118 116 116 LYS LYS A . n 
A 1 119 ASN 119 117 117 ASN ASN A . n 
A 1 120 GLU 120 118 118 GLU GLU A . n 
A 1 121 ASP 121 119 119 ASP ASP A . n 
A 1 122 GLY 122 120 120 GLY GLY A . n 
A 1 123 ALA 123 121 121 ALA ALA A . n 
A 1 124 VAL 124 122 122 VAL VAL A . n 
A 1 125 ILE 125 123 123 ILE ILE A . n 
A 1 126 MET 126 124 124 MET MET A . n 
A 1 127 PHE 127 125 125 PHE PHE A . n 
A 1 128 ILE 128 126 126 ILE ILE A . n 
A 1 129 LEU 129 127 127 LEU LEU A . n 
A 1 130 ASN 130 128 128 ASN ASN A . n 
A 1 131 PHE 131 129 129 PHE PHE A . n 
A 1 132 GLU 132 130 130 GLU GLU A . n 
A 1 133 VAL 133 131 131 VAL VAL A . n 
A 1 134 VAL 134 132 132 VAL VAL A . n 
A 1 135 MET 135 133 133 MET MET A . n 
A 1 136 GLU 136 134 134 GLU GLU A . n 
A 1 137 LYS 137 135 135 LYS LYS A . n 
# 
loop_
_pdbx_nonpoly_scheme.asym_id 
_pdbx_nonpoly_scheme.entity_id 
_pdbx_nonpoly_scheme.mon_id 
_pdbx_nonpoly_scheme.ndb_seq_num 
_pdbx_nonpoly_scheme.pdb_seq_num 
_pdbx_nonpoly_scheme.auth_seq_num 
_pdbx_nonpoly_scheme.pdb_mon_id 
_pdbx_nonpoly_scheme.auth_mon_id 
_pdbx_nonpoly_scheme.pdb_strand_id 
_pdbx_nonpoly_scheme.pdb_ins_code 
B 2 HOH 1  201 1  HOH HOH A . 
B 2 HOH 2  202 2  HOH HOH A . 
B 2 HOH 3  203 3  HOH HOH A . 
B 2 HOH 4  204 4  HOH HOH A . 
B 2 HOH 5  205 5  HOH HOH A . 
B 2 HOH 6  206 6  HOH HOH A . 
B 2 HOH 7  207 7  HOH HOH A . 
B 2 HOH 8  208 8  HOH HOH A . 
B 2 HOH 9  209 9  HOH HOH A . 
B 2 HOH 10 210 10 HOH HOH A . 
B 2 HOH 11 211 11 HOH HOH A . 
B 2 HOH 12 212 12 HOH HOH A . 
B 2 HOH 13 213 13 HOH HOH A . 
B 2 HOH 14 214 14 HOH HOH A . 
B 2 HOH 15 215 15 HOH HOH A . 
B 2 HOH 16 216 16 HOH HOH A . 
B 2 HOH 17 217 17 HOH HOH A . 
B 2 HOH 18 218 18 HOH HOH A . 
B 2 HOH 19 219 19 HOH HOH A . 
B 2 HOH 20 220 20 HOH HOH A . 
B 2 HOH 21 221 21 HOH HOH A . 
B 2 HOH 22 222 22 HOH HOH A . 
B 2 HOH 23 223 23 HOH HOH A . 
B 2 HOH 24 224 24 HOH HOH A . 
B 2 HOH 25 225 25 HOH HOH A . 
B 2 HOH 26 226 26 HOH HOH A . 
B 2 HOH 27 227 27 HOH HOH A . 
B 2 HOH 28 228 28 HOH HOH A . 
B 2 HOH 29 229 29 HOH HOH A . 
B 2 HOH 30 230 30 HOH HOH A . 
B 2 HOH 31 231 31 HOH HOH A . 
B 2 HOH 32 232 32 HOH HOH A . 
B 2 HOH 33 233 33 HOH HOH A . 
B 2 HOH 34 234 34 HOH HOH A . 
B 2 HOH 35 235 35 HOH HOH A . 
B 2 HOH 36 236 36 HOH HOH A . 
B 2 HOH 37 237 37 HOH HOH A . 
B 2 HOH 38 238 38 HOH HOH A . 
B 2 HOH 39 239 39 HOH HOH A . 
B 2 HOH 40 240 40 HOH HOH A . 
# 
_pdbx_struct_assembly.id                   1 
_pdbx_struct_assembly.details              author_and_software_defined_assembly 
_pdbx_struct_assembly.method_details       PISA 
_pdbx_struct_assembly.oligomeric_details   monomeric 
_pdbx_struct_assembly.oligomeric_count     1 
# 
_pdbx_struct_assembly_gen.assembly_id       1 
_pdbx_struct_assembly_gen.oper_expression   1 
_pdbx_struct_assembly_gen.asym_id_list      A,B 
# 
_pdbx_struct_oper_list.id                   1 
_pdbx_struct_oper_list.type                 'identity operation' 
_pdbx_struct_oper_list.name                 1_555 
_pdbx_struct_oper_list.symmetry_operation   x,y,z 
_pdbx_struct_oper_list.matrix[1][1]         1.0000000000 
_pdbx_struct_oper_list.matrix[1][2]         0.0000000000 
_pdbx_struct_oper_list.matrix[1][3]         0.0000000000 
_pdbx_struct_oper_list.vector[1]            0.0000000000 
_pdbx_struct_oper_list.matrix[2][1]         0.0000000000 
_pdbx_struct_oper_list.matrix[2][2]         1.0000000000 
_pdbx_struct_oper_list.matrix[2][3]         0.0000000000 
_pdbx_struct_oper_list.vector[2]            0.0000000000 
_pdbx_struct_oper_list.matrix[3][1]         0.0000000000 
_pdbx_struct_oper_list.matrix[3][2]         0.0000000000 
_pdbx_struct_oper_list.matrix[3][3]         1.0000000000 
_pdbx_struct_oper_list.vector[3]            0.0000000000 
# 
loop_
_pdbx_audit_revision_history.ordinal 
_pdbx_audit_revision_history.data_content_type 
_pdbx_audit_revision_history.major_revision 
_pdbx_audit_revision_history.minor_revision 
_pdbx_audit_revision_history.revision_date 
1 'Structure model' 1 0 2013-03-27 
2 'Structure model' 1 1 2013-06-19 
3 'Structure model' 1 2 2023-11-08 
# 
_pdbx_audit_revision_details.ordinal             1 
_pdbx_audit_revision_details.revision_ordinal    1 
_pdbx_audit_revision_details.data_content_type   'Structure model' 
_pdbx_audit_revision_details.provider            repository 
_pdbx_audit_revision_details.type                'Initial release' 
_pdbx_audit_revision_details.description         ? 
_pdbx_audit_revision_details.details             ? 
# 
loop_
_pdbx_audit_revision_group.ordinal 
_pdbx_audit_revision_group.revision_ordinal 
_pdbx_audit_revision_group.data_content_type 
_pdbx_audit_revision_group.group 
1 2 'Structure model' 'Database references'    
2 3 'Structure model' 'Data collection'        
3 3 'Structure model' 'Database references'    
4 3 'Structure model' 'Refinement description' 
# 
loop_
_pdbx_audit_revision_category.ordinal 
_pdbx_audit_revision_category.revision_ordinal 
_pdbx_audit_revision_category.data_content_type 
_pdbx_audit_revision_category.category 
1 3 'Structure model' chem_comp_atom                
2 3 'Structure model' chem_comp_bond                
3 3 'Structure model' database_2                    
4 3 'Structure model' pdbx_initial_refinement_model 
5 3 'Structure model' struct_ref_seq_dif            
# 
loop_
_pdbx_audit_revision_item.ordinal 
_pdbx_audit_revision_item.revision_ordinal 
_pdbx_audit_revision_item.data_content_type 
_pdbx_audit_revision_item.item 
1 3 'Structure model' '_database_2.pdbx_DOI'                
2 3 'Structure model' '_database_2.pdbx_database_accession' 
3 3 'Structure model' '_struct_ref_seq_dif.details'         
# 
loop_
_pdbx_refine_tls.pdbx_refine_id 
_pdbx_refine_tls.id 
_pdbx_refine_tls.details 
_pdbx_refine_tls.method 
_pdbx_refine_tls.origin_x 
_pdbx_refine_tls.origin_y 
_pdbx_refine_tls.origin_z 
_pdbx_refine_tls.T[1][1] 
_pdbx_refine_tls.T[2][2] 
_pdbx_refine_tls.T[3][3] 
_pdbx_refine_tls.T[1][2] 
_pdbx_refine_tls.T[1][3] 
_pdbx_refine_tls.T[2][3] 
_pdbx_refine_tls.L[1][1] 
_pdbx_refine_tls.L[2][2] 
_pdbx_refine_tls.L[3][3] 
_pdbx_refine_tls.L[1][2] 
_pdbx_refine_tls.L[1][3] 
_pdbx_refine_tls.L[2][3] 
_pdbx_refine_tls.S[1][1] 
_pdbx_refine_tls.S[2][2] 
_pdbx_refine_tls.S[3][3] 
_pdbx_refine_tls.S[1][2] 
_pdbx_refine_tls.S[1][3] 
_pdbx_refine_tls.S[2][3] 
_pdbx_refine_tls.S[2][1] 
_pdbx_refine_tls.S[3][1] 
_pdbx_refine_tls.S[3][2] 
'X-RAY DIFFRACTION' 1  ? refined 4.3310  -6.1812 0.8597  0.2056 0.1794 0.2985 0.0205  0.0618  0.0846  4.1898 5.9078 5.0538 1.0995  -0.9734 0.2664  0.1432  -0.2518 0.0906  -0.1970 0.1511  -0.6752 -0.2784 -0.2496 0.4072  
'X-RAY DIFFRACTION' 2  ? refined -0.1031 -5.7797 -9.5652 0.3446 0.1847 0.2303 -0.0152 0.0833  -0.0024 3.5959 6.0361 6.4227 -0.6616 -0.7997 -0.5157 -0.2262 0.0398  0.1631  0.3299  -0.4735 0.1303  -1.0569 0.1897  0.1177  
'X-RAY DIFFRACTION' 3  ? refined 7.7786  0.0389  -3.0939 0.2724 0.3897 0.3210 -0.1028 0.0608  0.1004  4.7007 4.3481 5.4493 -0.6407 -2.5831 2.4186  -0.7204 0.0295  0.6499  0.3911  -0.4787 -0.5123 -0.3162 0.0402  1.2231  
'X-RAY DIFFRACTION' 4  ? refined -1.1729 8.3166  -6.1771 0.6994 0.1703 0.2357 0.0474  0.0236  -0.0472 1.7698 8.5745 3.7968 -1.4569 -0.1129 1.8396  0.1702  -0.4283 0.1542  0.2905  0.2197  0.2315  -0.6824 -1.2638 -0.4014 
'X-RAY DIFFRACTION' 5  ? refined -1.8809 12.9621 3.9335  0.8533 0.3083 0.3565 0.0123  -0.0377 -0.0912 7.7137 5.5385 1.5815 0.4994  0.4208  0.6647  -0.4753 -0.3439 0.7775  -0.3916 0.9721  0.1301  -0.6921 -1.4069 -0.7091 
'X-RAY DIFFRACTION' 6  ? refined 3.9817  5.3410  8.5583  0.5329 0.2354 0.3421 -0.1512 0.0653  0.0156  6.2312 7.2620 4.3535 -1.5739 -1.5362 -2.5015 0.6465  0.2807  -0.3553 -1.5947 0.6621  -1.0668 1.2597  -1.1266 0.1480  
'X-RAY DIFFRACTION' 7  ? refined -2.3273 1.8501  11.7067 0.3519 0.6057 0.3887 0.0081  0.0868  -0.0419 7.6774 2.6065 4.1306 0.4841  5.4406  -0.4686 0.2285  -0.5308 0.2438  -1.1803 -0.2276 -0.7796 1.4148  -0.5593 -0.2094 
'X-RAY DIFFRACTION' 8  ? refined -6.6551 4.3331  -4.6351 0.6036 0.0720 0.2713 0.2458  -0.1267 -0.0235 1.0939 2.4070 3.8818 0.0929  0.4501  -0.5732 0.1820  -0.7048 0.1981  -0.1967 0.0654  0.7867  -1.0086 -0.3651 -0.1499 
'X-RAY DIFFRACTION' 9  ? refined 6.0992  -7.6935 12.6950 0.3935 0.3990 0.3822 -0.0618 -0.1050 0.1432  0.8799 4.8523 8.8320 0.8170  -1.2103 -1.6900 0.5031  -0.2585 0.1065  -0.8086 -0.0496 -1.2299 0.8146  -0.0332 0.7435  
'X-RAY DIFFRACTION' 10 ? refined -9.1253 -0.5687 -0.4233 0.3602 0.4450 0.2860 0.1203  0.0515  -0.0422 7.2119 1.7572 2.1868 0.0824  1.3896  1.8270  -0.3443 -0.2939 0.4608  -0.7391 -0.3605 0.5222  -0.0929 -0.6612 -1.8552 
# 
loop_
_pdbx_refine_tls_group.pdbx_refine_id 
_pdbx_refine_tls_group.id 
_pdbx_refine_tls_group.refine_tls_id 
_pdbx_refine_tls_group.beg_auth_asym_id 
_pdbx_refine_tls_group.beg_auth_seq_id 
_pdbx_refine_tls_group.end_auth_asym_id 
_pdbx_refine_tls_group.end_auth_seq_id 
_pdbx_refine_tls_group.selection_details 
_pdbx_refine_tls_group.beg_label_asym_id 
_pdbx_refine_tls_group.beg_label_seq_id 
_pdbx_refine_tls_group.end_label_asym_id 
_pdbx_refine_tls_group.end_label_seq_id 
_pdbx_refine_tls_group.selection 
'X-RAY DIFFRACTION' 1  1  A 26  A 44  '(chain A and resid 26:44)'   ? ? ? ? ? 
'X-RAY DIFFRACTION' 2  2  A 45  A 60  '(chain A and resid 45:60)'   ? ? ? ? ? 
'X-RAY DIFFRACTION' 3  3  A 61  A 65  '(chain A and resid 61:65)'   ? ? ? ? ? 
'X-RAY DIFFRACTION' 4  4  A 66  A 74  '(chain A and resid 66:74)'   ? ? ? ? ? 
'X-RAY DIFFRACTION' 5  5  A 75  A 81  '(chain A and resid 75:81)'   ? ? ? ? ? 
'X-RAY DIFFRACTION' 6  6  A 82  A 88  '(chain A and resid 82:88)'   ? ? ? ? ? 
'X-RAY DIFFRACTION' 7  7  A 89  A 93  '(chain A and resid 89:93)'   ? ? ? ? ? 
'X-RAY DIFFRACTION' 8  8  A 94  A 112 '(chain A and resid 94:112)'  ? ? ? ? ? 
'X-RAY DIFFRACTION' 9  9  A 113 A 126 '(chain A and resid 113:126)' ? ? ? ? ? 
'X-RAY DIFFRACTION' 10 10 A 127 A 133 '(chain A and resid 127:133)' ? ? ? ? ? 
# 
_phasing.method   MR 
# 
loop_
_software.pdbx_ordinal 
_software.name 
_software.version 
_software.date 
_software.type 
_software.contact_author 
_software.contact_author_email 
_software.classification 
_software.location 
_software.language 
_software.citation_id 
1 MOSFLM      .         ?                package 'Andrew G.W. Leslie' andrew@mrc-lmb.cam.ac.uk    'data reduction'  
http://www.mrc-lmb.cam.ac.uk/harry/mosflm/  ?          ? 
2 SCALA       3.3.16    2010/01/06       other   'Phil R. Evans'      pre@mrc-lmb.cam.ac.uk       'data scaling'    
http://www.ccp4.ac.uk/dist/html/scala.html  Fortran_77 ? 
3 PHASER      .         ?                program 'Randy J. Read'      cimr-phaser@lists.cam.ac.uk phasing           
http://www-structmed.cimr.cam.ac.uk/phaser/ ?          ? 
4 PHENIX      1.7.3_928 ?                package 'Paul D. Adams'      PDAdams@lbl.gov             refinement        
http://www.phenix-online.org/               C++        ? 
5 PDB_EXTRACT 3.11      'April 22, 2011' package PDB                  deposit@deposit.rcsb.org    'data extraction' 
http://sw-tools.pdb.org/apps/PDB_EXTRACT/   C++        ? 
# 
loop_
_pdbx_unobs_or_zero_occ_atoms.id 
_pdbx_unobs_or_zero_occ_atoms.PDB_model_num 
_pdbx_unobs_or_zero_occ_atoms.polymer_flag 
_pdbx_unobs_or_zero_occ_atoms.occupancy_flag 
_pdbx_unobs_or_zero_occ_atoms.auth_asym_id 
_pdbx_unobs_or_zero_occ_atoms.auth_comp_id 
_pdbx_unobs_or_zero_occ_atoms.auth_seq_id 
_pdbx_unobs_or_zero_occ_atoms.PDB_ins_code 
_pdbx_unobs_or_zero_occ_atoms.auth_atom_id 
_pdbx_unobs_or_zero_occ_atoms.label_alt_id 
_pdbx_unobs_or_zero_occ_atoms.label_asym_id 
_pdbx_unobs_or_zero_occ_atoms.label_comp_id 
_pdbx_unobs_or_zero_occ_atoms.label_seq_id 
_pdbx_unobs_or_zero_occ_atoms.label_atom_id 
1  1 Y 0 A ARG 27  ? CB  ? A ARG 29  CB  
2  1 Y 0 A ARG 27  ? CG  ? A ARG 29  CG  
3  1 Y 0 A ARG 27  ? CD  ? A ARG 29  CD  
4  1 Y 0 A ARG 27  ? NE  ? A ARG 29  NE  
5  1 Y 0 A ARG 27  ? CZ  ? A ARG 29  CZ  
6  1 Y 0 A ARG 27  ? NH1 ? A ARG 29  NH1 
7  1 Y 0 A ARG 27  ? NH2 ? A ARG 29  NH2 
8  1 Y 0 A ARG 35  ? CZ  ? A ARG 37  CZ  
9  1 Y 0 A ARG 35  ? NH1 ? A ARG 37  NH1 
10 1 Y 0 A ARG 35  ? NH2 ? A ARG 37  NH2 
11 1 Y 0 A GLU 37  ? CD  ? A GLU 39  CD  
12 1 Y 0 A GLU 37  ? OE1 ? A GLU 39  OE1 
13 1 Y 0 A GLU 37  ? OE2 ? A GLU 39  OE2 
14 1 Y 0 A GLU 90  ? CD  ? A GLU 92  CD  
15 1 Y 0 A GLU 90  ? OE1 ? A GLU 92  OE1 
16 1 Y 0 A GLU 90  ? OE2 ? A GLU 92  OE2 
17 1 Y 0 A GLU 118 ? CG  ? A GLU 120 CG  
18 1 Y 0 A ASP 119 ? CG  ? A ASP 121 CG  
19 1 Y 0 A ASP 119 ? OD1 ? A ASP 121 OD1 
20 1 Y 0 A ASP 119 ? OD2 ? A ASP 121 OD2 
21 1 Y 0 A GLU 134 ? CB  ? A GLU 136 CB  
22 1 Y 0 A GLU 134 ? CG  ? A GLU 136 CG  
# 
loop_
_pdbx_unobs_or_zero_occ_residues.id 
_pdbx_unobs_or_zero_occ_residues.PDB_model_num 
_pdbx_unobs_or_zero_occ_residues.polymer_flag 
_pdbx_unobs_or_zero_occ_residues.occupancy_flag 
_pdbx_unobs_or_zero_occ_residues.auth_asym_id 
_pdbx_unobs_or_zero_occ_residues.auth_comp_id 
_pdbx_unobs_or_zero_occ_residues.auth_seq_id 
_pdbx_unobs_or_zero_occ_residues.PDB_ins_code 
_pdbx_unobs_or_zero_occ_residues.label_asym_id 
_pdbx_unobs_or_zero_occ_residues.label_comp_id 
_pdbx_unobs_or_zero_occ_residues.label_seq_id 
1  1 Y 1 A GLY -1 ? A GLY 1  
2  1 Y 1 A SER 0  ? A SER 2  
3  1 Y 1 A MET 1  ? A MET 3  
4  1 Y 1 A PRO 2  ? A PRO 4  
5  1 Y 1 A VAL 3  ? A VAL 5  
6  1 Y 1 A ARG 4  ? A ARG 6  
7  1 Y 1 A ARG 5  ? A ARG 7  
8  1 Y 1 A GLY 6  ? A GLY 8  
9  1 Y 1 A HIS 7  ? A HIS 9  
10 1 Y 1 A VAL 8  ? A VAL 10 
11 1 Y 1 A ALA 9  ? A ALA 11 
12 1 Y 1 A PRO 10 ? A PRO 12 
13 1 Y 1 A GLN 11 ? A GLN 13 
14 1 Y 1 A ASN 12 ? A ASN 14 
15 1 Y 1 A THR 13 ? A THR 15 
16 1 Y 1 A PHE 14 ? A PHE 16 
17 1 Y 1 A LEU 15 ? A LEU 17 
18 1 Y 1 A ASP 16 ? A ASP 18 
19 1 Y 1 A THR 17 ? A THR 19 
20 1 Y 1 A ILE 18 ? A ILE 20 
21 1 Y 1 A ILE 19 ? A ILE 21 
22 1 Y 1 A ARG 20 ? A ARG 22 
23 1 Y 1 A LYS 21 ? A LYS 23 
24 1 Y 1 A PHE 22 ? A PHE 24 
25 1 Y 1 A GLU 23 ? A GLU 25 
26 1 Y 1 A GLY 24 ? A GLY 26 
27 1 Y 1 A GLN 25 ? A GLN 27 
# 
loop_
_chem_comp_atom.comp_id 
_chem_comp_atom.atom_id 
_chem_comp_atom.type_symbol 
_chem_comp_atom.pdbx_aromatic_flag 
_chem_comp_atom.pdbx_stereo_config 
_chem_comp_atom.pdbx_ordinal 
ALA N    N N N 1   
ALA CA   C N S 2   
ALA C    C N N 3   
ALA O    O N N 4   
ALA CB   C N N 5   
ALA OXT  O N N 6   
ALA H    H N N 7   
ALA H2   H N N 8   
ALA HA   H N N 9   
ALA HB1  H N N 10  
ALA HB2  H N N 11  
ALA HB3  H N N 12  
ALA HXT  H N N 13  
ARG N    N N N 14  
ARG CA   C N S 15  
ARG C    C N N 16  
ARG O    O N N 17  
ARG CB   C N N 18  
ARG CG   C N N 19  
ARG CD   C N N 20  
ARG NE   N N N 21  
ARG CZ   C N N 22  
ARG NH1  N N N 23  
ARG NH2  N N N 24  
ARG OXT  O N N 25  
ARG H    H N N 26  
ARG H2   H N N 27  
ARG HA   H N N 28  
ARG HB2  H N N 29  
ARG HB3  H N N 30  
ARG HG2  H N N 31  
ARG HG3  H N N 32  
ARG HD2  H N N 33  
ARG HD3  H N N 34  
ARG HE   H N N 35  
ARG HH11 H N N 36  
ARG HH12 H N N 37  
ARG HH21 H N N 38  
ARG HH22 H N N 39  
ARG HXT  H N N 40  
ASN N    N N N 41  
ASN CA   C N S 42  
ASN C    C N N 43  
ASN O    O N N 44  
ASN CB   C N N 45  
ASN CG   C N N 46  
ASN OD1  O N N 47  
ASN ND2  N N N 48  
ASN OXT  O N N 49  
ASN H    H N N 50  
ASN H2   H N N 51  
ASN HA   H N N 52  
ASN HB2  H N N 53  
ASN HB3  H N N 54  
ASN HD21 H N N 55  
ASN HD22 H N N 56  
ASN HXT  H N N 57  
ASP N    N N N 58  
ASP CA   C N S 59  
ASP C    C N N 60  
ASP O    O N N 61  
ASP CB   C N N 62  
ASP CG   C N N 63  
ASP OD1  O N N 64  
ASP OD2  O N N 65  
ASP OXT  O N N 66  
ASP H    H N N 67  
ASP H2   H N N 68  
ASP HA   H N N 69  
ASP HB2  H N N 70  
ASP HB3  H N N 71  
ASP HD2  H N N 72  
ASP HXT  H N N 73  
CYS N    N N N 74  
CYS CA   C N R 75  
CYS C    C N N 76  
CYS O    O N N 77  
CYS CB   C N N 78  
CYS SG   S N N 79  
CYS OXT  O N N 80  
CYS H    H N N 81  
CYS H2   H N N 82  
CYS HA   H N N 83  
CYS HB2  H N N 84  
CYS HB3  H N N 85  
CYS HG   H N N 86  
CYS HXT  H N N 87  
GLN N    N N N 88  
GLN CA   C N S 89  
GLN C    C N N 90  
GLN O    O N N 91  
GLN CB   C N N 92  
GLN CG   C N N 93  
GLN CD   C N N 94  
GLN OE1  O N N 95  
GLN NE2  N N N 96  
GLN OXT  O N N 97  
GLN H    H N N 98  
GLN H2   H N N 99  
GLN HA   H N N 100 
GLN HB2  H N N 101 
GLN HB3  H N N 102 
GLN HG2  H N N 103 
GLN HG3  H N N 104 
GLN HE21 H N N 105 
GLN HE22 H N N 106 
GLN HXT  H N N 107 
GLU N    N N N 108 
GLU CA   C N S 109 
GLU C    C N N 110 
GLU O    O N N 111 
GLU CB   C N N 112 
GLU CG   C N N 113 
GLU CD   C N N 114 
GLU OE1  O N N 115 
GLU OE2  O N N 116 
GLU OXT  O N N 117 
GLU H    H N N 118 
GLU H2   H N N 119 
GLU HA   H N N 120 
GLU HB2  H N N 121 
GLU HB3  H N N 122 
GLU HG2  H N N 123 
GLU HG3  H N N 124 
GLU HE2  H N N 125 
GLU HXT  H N N 126 
GLY N    N N N 127 
GLY CA   C N N 128 
GLY C    C N N 129 
GLY O    O N N 130 
GLY OXT  O N N 131 
GLY H    H N N 132 
GLY H2   H N N 133 
GLY HA2  H N N 134 
GLY HA3  H N N 135 
GLY HXT  H N N 136 
HIS N    N N N 137 
HIS CA   C N S 138 
HIS C    C N N 139 
HIS O    O N N 140 
HIS CB   C N N 141 
HIS CG   C Y N 142 
HIS ND1  N Y N 143 
HIS CD2  C Y N 144 
HIS CE1  C Y N 145 
HIS NE2  N Y N 146 
HIS OXT  O N N 147 
HIS H    H N N 148 
HIS H2   H N N 149 
HIS HA   H N N 150 
HIS HB2  H N N 151 
HIS HB3  H N N 152 
HIS HD1  H N N 153 
HIS HD2  H N N 154 
HIS HE1  H N N 155 
HIS HE2  H N N 156 
HIS HXT  H N N 157 
HOH O    O N N 158 
HOH H1   H N N 159 
HOH H2   H N N 160 
ILE N    N N N 161 
ILE CA   C N S 162 
ILE C    C N N 163 
ILE O    O N N 164 
ILE CB   C N S 165 
ILE CG1  C N N 166 
ILE CG2  C N N 167 
ILE CD1  C N N 168 
ILE OXT  O N N 169 
ILE H    H N N 170 
ILE H2   H N N 171 
ILE HA   H N N 172 
ILE HB   H N N 173 
ILE HG12 H N N 174 
ILE HG13 H N N 175 
ILE HG21 H N N 176 
ILE HG22 H N N 177 
ILE HG23 H N N 178 
ILE HD11 H N N 179 
ILE HD12 H N N 180 
ILE HD13 H N N 181 
ILE HXT  H N N 182 
LEU N    N N N 183 
LEU CA   C N S 184 
LEU C    C N N 185 
LEU O    O N N 186 
LEU CB   C N N 187 
LEU CG   C N N 188 
LEU CD1  C N N 189 
LEU CD2  C N N 190 
LEU OXT  O N N 191 
LEU H    H N N 192 
LEU H2   H N N 193 
LEU HA   H N N 194 
LEU HB2  H N N 195 
LEU HB3  H N N 196 
LEU HG   H N N 197 
LEU HD11 H N N 198 
LEU HD12 H N N 199 
LEU HD13 H N N 200 
LEU HD21 H N N 201 
LEU HD22 H N N 202 
LEU HD23 H N N 203 
LEU HXT  H N N 204 
LYS N    N N N 205 
LYS CA   C N S 206 
LYS C    C N N 207 
LYS O    O N N 208 
LYS CB   C N N 209 
LYS CG   C N N 210 
LYS CD   C N N 211 
LYS CE   C N N 212 
LYS NZ   N N N 213 
LYS OXT  O N N 214 
LYS H    H N N 215 
LYS H2   H N N 216 
LYS HA   H N N 217 
LYS HB2  H N N 218 
LYS HB3  H N N 219 
LYS HG2  H N N 220 
LYS HG3  H N N 221 
LYS HD2  H N N 222 
LYS HD3  H N N 223 
LYS HE2  H N N 224 
LYS HE3  H N N 225 
LYS HZ1  H N N 226 
LYS HZ2  H N N 227 
LYS HZ3  H N N 228 
LYS HXT  H N N 229 
MET N    N N N 230 
MET CA   C N S 231 
MET C    C N N 232 
MET O    O N N 233 
MET CB   C N N 234 
MET CG   C N N 235 
MET SD   S N N 236 
MET CE   C N N 237 
MET OXT  O N N 238 
MET H    H N N 239 
MET H2   H N N 240 
MET HA   H N N 241 
MET HB2  H N N 242 
MET HB3  H N N 243 
MET HG2  H N N 244 
MET HG3  H N N 245 
MET HE1  H N N 246 
MET HE2  H N N 247 
MET HE3  H N N 248 
MET HXT  H N N 249 
PHE N    N N N 250 
PHE CA   C N S 251 
PHE C    C N N 252 
PHE O    O N N 253 
PHE CB   C N N 254 
PHE CG   C Y N 255 
PHE CD1  C Y N 256 
PHE CD2  C Y N 257 
PHE CE1  C Y N 258 
PHE CE2  C Y N 259 
PHE CZ   C Y N 260 
PHE OXT  O N N 261 
PHE H    H N N 262 
PHE H2   H N N 263 
PHE HA   H N N 264 
PHE HB2  H N N 265 
PHE HB3  H N N 266 
PHE HD1  H N N 267 
PHE HD2  H N N 268 
PHE HE1  H N N 269 
PHE HE2  H N N 270 
PHE HZ   H N N 271 
PHE HXT  H N N 272 
PRO N    N N N 273 
PRO CA   C N S 274 
PRO C    C N N 275 
PRO O    O N N 276 
PRO CB   C N N 277 
PRO CG   C N N 278 
PRO CD   C N N 279 
PRO OXT  O N N 280 
PRO H    H N N 281 
PRO HA   H N N 282 
PRO HB2  H N N 283 
PRO HB3  H N N 284 
PRO HG2  H N N 285 
PRO HG3  H N N 286 
PRO HD2  H N N 287 
PRO HD3  H N N 288 
PRO HXT  H N N 289 
SER N    N N N 290 
SER CA   C N S 291 
SER C    C N N 292 
SER O    O N N 293 
SER CB   C N N 294 
SER OG   O N N 295 
SER OXT  O N N 296 
SER H    H N N 297 
SER H2   H N N 298 
SER HA   H N N 299 
SER HB2  H N N 300 
SER HB3  H N N 301 
SER HG   H N N 302 
SER HXT  H N N 303 
THR N    N N N 304 
THR CA   C N S 305 
THR C    C N N 306 
THR O    O N N 307 
THR CB   C N R 308 
THR OG1  O N N 309 
THR CG2  C N N 310 
THR OXT  O N N 311 
THR H    H N N 312 
THR H2   H N N 313 
THR HA   H N N 314 
THR HB   H N N 315 
THR HG1  H N N 316 
THR HG21 H N N 317 
THR HG22 H N N 318 
THR HG23 H N N 319 
THR HXT  H N N 320 
TYR N    N N N 321 
TYR CA   C N S 322 
TYR C    C N N 323 
TYR O    O N N 324 
TYR CB   C N N 325 
TYR CG   C Y N 326 
TYR CD1  C Y N 327 
TYR CD2  C Y N 328 
TYR CE1  C Y N 329 
TYR CE2  C Y N 330 
TYR CZ   C Y N 331 
TYR OH   O N N 332 
TYR OXT  O N N 333 
TYR H    H N N 334 
TYR H2   H N N 335 
TYR HA   H N N 336 
TYR HB2  H N N 337 
TYR HB3  H N N 338 
TYR HD1  H N N 339 
TYR HD2  H N N 340 
TYR HE1  H N N 341 
TYR HE2  H N N 342 
TYR HH   H N N 343 
TYR HXT  H N N 344 
VAL N    N N N 345 
VAL CA   C N S 346 
VAL C    C N N 347 
VAL O    O N N 348 
VAL CB   C N N 349 
VAL CG1  C N N 350 
VAL CG2  C N N 351 
VAL OXT  O N N 352 
VAL H    H N N 353 
VAL H2   H N N 354 
VAL HA   H N N 355 
VAL HB   H N N 356 
VAL HG11 H N N 357 
VAL HG12 H N N 358 
VAL HG13 H N N 359 
VAL HG21 H N N 360 
VAL HG22 H N N 361 
VAL HG23 H N N 362 
VAL HXT  H N N 363 
# 
loop_
_chem_comp_bond.comp_id 
_chem_comp_bond.atom_id_1 
_chem_comp_bond.atom_id_2 
_chem_comp_bond.value_order 
_chem_comp_bond.pdbx_aromatic_flag 
_chem_comp_bond.pdbx_stereo_config 
_chem_comp_bond.pdbx_ordinal 
ALA N   CA   sing N N 1   
ALA N   H    sing N N 2   
ALA N   H2   sing N N 3   
ALA CA  C    sing N N 4   
ALA CA  CB   sing N N 5   
ALA CA  HA   sing N N 6   
ALA C   O    doub N N 7   
ALA C   OXT  sing N N 8   
ALA CB  HB1  sing N N 9   
ALA CB  HB2  sing N N 10  
ALA CB  HB3  sing N N 11  
ALA OXT HXT  sing N N 12  
ARG N   CA   sing N N 13  
ARG N   H    sing N N 14  
ARG N   H2   sing N N 15  
ARG CA  C    sing N N 16  
ARG CA  CB   sing N N 17  
ARG CA  HA   sing N N 18  
ARG C   O    doub N N 19  
ARG C   OXT  sing N N 20  
ARG CB  CG   sing N N 21  
ARG CB  HB2  sing N N 22  
ARG CB  HB3  sing N N 23  
ARG CG  CD   sing N N 24  
ARG CG  HG2  sing N N 25  
ARG CG  HG3  sing N N 26  
ARG CD  NE   sing N N 27  
ARG CD  HD2  sing N N 28  
ARG CD  HD3  sing N N 29  
ARG NE  CZ   sing N N 30  
ARG NE  HE   sing N N 31  
ARG CZ  NH1  sing N N 32  
ARG CZ  NH2  doub N N 33  
ARG NH1 HH11 sing N N 34  
ARG NH1 HH12 sing N N 35  
ARG NH2 HH21 sing N N 36  
ARG NH2 HH22 sing N N 37  
ARG OXT HXT  sing N N 38  
ASN N   CA   sing N N 39  
ASN N   H    sing N N 40  
ASN N   H2   sing N N 41  
ASN CA  C    sing N N 42  
ASN CA  CB   sing N N 43  
ASN CA  HA   sing N N 44  
ASN C   O    doub N N 45  
ASN C   OXT  sing N N 46  
ASN CB  CG   sing N N 47  
ASN CB  HB2  sing N N 48  
ASN CB  HB3  sing N N 49  
ASN CG  OD1  doub N N 50  
ASN CG  ND2  sing N N 51  
ASN ND2 HD21 sing N N 52  
ASN ND2 HD22 sing N N 53  
ASN OXT HXT  sing N N 54  
ASP N   CA   sing N N 55  
ASP N   H    sing N N 56  
ASP N   H2   sing N N 57  
ASP CA  C    sing N N 58  
ASP CA  CB   sing N N 59  
ASP CA  HA   sing N N 60  
ASP C   O    doub N N 61  
ASP C   OXT  sing N N 62  
ASP CB  CG   sing N N 63  
ASP CB  HB2  sing N N 64  
ASP CB  HB3  sing N N 65  
ASP CG  OD1  doub N N 66  
ASP CG  OD2  sing N N 67  
ASP OD2 HD2  sing N N 68  
ASP OXT HXT  sing N N 69  
CYS N   CA   sing N N 70  
CYS N   H    sing N N 71  
CYS N   H2   sing N N 72  
CYS CA  C    sing N N 73  
CYS CA  CB   sing N N 74  
CYS CA  HA   sing N N 75  
CYS C   O    doub N N 76  
CYS C   OXT  sing N N 77  
CYS CB  SG   sing N N 78  
CYS CB  HB2  sing N N 79  
CYS CB  HB3  sing N N 80  
CYS SG  HG   sing N N 81  
CYS OXT HXT  sing N N 82  
GLN N   CA   sing N N 83  
GLN N   H    sing N N 84  
GLN N   H2   sing N N 85  
GLN CA  C    sing N N 86  
GLN CA  CB   sing N N 87  
GLN CA  HA   sing N N 88  
GLN C   O    doub N N 89  
GLN C   OXT  sing N N 90  
GLN CB  CG   sing N N 91  
GLN CB  HB2  sing N N 92  
GLN CB  HB3  sing N N 93  
GLN CG  CD   sing N N 94  
GLN CG  HG2  sing N N 95  
GLN CG  HG3  sing N N 96  
GLN CD  OE1  doub N N 97  
GLN CD  NE2  sing N N 98  
GLN NE2 HE21 sing N N 99  
GLN NE2 HE22 sing N N 100 
GLN OXT HXT  sing N N 101 
GLU N   CA   sing N N 102 
GLU N   H    sing N N 103 
GLU N   H2   sing N N 104 
GLU CA  C    sing N N 105 
GLU CA  CB   sing N N 106 
GLU CA  HA   sing N N 107 
GLU C   O    doub N N 108 
GLU C   OXT  sing N N 109 
GLU CB  CG   sing N N 110 
GLU CB  HB2  sing N N 111 
GLU CB  HB3  sing N N 112 
GLU CG  CD   sing N N 113 
GLU CG  HG2  sing N N 114 
GLU CG  HG3  sing N N 115 
GLU CD  OE1  doub N N 116 
GLU CD  OE2  sing N N 117 
GLU OE2 HE2  sing N N 118 
GLU OXT HXT  sing N N 119 
GLY N   CA   sing N N 120 
GLY N   H    sing N N 121 
GLY N   H2   sing N N 122 
GLY CA  C    sing N N 123 
GLY CA  HA2  sing N N 124 
GLY CA  HA3  sing N N 125 
GLY C   O    doub N N 126 
GLY C   OXT  sing N N 127 
GLY OXT HXT  sing N N 128 
HIS N   CA   sing N N 129 
HIS N   H    sing N N 130 
HIS N   H2   sing N N 131 
HIS CA  C    sing N N 132 
HIS CA  CB   sing N N 133 
HIS CA  HA   sing N N 134 
HIS C   O    doub N N 135 
HIS C   OXT  sing N N 136 
HIS CB  CG   sing N N 137 
HIS CB  HB2  sing N N 138 
HIS CB  HB3  sing N N 139 
HIS CG  ND1  sing Y N 140 
HIS CG  CD2  doub Y N 141 
HIS ND1 CE1  doub Y N 142 
HIS ND1 HD1  sing N N 143 
HIS CD2 NE2  sing Y N 144 
HIS CD2 HD2  sing N N 145 
HIS CE1 NE2  sing Y N 146 
HIS CE1 HE1  sing N N 147 
HIS NE2 HE2  sing N N 148 
HIS OXT HXT  sing N N 149 
HOH O   H1   sing N N 150 
HOH O   H2   sing N N 151 
ILE N   CA   sing N N 152 
ILE N   H    sing N N 153 
ILE N   H2   sing N N 154 
ILE CA  C    sing N N 155 
ILE CA  CB   sing N N 156 
ILE CA  HA   sing N N 157 
ILE C   O    doub N N 158 
ILE C   OXT  sing N N 159 
ILE CB  CG1  sing N N 160 
ILE CB  CG2  sing N N 161 
ILE CB  HB   sing N N 162 
ILE CG1 CD1  sing N N 163 
ILE CG1 HG12 sing N N 164 
ILE CG1 HG13 sing N N 165 
ILE CG2 HG21 sing N N 166 
ILE CG2 HG22 sing N N 167 
ILE CG2 HG23 sing N N 168 
ILE CD1 HD11 sing N N 169 
ILE CD1 HD12 sing N N 170 
ILE CD1 HD13 sing N N 171 
ILE OXT HXT  sing N N 172 
LEU N   CA   sing N N 173 
LEU N   H    sing N N 174 
LEU N   H2   sing N N 175 
LEU CA  C    sing N N 176 
LEU CA  CB   sing N N 177 
LEU CA  HA   sing N N 178 
LEU C   O    doub N N 179 
LEU C   OXT  sing N N 180 
LEU CB  CG   sing N N 181 
LEU CB  HB2  sing N N 182 
LEU CB  HB3  sing N N 183 
LEU CG  CD1  sing N N 184 
LEU CG  CD2  sing N N 185 
LEU CG  HG   sing N N 186 
LEU CD1 HD11 sing N N 187 
LEU CD1 HD12 sing N N 188 
LEU CD1 HD13 sing N N 189 
LEU CD2 HD21 sing N N 190 
LEU CD2 HD22 sing N N 191 
LEU CD2 HD23 sing N N 192 
LEU OXT HXT  sing N N 193 
LYS N   CA   sing N N 194 
LYS N   H    sing N N 195 
LYS N   H2   sing N N 196 
LYS CA  C    sing N N 197 
LYS CA  CB   sing N N 198 
LYS CA  HA   sing N N 199 
LYS C   O    doub N N 200 
LYS C   OXT  sing N N 201 
LYS CB  CG   sing N N 202 
LYS CB  HB2  sing N N 203 
LYS CB  HB3  sing N N 204 
LYS CG  CD   sing N N 205 
LYS CG  HG2  sing N N 206 
LYS CG  HG3  sing N N 207 
LYS CD  CE   sing N N 208 
LYS CD  HD2  sing N N 209 
LYS CD  HD3  sing N N 210 
LYS CE  NZ   sing N N 211 
LYS CE  HE2  sing N N 212 
LYS CE  HE3  sing N N 213 
LYS NZ  HZ1  sing N N 214 
LYS NZ  HZ2  sing N N 215 
LYS NZ  HZ3  sing N N 216 
LYS OXT HXT  sing N N 217 
MET N   CA   sing N N 218 
MET N   H    sing N N 219 
MET N   H2   sing N N 220 
MET CA  C    sing N N 221 
MET CA  CB   sing N N 222 
MET CA  HA   sing N N 223 
MET C   O    doub N N 224 
MET C   OXT  sing N N 225 
MET CB  CG   sing N N 226 
MET CB  HB2  sing N N 227 
MET CB  HB3  sing N N 228 
MET CG  SD   sing N N 229 
MET CG  HG2  sing N N 230 
MET CG  HG3  sing N N 231 
MET SD  CE   sing N N 232 
MET CE  HE1  sing N N 233 
MET CE  HE2  sing N N 234 
MET CE  HE3  sing N N 235 
MET OXT HXT  sing N N 236 
PHE N   CA   sing N N 237 
PHE N   H    sing N N 238 
PHE N   H2   sing N N 239 
PHE CA  C    sing N N 240 
PHE CA  CB   sing N N 241 
PHE CA  HA   sing N N 242 
PHE C   O    doub N N 243 
PHE C   OXT  sing N N 244 
PHE CB  CG   sing N N 245 
PHE CB  HB2  sing N N 246 
PHE CB  HB3  sing N N 247 
PHE CG  CD1  doub Y N 248 
PHE CG  CD2  sing Y N 249 
PHE CD1 CE1  sing Y N 250 
PHE CD1 HD1  sing N N 251 
PHE CD2 CE2  doub Y N 252 
PHE CD2 HD2  sing N N 253 
PHE CE1 CZ   doub Y N 254 
PHE CE1 HE1  sing N N 255 
PHE CE2 CZ   sing Y N 256 
PHE CE2 HE2  sing N N 257 
PHE CZ  HZ   sing N N 258 
PHE OXT HXT  sing N N 259 
PRO N   CA   sing N N 260 
PRO N   CD   sing N N 261 
PRO N   H    sing N N 262 
PRO CA  C    sing N N 263 
PRO CA  CB   sing N N 264 
PRO CA  HA   sing N N 265 
PRO C   O    doub N N 266 
PRO C   OXT  sing N N 267 
PRO CB  CG   sing N N 268 
PRO CB  HB2  sing N N 269 
PRO CB  HB3  sing N N 270 
PRO CG  CD   sing N N 271 
PRO CG  HG2  sing N N 272 
PRO CG  HG3  sing N N 273 
PRO CD  HD2  sing N N 274 
PRO CD  HD3  sing N N 275 
PRO OXT HXT  sing N N 276 
SER N   CA   sing N N 277 
SER N   H    sing N N 278 
SER N   H2   sing N N 279 
SER CA  C    sing N N 280 
SER CA  CB   sing N N 281 
SER CA  HA   sing N N 282 
SER C   O    doub N N 283 
SER C   OXT  sing N N 284 
SER CB  OG   sing N N 285 
SER CB  HB2  sing N N 286 
SER CB  HB3  sing N N 287 
SER OG  HG   sing N N 288 
SER OXT HXT  sing N N 289 
THR N   CA   sing N N 290 
THR N   H    sing N N 291 
THR N   H2   sing N N 292 
THR CA  C    sing N N 293 
THR CA  CB   sing N N 294 
THR CA  HA   sing N N 295 
THR C   O    doub N N 296 
THR C   OXT  sing N N 297 
THR CB  OG1  sing N N 298 
THR CB  CG2  sing N N 299 
THR CB  HB   sing N N 300 
THR OG1 HG1  sing N N 301 
THR CG2 HG21 sing N N 302 
THR CG2 HG22 sing N N 303 
THR CG2 HG23 sing N N 304 
THR OXT HXT  sing N N 305 
TYR N   CA   sing N N 306 
TYR N   H    sing N N 307 
TYR N   H2   sing N N 308 
TYR CA  C    sing N N 309 
TYR CA  CB   sing N N 310 
TYR CA  HA   sing N N 311 
TYR C   O    doub N N 312 
TYR C   OXT  sing N N 313 
TYR CB  CG   sing N N 314 
TYR CB  HB2  sing N N 315 
TYR CB  HB3  sing N N 316 
TYR CG  CD1  doub Y N 317 
TYR CG  CD2  sing Y N 318 
TYR CD1 CE1  sing Y N 319 
TYR CD1 HD1  sing N N 320 
TYR CD2 CE2  doub Y N 321 
TYR CD2 HD2  sing N N 322 
TYR CE1 CZ   doub Y N 323 
TYR CE1 HE1  sing N N 324 
TYR CE2 CZ   sing Y N 325 
TYR CE2 HE2  sing N N 326 
TYR CZ  OH   sing N N 327 
TYR OH  HH   sing N N 328 
TYR OXT HXT  sing N N 329 
VAL N   CA   sing N N 330 
VAL N   H    sing N N 331 
VAL N   H2   sing N N 332 
VAL CA  C    sing N N 333 
VAL CA  CB   sing N N 334 
VAL CA  HA   sing N N 335 
VAL C   O    doub N N 336 
VAL C   OXT  sing N N 337 
VAL CB  CG1  sing N N 338 
VAL CB  CG2  sing N N 339 
VAL CB  HB   sing N N 340 
VAL CG1 HG11 sing N N 341 
VAL CG1 HG12 sing N N 342 
VAL CG1 HG13 sing N N 343 
VAL CG2 HG21 sing N N 344 
VAL CG2 HG22 sing N N 345 
VAL CG2 HG23 sing N N 346 
VAL OXT HXT  sing N N 347 
# 
_pdbx_entity_nonpoly.entity_id   2 
_pdbx_entity_nonpoly.name        water 
_pdbx_entity_nonpoly.comp_id     HOH 
# 
_pdbx_initial_refinement_model.id               1 
_pdbx_initial_refinement_model.entity_id_list   ? 
_pdbx_initial_refinement_model.type             'experimental model' 
_pdbx_initial_refinement_model.source_name      PDB 
_pdbx_initial_refinement_model.accession_code   1BYW 
_pdbx_initial_refinement_model.details          ? 
# 
